data_9D1W
#
_entry.id   9D1W
#
_cell.length_a   1.00
_cell.length_b   1.00
_cell.length_c   1.00
_cell.angle_alpha   90.00
_cell.angle_beta   90.00
_cell.angle_gamma   90.00
#
_symmetry.space_group_name_H-M   'P 1'
#
loop_
_entity.id
_entity.type
_entity.pdbx_description
1 polymer 'HIV-1 BG505 DS-SOSIP gp120'
2 polymer 'PGDM1400 heavy chain'
3 polymer 'PGDM1400 light chain'
4 polymer 'HIV-1 BG505 DS-SOSIP glycoprotein gp41'
5 branched alpha-D-mannopyranose-(1-2)-alpha-D-mannopyranose-(1-2)-alpha-D-mannopyranose-(1-3)-[alpha-D-mannopyranose-(1-3)-[alpha-D-mannopyranose-(1-6)]alpha-D-mannopyranose-(1-6)]beta-D-mannopyranose-(1-4)-2-acetamido-2-deoxy-beta-D-glucopyranose-(1-4)-2-acetamido-2-deoxy-beta-D-glucopyranose
6 branched 2-acetamido-2-deoxy-beta-D-glucopyranose-(1-4)-2-acetamido-2-deoxy-beta-D-glucopyranose
7 branched alpha-D-mannopyranose-(1-2)-alpha-D-mannopyranose-(1-3)-[alpha-D-mannopyranose-(1-2)-alpha-D-mannopyranose-(1-6)]alpha-D-mannopyranose-(1-6)-[alpha-D-mannopyranose-(1-2)-alpha-D-mannopyranose-(1-3)]beta-D-mannopyranose-(1-4)-2-acetamido-2-deoxy-beta-D-glucopyranose-(1-4)-2-acetamido-2-deoxy-beta-D-glucopyranose
8 branched alpha-D-mannopyranose-(1-2)-alpha-D-mannopyranose-(1-3)-[alpha-D-mannopyranose-(1-6)]beta-D-mannopyranose-(1-4)-2-acetamido-2-deoxy-beta-D-glucopyranose-(1-4)-2-acetamido-2-deoxy-beta-D-glucopyranose
9 branched beta-D-mannopyranose-(1-4)-2-acetamido-2-deoxy-beta-D-glucopyranose-(1-4)-2-acetamido-2-deoxy-beta-D-glucopyranose
10 non-polymer 2-acetamido-2-deoxy-beta-D-glucopyranose
#
loop_
_entity_poly.entity_id
_entity_poly.type
_entity_poly.pdbx_seq_one_letter_code
_entity_poly.pdbx_strand_id
1 'polypeptide(L)'
;AENLWVTVYYGVPVWKDAETTLFCASDAKAYETEKHNVWATHACVPTDPNPQEIHLENVTEEFNMWKNNMVEQMHTDIIS
LWDQSLKPCVKLTPLCVTLQCTNVTNNITDDMRGELKNCSFNMTTELRDKKQKVYSLFYRLDVVQINENQGNRSNNSNKE
YRLINCNTSACTQACPKVSFEPIPIHYCAPAGFAILKCKDKKFNGTGPCPSVSTVQCTHGIKPVVSTQLLLNGSLAEEEV
MIRSENITNNAKNILVQFNTPVQINCTRPNNNTRKSIRIGPGQAFYATGDIIGDIRQAHCNVSKATWNETLGKVVKQLRK
HFGNNTIIRFANSSGGDLEVTTHSFNCGGEFFYCNTSGLFNSTWISNTSVQGSNSTGSNDSITLPCRIKQIINMWQRIGQ
CMYAPPIQGVIRCVSNITGLILTRDGGSTNSTTETFRPGGGDMRDNWRSELYKYKVVKIEPLGVAPTRCKRRVVGRRRRR
R
;
A,B,C
2 'polypeptide(L)'
;QAQLTQSGPEVRKPGTSVKVSCKAPGNTLKTYDLHWVRSVPGQGLQWMGWISHEGDKKVIVERFKAKVTIDWDRSTNTAY
LQLSGLTSGDTAVYYCAKGSKHRLRDYAL(TYS)DDDGALNWAVDVDYLSNLEFWGQGTAVTVSSASTKGPSVFPLAPSS
KSTSGGTAALGCLVKDYFPEPVTVSWNSGALTSGVHTFPAVLQSSGLYSLSSVVTVPSSSLGTQTYICNVNHKPSNTKVD
KKVEPKSCD
;
H
3 'polypeptide(L)'
;DFVLTQSPHSLSVTPGESASISCKSSHSLIHGDRNNYLAWYVQKPGRSPQLLIYLASSRASGVPDRFSGSGSDKDFTLKI
SRVETEDVGTYYCMQGRESPWTFGQGTKVDIKRTVAAPSVFIFPPSDEQLKSGTASVVCLLNNFYPREAKVQWKVDNALQ
SGNSQESVTEQDSKDSTYSLSSTLTLSKADYEKHKVYACEVTHQGLSSPVTKSFNRGEC
;
L
4 'polypeptide(L)'
;AVGIGAVFLGFLGAAGSTMGAASMTLTVQARNLLSGIVQQQSNLLRAPEAQQHLLKLTVWGIKQLQARVLAVERYLRDQQ
LLGIWGCSGKLICCTNVPWNSSWSNRNLSEIWDNMTWLQWDKEISNYTQIIYGLLEESQNQQEKNEQDLLALD
;
a,b,c
#
# COMPACT_ATOMS: atom_id res chain seq x y z
N LEU A 4 42.74 44.97 -7.39
CA LEU A 4 42.21 43.58 -7.51
C LEU A 4 41.10 43.35 -6.50
N TRP A 5 39.86 43.37 -6.98
CA TRP A 5 38.67 43.22 -6.14
C TRP A 5 37.93 41.95 -6.50
N VAL A 6 37.24 41.39 -5.50
CA VAL A 6 36.57 40.10 -5.69
C VAL A 6 35.46 40.24 -6.70
N THR A 7 35.49 39.36 -7.71
CA THR A 7 34.40 39.21 -8.66
C THR A 7 33.55 38.01 -8.25
N VAL A 8 32.32 37.98 -8.75
CA VAL A 8 31.41 36.87 -8.49
C VAL A 8 30.92 36.36 -9.84
N TYR A 9 31.14 35.07 -10.09
CA TYR A 9 30.76 34.43 -11.35
C TYR A 9 29.71 33.37 -11.08
N TYR A 10 28.70 33.32 -11.94
CA TYR A 10 27.64 32.33 -11.86
C TYR A 10 27.59 31.57 -13.17
N GLY A 11 27.55 30.24 -13.09
CA GLY A 11 27.52 29.41 -14.26
C GLY A 11 28.87 28.89 -14.71
N VAL A 12 29.86 28.87 -13.82
CA VAL A 12 31.19 28.38 -14.18
C VAL A 12 31.12 26.86 -14.37
N PRO A 13 31.92 26.28 -15.25
CA PRO A 13 31.92 24.82 -15.38
C PRO A 13 32.79 24.13 -14.35
N VAL A 14 32.26 23.90 -13.15
CA VAL A 14 32.98 23.17 -12.10
C VAL A 14 32.05 22.09 -11.56
N TRP A 15 32.64 21.01 -11.04
CA TRP A 15 31.86 19.88 -10.55
C TRP A 15 32.65 19.13 -9.49
N LYS A 16 31.95 18.33 -8.69
CA LYS A 16 32.57 17.46 -7.73
C LYS A 16 31.69 16.24 -7.52
N ASP A 17 32.29 15.17 -7.00
CA ASP A 17 31.61 13.89 -6.91
C ASP A 17 30.54 13.90 -5.82
N ALA A 18 29.43 13.24 -6.09
CA ALA A 18 28.36 13.08 -5.11
C ALA A 18 27.34 12.10 -5.67
N GLU A 19 26.50 11.58 -4.78
CA GLU A 19 25.55 10.54 -5.11
C GLU A 19 24.13 11.10 -5.13
N THR A 20 23.35 10.66 -6.10
CA THR A 20 21.97 11.11 -6.27
C THR A 20 21.15 9.98 -6.87
N THR A 21 19.83 10.15 -6.85
CA THR A 21 18.92 9.13 -7.34
C THR A 21 18.74 9.32 -8.84
N LEU A 22 19.38 8.45 -9.61
CA LEU A 22 19.15 8.44 -11.05
C LEU A 22 17.77 7.86 -11.36
N PHE A 23 17.20 8.29 -12.48
CA PHE A 23 15.89 7.82 -12.91
C PHE A 23 15.99 7.16 -14.27
N CYS A 24 15.11 6.19 -14.50
CA CYS A 24 15.21 5.32 -15.68
C CYS A 24 14.67 6.02 -16.91
N ALA A 25 15.16 5.60 -18.07
CA ALA A 25 14.66 6.06 -19.36
C ALA A 25 14.70 4.89 -20.34
N SER A 26 13.59 4.68 -21.04
CA SER A 26 13.45 3.53 -21.92
C SER A 26 12.93 3.98 -23.28
N ASP A 27 13.21 3.15 -24.29
CA ASP A 27 12.82 3.47 -25.66
C ASP A 27 11.29 3.53 -25.78
N ALA A 28 10.81 4.55 -26.47
CA ALA A 28 9.38 4.65 -26.75
C ALA A 28 8.93 3.60 -27.75
N LYS A 29 9.85 3.12 -28.59
CA LYS A 29 9.51 2.09 -29.57
C LYS A 29 9.04 0.81 -28.90
N ALA A 30 9.43 0.57 -27.65
CA ALA A 30 9.02 -0.65 -26.96
C ALA A 30 7.55 -0.63 -26.56
N TYR A 31 6.92 0.55 -26.54
CA TYR A 31 5.51 0.62 -26.16
C TYR A 31 4.63 -0.13 -27.15
N GLU A 32 5.10 -0.32 -28.38
CA GLU A 32 4.29 -1.01 -29.39
C GLU A 32 4.07 -2.47 -29.05
N THR A 33 4.89 -3.04 -28.16
CA THR A 33 4.74 -4.44 -27.78
C THR A 33 3.49 -4.69 -26.94
N GLU A 34 3.10 -3.73 -26.11
CA GLU A 34 1.81 -3.78 -25.40
C GLU A 34 1.84 -4.77 -24.24
N LYS A 35 2.92 -5.54 -24.10
CA LYS A 35 2.98 -6.54 -23.05
C LYS A 35 3.84 -6.07 -21.90
N HIS A 36 3.30 -6.17 -20.69
CA HIS A 36 4.02 -5.76 -19.49
C HIS A 36 5.17 -6.72 -19.20
N ASN A 37 6.24 -6.17 -18.63
CA ASN A 37 7.40 -6.95 -18.24
C ASN A 37 7.87 -6.50 -16.87
N VAL A 38 8.70 -7.34 -16.24
CA VAL A 38 9.13 -7.06 -14.87
C VAL A 38 9.79 -5.70 -14.79
N TRP A 39 10.51 -5.31 -15.82
CA TRP A 39 11.35 -4.12 -15.79
C TRP A 39 10.56 -2.84 -15.99
N ALA A 40 9.23 -2.93 -16.06
CA ALA A 40 8.35 -1.78 -15.94
C ALA A 40 8.72 -0.67 -16.93
N THR A 41 8.51 -0.97 -18.21
CA THR A 41 8.67 0.07 -19.23
C THR A 41 7.68 1.22 -19.04
N HIS A 42 6.45 0.92 -18.64
CA HIS A 42 5.46 1.96 -18.42
C HIS A 42 5.86 2.90 -17.30
N ALA A 43 6.39 2.37 -16.19
CA ALA A 43 6.85 3.23 -15.10
C ALA A 43 8.07 4.04 -15.51
N CYS A 44 8.98 3.44 -16.28
CA CYS A 44 10.19 4.14 -16.69
C CYS A 44 9.84 5.30 -17.62
N VAL A 45 10.59 6.39 -17.47
CA VAL A 45 10.37 7.60 -18.26
C VAL A 45 10.66 7.30 -19.72
N PRO A 46 9.97 7.92 -20.68
CA PRO A 46 10.38 7.80 -22.08
C PRO A 46 11.77 8.42 -22.28
N THR A 47 12.51 7.88 -23.23
CA THR A 47 13.88 8.31 -23.47
C THR A 47 13.93 9.37 -24.57
N ASP A 48 15.13 9.95 -24.74
CA ASP A 48 15.33 11.01 -25.71
C ASP A 48 15.36 10.43 -27.13
N PRO A 49 15.06 11.26 -28.14
CA PRO A 49 15.17 10.76 -29.52
C PRO A 49 16.57 10.29 -29.87
N ASN A 50 17.60 10.96 -29.36
CA ASN A 50 18.98 10.55 -29.61
C ASN A 50 19.88 11.24 -28.59
N PRO A 51 20.99 10.62 -28.22
CA PRO A 51 21.87 11.23 -27.22
C PRO A 51 22.64 12.42 -27.75
N GLN A 52 23.09 13.26 -26.82
CA GLN A 52 23.79 14.51 -27.14
C GLN A 52 25.17 14.54 -26.49
N GLU A 53 25.92 13.45 -26.61
CA GLU A 53 27.21 13.36 -25.93
C GLU A 53 28.13 14.51 -26.34
N ILE A 54 28.86 15.05 -25.36
CA ILE A 54 29.74 16.19 -25.55
C ILE A 54 31.14 15.77 -25.11
N HIS A 55 32.13 16.02 -25.96
CA HIS A 55 33.51 15.72 -25.60
C HIS A 55 34.12 16.88 -24.81
N LEU A 56 35.04 16.54 -23.91
CA LEU A 56 35.71 17.51 -23.03
C LEU A 56 37.21 17.42 -23.26
N GLU A 57 37.76 18.42 -23.94
CA GLU A 57 39.20 18.46 -24.16
C GLU A 57 39.92 18.85 -22.87
N ASN A 58 41.21 18.50 -22.79
CA ASN A 58 42.08 18.90 -21.69
C ASN A 58 41.71 18.25 -20.36
N VAL A 59 40.62 17.48 -20.31
CA VAL A 59 40.10 16.99 -19.04
C VAL A 59 40.66 15.60 -18.75
N THR A 60 41.04 15.39 -17.49
CA THR A 60 41.73 14.18 -17.03
C THR A 60 41.11 13.67 -15.73
N GLU A 61 39.79 13.52 -15.72
CA GLU A 61 39.07 13.11 -14.51
C GLU A 61 39.62 11.80 -13.98
N GLU A 62 39.39 11.57 -12.69
CA GLU A 62 39.81 10.34 -12.02
C GLU A 62 38.57 9.47 -11.77
N PHE A 63 38.65 8.20 -12.19
CA PHE A 63 37.53 7.28 -12.11
C PHE A 63 37.82 6.16 -11.11
N ASN A 64 36.75 5.47 -10.73
CA ASN A 64 36.84 4.29 -9.86
C ASN A 64 35.57 3.47 -10.04
N MET A 65 35.74 2.19 -10.39
CA MET A 65 34.60 1.34 -10.69
C MET A 65 34.10 0.56 -9.49
N TRP A 66 34.93 0.36 -8.46
CA TRP A 66 34.57 -0.50 -7.35
C TRP A 66 33.77 0.22 -6.27
N LYS A 67 34.17 1.43 -5.91
CA LYS A 67 33.40 2.24 -4.96
C LYS A 67 32.47 3.18 -5.71
N ASN A 68 31.58 2.61 -6.53
CA ASN A 68 30.66 3.37 -7.36
C ASN A 68 29.25 3.20 -6.82
N ASN A 69 28.58 4.32 -6.55
CA ASN A 69 27.23 4.27 -6.00
C ASN A 69 26.19 3.93 -7.05
N MET A 70 26.53 3.99 -8.33
CA MET A 70 25.55 3.71 -9.38
C MET A 70 25.13 2.25 -9.35
N VAL A 71 26.09 1.33 -9.16
CA VAL A 71 25.77 -0.08 -9.17
C VAL A 71 24.89 -0.45 -7.99
N GLU A 72 25.17 0.10 -6.82
CA GLU A 72 24.35 -0.20 -5.65
C GLU A 72 22.91 0.20 -5.89
N GLN A 73 22.69 1.33 -6.56
CA GLN A 73 21.32 1.75 -6.84
C GLN A 73 20.63 0.78 -7.78
N MET A 74 21.34 0.33 -8.82
CA MET A 74 20.72 -0.58 -9.78
C MET A 74 20.32 -1.88 -9.12
N HIS A 75 21.07 -2.31 -8.10
CA HIS A 75 20.73 -3.55 -7.40
C HIS A 75 19.38 -3.43 -6.72
N THR A 76 19.16 -2.36 -5.96
CA THR A 76 17.87 -2.18 -5.29
C THR A 76 16.75 -1.98 -6.30
N ASP A 77 16.99 -1.24 -7.37
CA ASP A 77 15.93 -1.03 -8.37
C ASP A 77 15.47 -2.35 -8.96
N ILE A 78 16.41 -3.22 -9.34
CA ILE A 78 16.06 -4.48 -9.96
C ILE A 78 15.24 -5.33 -9.00
N ILE A 79 15.71 -5.44 -7.75
CA ILE A 79 14.98 -6.25 -6.76
C ILE A 79 13.60 -5.66 -6.53
N SER A 80 13.52 -4.34 -6.36
CA SER A 80 12.23 -3.71 -6.07
C SER A 80 11.26 -3.91 -7.23
N LEU A 81 11.74 -3.77 -8.47
CA LEU A 81 10.88 -4.01 -9.62
C LEU A 81 10.41 -5.45 -9.67
N TRP A 82 11.30 -6.40 -9.31
CA TRP A 82 10.93 -7.80 -9.29
C TRP A 82 9.81 -8.06 -8.29
N ASP A 83 9.95 -7.55 -7.07
CA ASP A 83 8.94 -7.79 -6.05
C ASP A 83 7.60 -7.16 -6.44
N GLN A 84 7.64 -5.98 -7.04
CA GLN A 84 6.42 -5.28 -7.40
C GLN A 84 5.60 -6.07 -8.43
N SER A 85 6.27 -6.80 -9.32
CA SER A 85 5.57 -7.49 -10.40
C SER A 85 4.84 -8.74 -9.91
N LEU A 86 5.20 -9.30 -8.77
CA LEU A 86 4.60 -10.54 -8.28
C LEU A 86 3.42 -10.31 -7.34
N LYS A 87 3.11 -9.07 -7.00
CA LYS A 87 1.98 -8.81 -6.11
C LYS A 87 0.64 -9.23 -6.70
N PRO A 88 0.31 -8.93 -7.96
CA PRO A 88 -1.00 -9.29 -8.49
C PRO A 88 -1.14 -10.75 -8.93
N CYS A 89 -0.18 -11.60 -8.61
CA CYS A 89 -0.20 -13.00 -9.03
C CYS A 89 -0.68 -13.89 -7.89
N VAL A 90 -0.78 -15.19 -8.19
CA VAL A 90 -1.43 -16.14 -7.30
C VAL A 90 -0.46 -16.58 -6.22
N LYS A 91 -0.92 -16.59 -4.97
CA LYS A 91 -0.15 -17.15 -3.86
C LYS A 91 -0.51 -18.62 -3.70
N LEU A 92 0.44 -19.50 -3.97
CA LEU A 92 0.19 -20.94 -3.92
C LEU A 92 0.38 -21.46 -2.49
N THR A 93 -0.60 -21.09 -1.66
CA THR A 93 -0.69 -21.62 -0.30
C THR A 93 -1.29 -23.03 -0.30
N PRO A 94 -2.38 -23.28 -1.04
CA PRO A 94 -2.98 -24.62 -1.00
C PRO A 94 -2.16 -25.70 -1.70
N LEU A 95 -0.96 -25.39 -2.18
CA LEU A 95 -0.12 -26.39 -2.84
C LEU A 95 0.80 -27.12 -1.87
N CYS A 96 0.83 -26.73 -0.60
CA CYS A 96 1.66 -27.40 0.40
C CYS A 96 0.83 -28.51 1.04
N VAL A 97 0.77 -29.64 0.34
CA VAL A 97 0.05 -30.83 0.80
C VAL A 97 0.90 -32.05 0.48
N THR A 98 0.63 -33.15 1.19
CA THR A 98 1.35 -34.39 0.94
C THR A 98 1.11 -34.86 -0.49
N LEU A 99 2.19 -35.22 -1.16
CA LEU A 99 2.12 -35.73 -2.52
C LEU A 99 2.47 -37.21 -2.54
N GLN A 100 1.85 -37.94 -3.46
CA GLN A 100 2.15 -39.35 -3.69
C GLN A 100 2.73 -39.49 -5.08
N CYS A 101 4.01 -39.86 -5.16
CA CYS A 101 4.78 -39.75 -6.38
C CYS A 101 5.38 -41.10 -6.77
N THR A 102 5.51 -41.30 -8.08
CA THR A 102 6.17 -42.48 -8.65
C THR A 102 7.08 -42.04 -9.79
N ASN A 103 8.15 -42.78 -10.00
CA ASN A 103 9.11 -42.42 -11.04
C ASN A 103 8.47 -42.51 -12.41
N VAL A 104 8.85 -41.60 -13.29
CA VAL A 104 8.46 -41.68 -14.70
C VAL A 104 9.49 -42.51 -15.44
N THR A 105 9.06 -43.63 -16.00
CA THR A 105 9.94 -44.52 -16.74
C THR A 105 9.43 -44.80 -18.15
N ASN A 106 8.65 -43.90 -18.73
CA ASN A 106 8.00 -44.13 -20.01
C ASN A 106 8.83 -43.47 -21.11
N ASN A 107 9.55 -44.27 -21.88
CA ASN A 107 10.41 -43.79 -22.95
C ASN A 107 11.46 -42.81 -22.42
N ILE A 108 12.34 -43.33 -21.58
CA ILE A 108 13.34 -42.53 -20.88
C ILE A 108 14.73 -42.91 -21.36
N THR A 109 15.65 -41.95 -21.31
CA THR A 109 17.06 -42.24 -21.56
C THR A 109 17.77 -42.54 -20.24
N ASP A 110 19.01 -43.04 -20.36
CA ASP A 110 19.76 -43.41 -19.17
C ASP A 110 20.05 -42.20 -18.29
N ASP A 111 20.47 -41.09 -18.90
CA ASP A 111 20.94 -39.94 -18.11
C ASP A 111 19.80 -39.24 -17.40
N MET A 112 18.58 -39.30 -17.93
CA MET A 112 17.44 -38.63 -17.32
C MET A 112 16.68 -39.52 -16.35
N ARG A 113 17.15 -40.72 -16.06
CA ARG A 113 16.43 -41.63 -15.18
C ARG A 113 16.41 -41.07 -13.77
N GLY A 114 15.23 -40.98 -13.18
CA GLY A 114 15.06 -40.52 -11.82
C GLY A 114 14.97 -39.01 -11.64
N GLU A 115 15.04 -38.25 -12.73
CA GLU A 115 15.04 -36.79 -12.64
C GLU A 115 13.65 -36.18 -12.69
N LEU A 116 12.63 -36.96 -13.02
CA LEU A 116 11.25 -36.49 -13.05
C LEU A 116 10.38 -37.43 -12.24
N LYS A 117 9.33 -36.88 -11.64
CA LYS A 117 8.45 -37.66 -10.77
C LYS A 117 6.99 -37.36 -11.11
N ASN A 118 6.13 -38.34 -10.88
CA ASN A 118 4.72 -38.30 -11.24
C ASN A 118 3.91 -38.28 -9.95
N CYS A 119 3.41 -37.10 -9.59
CA CYS A 119 2.81 -36.88 -8.28
C CYS A 119 1.32 -36.61 -8.41
N SER A 120 0.54 -37.18 -7.49
CA SER A 120 -0.90 -36.96 -7.42
C SER A 120 -1.27 -36.51 -6.01
N PHE A 121 -2.34 -35.72 -5.90
CA PHE A 121 -2.70 -35.12 -4.63
C PHE A 121 -4.14 -34.61 -4.70
N ASN A 122 -4.76 -34.47 -3.53
CA ASN A 122 -6.01 -33.76 -3.43
C ASN A 122 -5.76 -32.25 -3.57
N MET A 123 -6.76 -31.53 -4.05
CA MET A 123 -6.63 -30.10 -4.24
C MET A 123 -7.99 -29.45 -4.11
N THR A 124 -7.99 -28.15 -3.82
CA THR A 124 -9.23 -27.42 -3.64
C THR A 124 -9.83 -27.04 -4.99
N THR A 125 -11.09 -26.61 -4.94
CA THR A 125 -11.81 -26.17 -6.13
C THR A 125 -12.57 -24.89 -5.80
N GLU A 126 -13.40 -24.45 -6.75
CA GLU A 126 -14.07 -23.16 -6.62
C GLU A 126 -15.12 -23.15 -5.52
N LEU A 127 -15.54 -24.31 -5.05
CA LEU A 127 -16.52 -24.42 -3.96
C LEU A 127 -15.83 -24.96 -2.72
N ARG A 128 -16.13 -24.37 -1.57
CA ARG A 128 -15.40 -24.66 -0.34
C ARG A 128 -15.60 -26.07 0.17
N ASP A 129 -16.70 -26.74 -0.22
CA ASP A 129 -17.04 -28.05 0.32
C ASP A 129 -16.85 -29.16 -0.69
N LYS A 130 -15.86 -29.03 -1.58
CA LYS A 130 -15.52 -30.07 -2.54
C LYS A 130 -14.02 -30.04 -2.80
N LYS A 131 -13.48 -31.20 -3.17
CA LYS A 131 -12.08 -31.32 -3.56
C LYS A 131 -11.98 -32.21 -4.79
N GLN A 132 -10.88 -32.05 -5.51
CA GLN A 132 -10.63 -32.76 -6.75
C GLN A 132 -9.27 -33.46 -6.68
N LYS A 133 -9.17 -34.62 -7.32
CA LYS A 133 -7.93 -35.37 -7.40
C LYS A 133 -7.24 -35.07 -8.72
N VAL A 134 -6.02 -34.54 -8.64
CA VAL A 134 -5.26 -34.12 -9.80
C VAL A 134 -3.83 -34.62 -9.66
N TYR A 135 -3.10 -34.59 -10.77
CA TYR A 135 -1.71 -35.02 -10.81
C TYR A 135 -0.89 -34.05 -11.64
N SER A 136 0.41 -34.00 -11.36
CA SER A 136 1.31 -33.08 -12.03
C SER A 136 2.73 -33.63 -11.96
N LEU A 137 3.49 -33.44 -13.02
CA LEU A 137 4.89 -33.85 -13.05
C LEU A 137 5.75 -32.81 -12.35
N PHE A 138 6.60 -33.27 -11.43
CA PHE A 138 7.48 -32.41 -10.67
C PHE A 138 8.92 -32.88 -10.82
N TYR A 139 9.83 -31.93 -10.99
CA TYR A 139 11.24 -32.25 -11.05
C TYR A 139 11.75 -32.70 -9.68
N ARG A 140 12.80 -33.52 -9.70
CA ARG A 140 13.33 -34.06 -8.47
C ARG A 140 13.77 -32.97 -7.51
N LEU A 141 14.39 -31.90 -8.04
CA LEU A 141 14.93 -30.86 -7.18
C LEU A 141 13.86 -30.10 -6.41
N ASP A 142 12.59 -30.26 -6.79
CA ASP A 142 11.52 -29.48 -6.18
C ASP A 142 10.82 -30.20 -5.03
N VAL A 143 10.92 -31.52 -4.95
CA VAL A 143 10.20 -32.29 -3.95
C VAL A 143 11.18 -32.92 -2.98
N VAL A 144 10.71 -33.16 -1.76
CA VAL A 144 11.47 -33.88 -0.74
C VAL A 144 10.55 -34.90 -0.10
N GLN A 145 11.15 -35.91 0.52
CA GLN A 145 10.40 -37.04 1.04
C GLN A 145 9.96 -36.79 2.49
N ILE A 146 8.91 -37.49 2.90
CA ILE A 146 8.47 -37.48 4.29
C ILE A 146 8.47 -38.91 4.81
N ASN A 147 9.58 -39.31 5.43
CA ASN A 147 9.75 -40.70 5.85
C ASN A 147 9.04 -40.97 7.16
N LYS A 159 7.29 -43.05 -0.23
CA LYS A 159 6.55 -42.75 -1.47
C LYS A 159 5.68 -41.52 -1.32
N GLU A 160 5.83 -40.81 -0.21
CA GLU A 160 5.12 -39.56 0.03
C GLU A 160 6.10 -38.40 0.03
N TYR A 161 5.73 -37.32 -0.64
CA TYR A 161 6.62 -36.19 -0.86
C TYR A 161 5.89 -34.89 -0.55
N ARG A 162 6.66 -33.81 -0.49
CA ARG A 162 6.15 -32.46 -0.36
C ARG A 162 7.01 -31.53 -1.19
N LEU A 163 6.46 -30.37 -1.53
CA LEU A 163 7.26 -29.35 -2.18
C LEU A 163 8.29 -28.82 -1.20
N ILE A 164 9.48 -28.50 -1.71
CA ILE A 164 10.61 -28.19 -0.85
C ILE A 164 10.37 -26.93 -0.02
N ASN A 165 9.68 -25.93 -0.59
CA ASN A 165 9.56 -24.64 0.07
C ASN A 165 8.62 -24.66 1.27
N CYS A 166 7.89 -25.76 1.48
CA CYS A 166 6.81 -25.74 2.45
C CYS A 166 7.28 -25.51 3.89
N ASN A 167 8.50 -25.90 4.23
CA ASN A 167 8.99 -25.67 5.58
C ASN A 167 9.72 -24.35 5.73
N THR A 168 9.74 -23.51 4.70
CA THR A 168 10.34 -22.19 4.78
C THR A 168 9.29 -21.10 4.58
N SER A 169 8.54 -21.18 3.49
CA SER A 169 7.56 -20.15 3.16
C SER A 169 6.74 -20.61 1.97
N ALA A 170 5.74 -19.81 1.62
CA ALA A 170 4.87 -20.12 0.49
C ALA A 170 5.27 -19.27 -0.71
N CYS A 171 5.27 -19.88 -1.89
CA CYS A 171 5.73 -19.21 -3.09
C CYS A 171 4.58 -18.51 -3.80
N THR A 172 4.94 -17.54 -4.63
CA THR A 172 4.00 -16.81 -5.46
C THR A 172 4.18 -17.24 -6.91
N GLN A 173 3.11 -17.74 -7.52
CA GLN A 173 3.18 -18.16 -8.91
C GLN A 173 3.42 -16.96 -9.81
N ALA A 174 4.36 -17.10 -10.74
CA ALA A 174 4.62 -16.03 -11.69
C ALA A 174 3.43 -15.87 -12.62
N CYS A 175 3.03 -14.63 -12.85
CA CYS A 175 1.91 -14.38 -13.74
C CYS A 175 2.26 -14.85 -15.15
N PRO A 176 1.43 -15.71 -15.76
CA PRO A 176 1.85 -16.36 -17.01
C PRO A 176 2.06 -15.40 -18.17
N LYS A 177 1.49 -14.20 -18.12
CA LYS A 177 1.57 -13.28 -19.25
C LYS A 177 2.86 -12.46 -19.26
N VAL A 178 3.33 -12.01 -18.10
CA VAL A 178 4.50 -11.15 -18.05
C VAL A 178 5.70 -11.88 -18.61
N SER A 179 6.70 -11.12 -19.02
CA SER A 179 7.90 -11.65 -19.66
C SER A 179 9.13 -11.37 -18.82
N PHE A 180 10.01 -12.36 -18.74
CA PHE A 180 11.32 -12.16 -18.11
C PHE A 180 12.36 -11.64 -19.08
N GLU A 181 11.99 -11.37 -20.33
CA GLU A 181 12.94 -10.94 -21.35
C GLU A 181 13.53 -9.58 -20.99
N PRO A 182 14.84 -9.45 -20.87
CA PRO A 182 15.44 -8.14 -20.58
C PRO A 182 15.15 -7.13 -21.68
N ILE A 183 14.98 -5.87 -21.27
CA ILE A 183 14.91 -4.76 -22.22
C ILE A 183 15.88 -3.69 -21.75
N PRO A 184 16.55 -2.96 -22.66
CA PRO A 184 17.51 -1.94 -22.21
C PRO A 184 16.84 -0.87 -21.36
N ILE A 185 17.56 -0.44 -20.32
CA ILE A 185 17.15 0.70 -19.50
C ILE A 185 18.32 1.67 -19.42
N HIS A 186 18.04 2.94 -19.65
CA HIS A 186 19.04 4.00 -19.56
C HIS A 186 18.93 4.70 -18.21
N TYR A 187 20.07 5.04 -17.63
CA TYR A 187 20.12 5.78 -16.38
C TYR A 187 20.46 7.24 -16.68
N CYS A 188 19.70 8.15 -16.09
CA CYS A 188 19.84 9.58 -16.36
C CYS A 188 20.02 10.34 -15.05
N ALA A 189 20.73 11.46 -15.13
CA ALA A 189 20.97 12.28 -13.94
C ALA A 189 19.99 13.45 -13.91
N PRO A 190 19.53 13.86 -12.73
CA PRO A 190 18.60 14.99 -12.65
C PRO A 190 19.32 16.32 -12.90
N ALA A 191 18.51 17.37 -13.05
CA ALA A 191 19.05 18.69 -13.33
C ALA A 191 20.02 19.11 -12.23
N GLY A 192 21.13 19.72 -12.64
CA GLY A 192 22.18 20.10 -11.72
C GLY A 192 23.25 19.06 -11.53
N PHE A 193 23.00 17.83 -11.98
CA PHE A 193 23.98 16.75 -11.95
C PHE A 193 24.35 16.37 -13.38
N ALA A 194 25.45 15.64 -13.52
CA ALA A 194 25.90 15.19 -14.83
C ALA A 194 26.51 13.81 -14.68
N ILE A 195 26.49 13.06 -15.78
CA ILE A 195 27.08 11.72 -15.84
C ILE A 195 28.32 11.82 -16.72
N LEU A 196 29.50 11.64 -16.12
CA LEU A 196 30.73 11.59 -16.89
C LEU A 196 30.97 10.18 -17.41
N LYS A 197 31.52 10.12 -18.62
CA LYS A 197 31.76 8.85 -19.29
C LYS A 197 33.22 8.80 -19.72
N CYS A 198 33.87 7.68 -19.43
CA CYS A 198 35.25 7.48 -19.85
C CYS A 198 35.28 6.91 -21.26
N LYS A 199 36.31 7.29 -22.03
CA LYS A 199 36.46 6.79 -23.38
C LYS A 199 37.88 6.30 -23.66
N ASP A 200 38.63 5.97 -22.62
CA ASP A 200 39.94 5.34 -22.82
C ASP A 200 39.73 3.88 -23.19
N LYS A 201 40.41 3.44 -24.26
CA LYS A 201 40.23 2.08 -24.75
C LYS A 201 40.91 1.05 -23.86
N LYS A 202 41.84 1.47 -22.99
CA LYS A 202 42.58 0.56 -22.13
C LYS A 202 42.37 0.86 -20.65
N PHE A 203 41.16 1.28 -20.27
CA PHE A 203 40.89 1.68 -18.89
C PHE A 203 40.72 0.44 -18.03
N ASN A 204 41.63 0.26 -17.06
CA ASN A 204 41.60 -0.91 -16.19
C ASN A 204 40.71 -0.74 -14.98
N GLY A 205 39.80 0.24 -14.99
CA GLY A 205 38.78 0.38 -13.98
C GLY A 205 39.04 1.44 -12.93
N THR A 206 40.29 1.90 -12.78
CA THR A 206 40.59 2.91 -11.79
C THR A 206 41.70 3.81 -12.31
N GLY A 207 41.66 5.08 -11.91
CA GLY A 207 42.70 6.02 -12.22
C GLY A 207 42.29 7.08 -13.23
N PRO A 208 43.27 7.71 -13.86
CA PRO A 208 42.97 8.76 -14.85
C PRO A 208 42.18 8.23 -16.04
N CYS A 209 41.40 9.12 -16.64
CA CYS A 209 40.75 8.87 -17.92
C CYS A 209 40.93 10.10 -18.79
N PRO A 210 42.01 10.17 -19.57
CA PRO A 210 42.28 11.37 -20.36
C PRO A 210 41.29 11.66 -21.48
N SER A 211 40.21 10.89 -21.61
CA SER A 211 39.26 11.07 -22.71
C SER A 211 37.84 11.17 -22.18
N VAL A 212 37.63 11.99 -21.14
CA VAL A 212 36.33 12.06 -20.50
C VAL A 212 35.31 12.67 -21.44
N SER A 213 34.03 12.42 -21.15
CA SER A 213 32.92 13.04 -21.85
C SER A 213 31.69 13.00 -20.95
N THR A 214 30.68 13.78 -21.30
CA THR A 214 29.44 13.83 -20.54
C THR A 214 28.27 13.45 -21.43
N VAL A 215 27.29 12.76 -20.85
CA VAL A 215 26.12 12.30 -21.56
C VAL A 215 24.88 12.68 -20.76
N GLN A 216 23.74 12.74 -21.46
CA GLN A 216 22.46 12.94 -20.77
C GLN A 216 22.03 11.67 -20.06
N CYS A 217 22.20 10.52 -20.72
CA CYS A 217 21.86 9.23 -20.13
C CYS A 217 22.87 8.20 -20.62
N THR A 218 22.99 7.11 -19.85
CA THR A 218 23.91 6.05 -20.22
C THR A 218 23.36 5.28 -21.42
N HIS A 219 24.18 4.36 -21.93
CA HIS A 219 23.74 3.50 -23.01
C HIS A 219 22.80 2.42 -22.47
N GLY A 220 22.00 1.86 -23.37
CA GLY A 220 21.03 0.86 -22.99
C GLY A 220 21.68 -0.31 -22.29
N ILE A 221 21.22 -0.63 -21.09
CA ILE A 221 21.80 -1.70 -20.27
C ILE A 221 20.74 -2.76 -20.02
N LYS A 222 21.11 -4.02 -20.25
CA LYS A 222 20.16 -5.12 -20.14
C LYS A 222 20.30 -5.78 -18.77
N PRO A 223 19.23 -5.87 -17.98
CA PRO A 223 19.31 -6.56 -16.68
C PRO A 223 19.30 -8.08 -16.83
N VAL A 224 20.40 -8.61 -17.38
CA VAL A 224 20.55 -10.05 -17.48
C VAL A 224 21.05 -10.62 -16.17
N VAL A 225 20.52 -11.76 -15.77
CA VAL A 225 20.93 -12.46 -14.55
C VAL A 225 21.64 -13.73 -14.96
N SER A 226 22.86 -13.91 -14.48
CA SER A 226 23.67 -15.06 -14.85
C SER A 226 24.62 -15.40 -13.72
N THR A 227 25.42 -16.44 -13.93
CA THR A 227 26.38 -16.90 -12.94
C THR A 227 27.48 -17.68 -13.64
N GLN A 228 28.73 -17.35 -13.31
CA GLN A 228 29.92 -17.99 -13.83
C GLN A 228 30.21 -17.62 -15.28
N LEU A 229 29.28 -16.92 -15.94
CA LEU A 229 29.44 -16.48 -17.32
C LEU A 229 28.48 -15.32 -17.58
N LEU A 230 29.01 -14.27 -18.20
CA LEU A 230 28.24 -13.08 -18.50
C LEU A 230 27.71 -13.16 -19.93
N LEU A 231 26.41 -12.95 -20.10
CA LEU A 231 25.73 -13.13 -21.38
C LEU A 231 25.17 -11.81 -21.87
N ASN A 232 25.17 -11.63 -23.19
CA ASN A 232 24.52 -10.48 -23.82
C ASN A 232 25.05 -9.16 -23.26
N GLY A 233 26.38 -9.04 -23.17
CA GLY A 233 27.01 -7.88 -22.61
C GLY A 233 27.77 -7.06 -23.63
N SER A 234 28.66 -6.22 -23.14
CA SER A 234 29.46 -5.32 -23.97
C SER A 234 30.87 -5.88 -24.13
N LEU A 235 31.42 -5.74 -25.33
CA LEU A 235 32.75 -6.25 -25.64
C LEU A 235 33.79 -5.14 -25.54
N ALA A 236 35.02 -5.54 -25.23
CA ALA A 236 36.14 -4.61 -25.14
C ALA A 236 36.65 -4.31 -26.55
N GLU A 237 37.81 -3.66 -26.66
CA GLU A 237 38.39 -3.30 -27.93
C GLU A 237 39.87 -3.67 -27.99
N GLU A 238 40.22 -4.52 -28.95
CA GLU A 238 41.60 -4.77 -29.36
C GLU A 238 42.37 -5.65 -28.39
N GLU A 239 41.82 -5.95 -27.22
CA GLU A 239 42.48 -6.78 -26.23
C GLU A 239 41.48 -7.23 -25.17
N VAL A 240 41.74 -8.39 -24.59
CA VAL A 240 40.91 -8.88 -23.49
C VAL A 240 41.32 -8.15 -22.23
N MET A 241 40.33 -7.56 -21.55
CA MET A 241 40.59 -6.69 -20.41
C MET A 241 40.28 -7.41 -19.11
N ILE A 242 41.20 -7.32 -18.15
CA ILE A 242 41.05 -7.92 -16.83
C ILE A 242 40.98 -6.79 -15.82
N ARG A 243 40.05 -6.91 -14.87
CA ARG A 243 39.78 -5.86 -13.89
C ARG A 243 39.53 -6.49 -12.53
N SER A 244 40.12 -5.90 -11.51
CA SER A 244 39.98 -6.39 -10.14
C SER A 244 40.33 -5.26 -9.18
N GLU A 245 39.99 -5.46 -7.90
CA GLU A 245 40.25 -4.45 -6.89
C GLU A 245 41.61 -4.64 -6.23
N ASN A 246 41.90 -5.86 -5.76
CA ASN A 246 43.10 -6.14 -4.98
C ASN A 246 43.70 -7.41 -5.57
N ILE A 247 44.54 -7.25 -6.60
CA ILE A 247 44.80 -8.31 -7.58
C ILE A 247 45.53 -9.48 -6.94
N THR A 248 46.18 -9.26 -5.80
CA THR A 248 46.84 -10.33 -5.07
C THR A 248 46.05 -10.76 -3.84
N ASN A 249 44.73 -10.78 -3.95
CA ASN A 249 43.85 -11.15 -2.84
C ASN A 249 42.98 -12.32 -3.27
N ASN A 250 43.09 -13.43 -2.54
CA ASN A 250 42.32 -14.63 -2.87
C ASN A 250 40.84 -14.46 -2.57
N ALA A 251 40.48 -13.52 -1.69
CA ALA A 251 39.09 -13.25 -1.36
C ALA A 251 38.46 -12.20 -2.27
N LYS A 252 39.05 -11.95 -3.43
CA LYS A 252 38.56 -10.96 -4.38
C LYS A 252 38.25 -11.64 -5.70
N ASN A 253 37.13 -11.26 -6.32
CA ASN A 253 36.78 -11.81 -7.61
C ASN A 253 37.52 -11.06 -8.72
N ILE A 254 37.62 -11.72 -9.88
CA ILE A 254 38.30 -11.17 -11.05
C ILE A 254 37.29 -11.15 -12.19
N LEU A 255 37.25 -10.04 -12.92
CA LEU A 255 36.35 -9.88 -14.05
C LEU A 255 37.16 -9.87 -15.35
N VAL A 256 36.75 -10.70 -16.30
CA VAL A 256 37.37 -10.79 -17.61
C VAL A 256 36.34 -10.40 -18.65
N GLN A 257 36.71 -9.52 -19.57
CA GLN A 257 35.82 -9.04 -20.62
C GLN A 257 36.42 -9.38 -21.97
N PHE A 258 35.66 -10.08 -22.80
CA PHE A 258 36.15 -10.54 -24.09
C PHE A 258 36.09 -9.43 -25.12
N ASN A 259 37.01 -9.49 -26.07
CA ASN A 259 36.99 -8.60 -27.22
C ASN A 259 36.21 -9.16 -28.39
N THR A 260 35.69 -10.38 -28.28
CA THR A 260 34.91 -11.02 -29.33
C THR A 260 34.05 -12.08 -28.66
N PRO A 261 32.82 -12.31 -29.14
CA PRO A 261 31.93 -13.24 -28.47
C PRO A 261 32.04 -14.67 -28.96
N VAL A 262 31.63 -15.59 -28.09
CA VAL A 262 31.54 -17.02 -28.42
C VAL A 262 30.10 -17.46 -28.15
N GLN A 263 29.45 -17.99 -29.18
CA GLN A 263 28.03 -18.28 -29.10
C GLN A 263 27.79 -19.57 -28.30
N ILE A 264 26.74 -19.55 -27.48
CA ILE A 264 26.32 -20.71 -26.71
C ILE A 264 24.86 -21.01 -27.07
N ASN A 265 24.60 -22.21 -27.55
CA ASN A 265 23.27 -22.65 -27.95
C ASN A 265 22.70 -23.54 -26.84
N CYS A 266 21.52 -23.18 -26.35
CA CYS A 266 20.87 -23.90 -25.26
C CYS A 266 19.47 -24.34 -25.70
N THR A 267 19.07 -25.53 -25.27
CA THR A 267 17.79 -26.08 -25.68
C THR A 267 17.25 -26.99 -24.59
N ARG A 268 15.93 -27.18 -24.61
CA ARG A 268 15.22 -28.09 -23.72
C ARG A 268 14.41 -29.02 -24.61
N PRO A 269 14.97 -30.16 -25.02
CA PRO A 269 14.35 -30.95 -26.10
C PRO A 269 12.98 -31.52 -25.81
N ASN A 270 12.59 -31.68 -24.55
CA ASN A 270 11.32 -32.30 -24.23
C ASN A 270 10.17 -31.45 -24.75
N ASN A 271 9.15 -32.12 -25.31
CA ASN A 271 7.92 -31.45 -25.76
C ASN A 271 6.84 -31.68 -24.71
N ASN A 272 6.86 -30.85 -23.68
CA ASN A 272 5.92 -30.97 -22.58
C ASN A 272 4.79 -29.97 -22.73
N THR A 273 3.66 -30.28 -22.08
CA THR A 273 2.41 -29.57 -22.29
C THR A 273 1.90 -29.00 -20.97
N ARG A 274 1.47 -27.74 -21.00
CA ARG A 274 0.94 -27.10 -19.80
C ARG A 274 -0.52 -27.48 -19.60
N LYS A 275 -0.91 -27.59 -18.33
CA LYS A 275 -2.27 -27.93 -17.95
C LYS A 275 -2.73 -26.99 -16.85
N SER A 276 -4.01 -26.61 -16.89
CA SER A 276 -4.58 -25.64 -15.96
C SER A 276 -5.48 -26.34 -14.96
N ILE A 277 -5.35 -25.96 -13.69
CA ILE A 277 -6.17 -26.50 -12.60
C ILE A 277 -6.71 -25.33 -11.81
N ARG A 278 -8.01 -25.36 -11.52
CA ARG A 278 -8.67 -24.29 -10.78
C ARG A 278 -8.63 -24.62 -9.29
N ILE A 279 -7.88 -23.83 -8.52
CA ILE A 279 -7.70 -24.09 -7.09
C ILE A 279 -8.52 -23.14 -6.23
N GLY A 280 -9.17 -22.14 -6.81
CA GLY A 280 -9.99 -21.22 -6.07
C GLY A 280 -10.84 -20.39 -7.01
N PRO A 281 -11.64 -19.48 -6.45
CA PRO A 281 -12.47 -18.63 -7.32
C PRO A 281 -11.65 -17.60 -8.08
N GLY A 282 -11.49 -17.84 -9.39
CA GLY A 282 -10.81 -16.88 -10.25
C GLY A 282 -9.31 -17.01 -10.33
N GLN A 283 -8.72 -18.07 -9.78
CA GLN A 283 -7.28 -18.25 -9.80
C GLN A 283 -6.95 -19.72 -10.07
N ALA A 284 -5.96 -19.94 -10.93
CA ALA A 284 -5.66 -21.26 -11.45
C ALA A 284 -4.18 -21.59 -11.27
N PHE A 285 -3.89 -22.89 -11.22
CA PHE A 285 -2.54 -23.41 -11.08
C PHE A 285 -2.15 -24.14 -12.36
N TYR A 286 -0.92 -23.90 -12.82
CA TYR A 286 -0.46 -24.38 -14.11
C TYR A 286 0.51 -25.56 -13.89
N ALA A 287 0.00 -26.76 -14.08
CA ALA A 287 0.81 -27.96 -13.90
C ALA A 287 1.42 -28.40 -15.22
N THR A 288 2.37 -29.33 -15.14
CA THR A 288 2.90 -29.98 -16.31
C THR A 288 2.04 -31.21 -16.62
N GLY A 289 1.47 -31.25 -17.81
CA GLY A 289 0.51 -32.29 -18.14
C GLY A 289 1.15 -33.60 -18.54
N ASP A 290 1.96 -33.58 -19.59
CA ASP A 290 2.57 -34.80 -20.10
C ASP A 290 3.69 -34.40 -21.07
N ILE A 291 4.41 -35.39 -21.56
CA ILE A 291 5.52 -35.18 -22.50
C ILE A 291 5.26 -36.04 -23.72
N ILE A 292 5.31 -35.42 -24.89
CA ILE A 292 5.04 -36.12 -26.14
C ILE A 292 6.34 -36.72 -26.66
N GLY A 293 6.33 -38.04 -26.84
CA GLY A 293 7.50 -38.70 -27.40
C GLY A 293 8.52 -39.04 -26.33
N ASP A 294 9.78 -39.10 -26.74
CA ASP A 294 10.86 -39.48 -25.84
C ASP A 294 11.24 -38.31 -24.94
N ILE A 295 11.81 -38.64 -23.78
CA ILE A 295 12.21 -37.66 -22.78
C ILE A 295 13.74 -37.63 -22.73
N ARG A 296 14.32 -36.45 -22.96
CA ARG A 296 15.76 -36.30 -23.06
C ARG A 296 16.22 -35.19 -22.12
N GLN A 297 17.53 -34.96 -22.11
CA GLN A 297 18.14 -34.02 -21.17
C GLN A 297 18.41 -32.68 -21.85
N ALA A 298 18.21 -31.59 -21.10
CA ALA A 298 18.56 -30.27 -21.60
C ALA A 298 20.06 -30.06 -21.54
N HIS A 299 20.58 -29.20 -22.42
CA HIS A 299 22.01 -28.98 -22.48
C HIS A 299 22.30 -27.69 -23.24
N CYS A 300 23.55 -27.25 -23.15
CA CYS A 300 24.05 -26.10 -23.88
C CYS A 300 25.33 -26.48 -24.62
N ASN A 301 25.57 -25.86 -25.77
CA ASN A 301 26.69 -26.18 -26.63
C ASN A 301 27.64 -25.00 -26.77
N VAL A 302 28.93 -25.31 -26.87
CA VAL A 302 29.97 -24.35 -27.21
C VAL A 302 30.88 -25.01 -28.23
N SER A 303 31.63 -24.20 -28.97
CA SER A 303 32.53 -24.68 -30.01
C SER A 303 33.95 -24.76 -29.47
N LYS A 304 34.57 -25.94 -29.63
CA LYS A 304 35.94 -26.12 -29.11
C LYS A 304 36.92 -25.18 -29.79
N ALA A 305 36.84 -25.03 -31.10
CA ALA A 305 37.83 -24.24 -31.83
C ALA A 305 37.80 -22.79 -31.38
N THR A 306 36.62 -22.21 -31.21
CA THR A 306 36.50 -20.80 -30.86
C THR A 306 36.67 -20.55 -29.37
N TRP A 307 36.16 -21.43 -28.52
CA TRP A 307 36.34 -21.25 -27.08
C TRP A 307 37.82 -21.34 -26.72
N ASN A 308 38.53 -22.32 -27.27
CA ASN A 308 39.92 -22.55 -26.88
C ASN A 308 40.77 -21.31 -27.14
N GLU A 309 40.60 -20.69 -28.32
CA GLU A 309 41.37 -19.50 -28.63
C GLU A 309 41.02 -18.34 -27.70
N THR A 310 39.81 -18.32 -27.15
CA THR A 310 39.44 -17.27 -26.19
C THR A 310 40.18 -17.45 -24.88
N LEU A 311 40.29 -18.69 -24.39
CA LEU A 311 41.09 -18.94 -23.20
C LEU A 311 42.56 -18.59 -23.45
N GLY A 312 43.06 -18.89 -24.64
CA GLY A 312 44.42 -18.52 -24.97
C GLY A 312 44.65 -17.02 -24.95
N LYS A 313 43.62 -16.24 -25.29
CA LYS A 313 43.72 -14.80 -25.14
C LYS A 313 43.56 -14.39 -23.67
N VAL A 314 42.75 -15.14 -22.91
CA VAL A 314 42.54 -14.81 -21.51
C VAL A 314 43.81 -15.06 -20.69
N VAL A 315 44.52 -16.16 -20.96
CA VAL A 315 45.77 -16.43 -20.24
C VAL A 315 46.80 -15.33 -20.47
N LYS A 316 46.95 -14.88 -21.72
CA LYS A 316 48.04 -13.97 -22.05
C LYS A 316 48.05 -12.77 -21.11
N GLN A 317 46.88 -12.17 -20.89
CA GLN A 317 46.78 -11.01 -20.01
C GLN A 317 46.89 -11.38 -18.53
N LEU A 318 46.63 -12.63 -18.17
CA LEU A 318 46.77 -13.04 -16.78
C LEU A 318 48.24 -13.13 -16.37
N ARG A 319 49.09 -13.68 -17.25
CA ARG A 319 50.51 -13.77 -16.92
C ARG A 319 51.14 -12.39 -16.78
N LYS A 320 50.62 -11.39 -17.47
CA LYS A 320 51.18 -10.06 -17.38
C LYS A 320 51.14 -9.53 -15.95
N HIS A 321 50.26 -10.09 -15.11
CA HIS A 321 50.22 -9.75 -13.70
C HIS A 321 50.99 -10.77 -12.85
N PHE A 322 50.94 -12.04 -13.22
CA PHE A 322 51.45 -13.12 -12.40
C PHE A 322 52.78 -13.68 -12.90
N GLY A 323 53.42 -13.02 -13.87
CA GLY A 323 54.72 -13.45 -14.35
C GLY A 323 54.67 -14.25 -15.63
N ASN A 324 55.74 -14.17 -16.43
CA ASN A 324 55.78 -14.87 -17.71
C ASN A 324 56.03 -16.36 -17.55
N ASN A 325 56.73 -16.76 -16.48
CA ASN A 325 57.12 -18.15 -16.29
C ASN A 325 56.13 -18.96 -15.47
N THR A 326 55.00 -18.37 -15.08
CA THR A 326 54.08 -19.03 -14.16
C THR A 326 53.19 -20.01 -14.91
N ILE A 327 53.05 -21.22 -14.38
CA ILE A 327 52.06 -22.15 -14.90
C ILE A 327 50.69 -21.71 -14.43
N ILE A 328 49.69 -21.86 -15.30
CA ILE A 328 48.32 -21.45 -15.02
C ILE A 328 47.39 -22.63 -15.28
N ARG A 329 46.35 -22.75 -14.46
CA ARG A 329 45.39 -23.84 -14.56
C ARG A 329 43.96 -23.32 -14.43
N PHE A 330 43.02 -24.05 -15.01
CA PHE A 330 41.59 -23.78 -14.86
C PHE A 330 40.92 -25.02 -14.28
N ALA A 331 40.07 -24.80 -13.28
CA ALA A 331 39.39 -25.89 -12.59
C ALA A 331 37.90 -25.60 -12.55
N ASN A 332 37.15 -26.54 -11.97
CA ASN A 332 35.69 -26.51 -12.07
C ASN A 332 34.99 -26.03 -10.81
N SER A 333 35.65 -25.24 -9.96
CA SER A 333 34.99 -24.63 -8.82
C SER A 333 34.94 -25.58 -7.63
N SER A 334 34.95 -25.03 -6.42
CA SER A 334 35.08 -25.79 -5.20
C SER A 334 33.75 -26.31 -4.65
N GLY A 335 32.64 -26.08 -5.35
CA GLY A 335 31.36 -26.61 -4.94
C GLY A 335 30.49 -25.59 -4.22
N GLY A 336 29.31 -26.05 -3.85
CA GLY A 336 28.30 -25.19 -3.26
C GLY A 336 26.92 -25.64 -3.72
N ASP A 337 25.95 -24.75 -3.51
CA ASP A 337 24.60 -25.02 -3.97
C ASP A 337 24.47 -24.68 -5.45
N LEU A 338 23.45 -25.27 -6.08
CA LEU A 338 23.30 -25.11 -7.53
C LEU A 338 23.19 -23.66 -7.93
N GLU A 339 22.68 -22.80 -7.04
CA GLU A 339 22.55 -21.38 -7.38
C GLU A 339 23.90 -20.71 -7.56
N VAL A 340 24.97 -21.28 -7.03
CA VAL A 340 26.29 -20.66 -7.11
C VAL A 340 27.37 -21.57 -7.68
N THR A 341 27.21 -22.88 -7.66
CA THR A 341 28.24 -23.80 -8.14
C THR A 341 28.07 -24.16 -9.61
N THR A 342 27.10 -23.55 -10.30
CA THR A 342 26.80 -23.91 -11.68
C THR A 342 26.53 -22.63 -12.47
N HIS A 343 26.57 -22.75 -13.79
CA HIS A 343 26.17 -21.66 -14.66
C HIS A 343 24.65 -21.59 -14.68
N SER A 344 24.09 -20.57 -14.02
CA SER A 344 22.65 -20.42 -13.86
C SER A 344 22.17 -19.22 -14.67
N PHE A 345 21.12 -19.43 -15.46
CA PHE A 345 20.57 -18.36 -16.28
C PHE A 345 19.13 -18.71 -16.64
N ASN A 346 18.49 -17.79 -17.34
CA ASN A 346 17.10 -17.91 -17.77
C ASN A 346 17.06 -17.96 -19.28
N CYS A 347 16.37 -18.96 -19.84
CA CYS A 347 16.27 -19.16 -21.28
C CYS A 347 14.80 -19.26 -21.67
N GLY A 348 14.23 -18.12 -22.09
CA GLY A 348 12.87 -18.13 -22.57
C GLY A 348 11.83 -18.54 -21.55
N GLY A 349 11.95 -18.04 -20.32
CA GLY A 349 10.98 -18.32 -19.28
C GLY A 349 11.22 -19.59 -18.51
N GLU A 350 12.28 -20.34 -18.80
CA GLU A 350 12.63 -21.56 -18.10
C GLU A 350 14.02 -21.42 -17.52
N PHE A 351 14.22 -21.92 -16.30
CA PHE A 351 15.45 -21.70 -15.56
C PHE A 351 16.38 -22.90 -15.72
N PHE A 352 17.65 -22.63 -16.02
CA PHE A 352 18.64 -23.65 -16.28
C PHE A 352 19.72 -23.64 -15.19
N TYR A 353 20.39 -24.79 -15.04
CA TYR A 353 21.51 -24.93 -14.11
C TYR A 353 22.48 -25.94 -14.72
N CYS A 354 23.60 -25.47 -15.25
CA CYS A 354 24.46 -26.26 -16.10
C CYS A 354 25.78 -26.58 -15.43
N ASN A 355 26.26 -27.80 -15.65
CA ASN A 355 27.53 -28.30 -15.12
C ASN A 355 28.68 -27.81 -15.98
N THR A 356 29.34 -26.72 -15.57
CA THR A 356 30.35 -26.04 -16.37
C THR A 356 31.73 -26.69 -16.27
N SER A 357 31.85 -27.92 -15.76
CA SER A 357 33.16 -28.52 -15.58
C SER A 357 33.88 -28.79 -16.89
N GLY A 358 33.17 -28.85 -18.02
CA GLY A 358 33.81 -29.18 -19.28
C GLY A 358 34.60 -28.03 -19.87
N LEU A 359 34.30 -26.79 -19.46
CA LEU A 359 35.01 -25.64 -20.01
C LEU A 359 36.31 -25.37 -19.26
N PHE A 360 36.23 -25.31 -17.93
CA PHE A 360 37.40 -24.95 -17.11
C PHE A 360 38.14 -26.24 -16.75
N ASN A 361 38.87 -26.76 -17.72
CA ASN A 361 39.67 -27.96 -17.53
C ASN A 361 40.88 -27.91 -18.47
N SER A 362 42.01 -27.40 -17.99
CA SER A 362 43.15 -27.19 -18.85
C SER A 362 44.39 -26.86 -18.03
N THR A 363 45.55 -26.92 -18.69
CA THR A 363 46.82 -26.51 -18.13
C THR A 363 47.67 -25.91 -19.23
N TRP A 364 48.19 -24.71 -19.00
CA TRP A 364 48.99 -23.97 -19.97
C TRP A 364 50.39 -23.82 -19.40
N ILE A 365 51.41 -23.99 -20.24
CA ILE A 365 52.78 -24.02 -19.74
C ILE A 365 53.75 -23.11 -20.50
N SER A 366 53.32 -22.58 -21.65
CA SER A 366 54.19 -21.77 -22.51
C SER A 366 55.62 -22.33 -22.57
N SER A 378 37.42 -28.20 -37.98
CA SER A 378 37.31 -28.21 -36.53
C SER A 378 35.86 -28.03 -36.10
N ASN A 379 34.93 -28.60 -36.86
CA ASN A 379 33.51 -28.50 -36.54
C ASN A 379 33.16 -29.47 -35.41
N ASP A 380 33.22 -28.98 -34.17
CA ASP A 380 32.99 -29.81 -33.01
C ASP A 380 32.16 -29.02 -32.01
N SER A 381 32.02 -29.58 -30.80
CA SER A 381 31.19 -28.99 -29.78
C SER A 381 31.63 -29.44 -28.40
N ILE A 382 31.24 -28.65 -27.40
CA ILE A 382 31.33 -29.05 -25.99
C ILE A 382 29.92 -29.00 -25.43
N THR A 383 29.46 -30.11 -24.87
CA THR A 383 28.11 -30.23 -24.35
C THR A 383 28.14 -30.11 -22.82
N LEU A 384 27.28 -29.25 -22.29
CA LEU A 384 27.19 -29.03 -20.86
C LEU A 384 25.84 -29.54 -20.36
N PRO A 385 25.77 -30.61 -19.56
CA PRO A 385 24.47 -31.12 -19.12
C PRO A 385 23.84 -30.20 -18.08
N CYS A 386 22.59 -29.82 -18.32
CA CYS A 386 21.89 -28.84 -17.51
C CYS A 386 20.69 -29.48 -16.84
N ARG A 387 20.41 -29.08 -15.62
CA ARG A 387 19.19 -29.44 -14.91
C ARG A 387 18.23 -28.27 -14.95
N ILE A 388 16.97 -28.53 -14.58
CA ILE A 388 15.94 -27.52 -14.59
C ILE A 388 15.23 -27.50 -13.24
N LYS A 389 14.70 -26.33 -12.88
CA LYS A 389 14.16 -26.08 -11.56
C LYS A 389 12.96 -25.16 -11.69
N GLN A 390 11.93 -25.42 -10.87
CA GLN A 390 10.71 -24.62 -10.91
C GLN A 390 10.48 -23.78 -9.66
N ILE A 391 11.20 -24.03 -8.58
CA ILE A 391 11.11 -23.23 -7.36
C ILE A 391 12.39 -22.39 -7.31
N ILE A 392 12.23 -21.06 -7.32
CA ILE A 392 13.34 -20.14 -7.54
C ILE A 392 13.45 -19.20 -6.36
N ASN A 393 14.65 -19.10 -5.80
CA ASN A 393 15.03 -18.04 -4.88
C ASN A 393 16.04 -17.17 -5.62
N MET A 394 15.67 -15.92 -5.89
CA MET A 394 16.34 -15.16 -6.95
C MET A 394 17.54 -14.37 -6.44
N TRP A 395 17.34 -13.49 -5.47
CA TRP A 395 18.33 -12.50 -5.08
C TRP A 395 19.03 -12.89 -3.78
N GLN A 396 19.32 -14.18 -3.61
CA GLN A 396 20.01 -14.69 -2.44
C GLN A 396 19.25 -14.43 -1.15
N ARG A 397 17.95 -14.18 -1.26
CA ARG A 397 17.10 -14.05 -0.08
C ARG A 397 16.53 -15.40 0.32
N ILE A 398 16.18 -15.53 1.59
CA ILE A 398 15.50 -16.71 2.12
C ILE A 398 14.19 -16.24 2.73
N GLY A 399 13.08 -16.63 2.11
CA GLY A 399 11.76 -16.24 2.58
C GLY A 399 10.83 -15.87 1.45
N GLN A 400 11.38 -15.37 0.34
CA GLN A 400 10.62 -15.09 -0.87
C GLN A 400 11.02 -16.09 -1.93
N CYS A 401 10.05 -16.86 -2.43
CA CYS A 401 10.29 -17.82 -3.49
C CYS A 401 9.25 -17.61 -4.58
N MET A 402 9.62 -18.03 -5.79
CA MET A 402 8.77 -17.87 -6.96
C MET A 402 8.62 -19.22 -7.66
N TYR A 403 7.41 -19.50 -8.12
CA TYR A 403 7.12 -20.72 -8.88
C TYR A 403 6.95 -20.34 -10.34
N ALA A 404 7.86 -20.80 -11.19
CA ALA A 404 7.81 -20.49 -12.61
C ALA A 404 6.93 -21.51 -13.32
N PRO A 405 5.84 -21.10 -13.98
CA PRO A 405 4.99 -22.08 -14.64
C PRO A 405 5.68 -22.71 -15.83
N PRO A 406 5.29 -23.92 -16.21
CA PRO A 406 5.93 -24.57 -17.35
C PRO A 406 5.59 -23.87 -18.66
N ILE A 407 6.31 -24.27 -19.71
CA ILE A 407 6.19 -23.64 -21.03
C ILE A 407 5.95 -24.72 -22.06
N GLN A 408 5.02 -24.45 -22.98
CA GLN A 408 4.63 -25.44 -23.98
C GLN A 408 5.73 -25.64 -25.01
N GLY A 409 5.92 -26.90 -25.42
CA GLY A 409 6.75 -27.20 -26.57
C GLY A 409 8.23 -27.13 -26.28
N VAL A 410 9.00 -27.24 -27.36
CA VAL A 410 10.46 -27.14 -27.27
C VAL A 410 10.87 -25.68 -27.27
N ILE A 411 11.97 -25.38 -26.57
CA ILE A 411 12.49 -24.02 -26.49
C ILE A 411 13.98 -24.04 -26.78
N ARG A 412 14.49 -22.93 -27.31
CA ARG A 412 15.87 -22.82 -27.74
C ARG A 412 16.35 -21.40 -27.52
N CYS A 413 17.64 -21.25 -27.24
CA CYS A 413 18.25 -19.96 -26.95
C CYS A 413 19.63 -19.89 -27.57
N VAL A 414 19.97 -18.72 -28.12
CA VAL A 414 21.32 -18.42 -28.60
C VAL A 414 21.73 -17.08 -28.03
N SER A 415 22.96 -17.01 -27.51
CA SER A 415 23.39 -15.82 -26.80
C SER A 415 24.91 -15.66 -26.89
N ASN A 416 25.36 -14.41 -26.89
CA ASN A 416 26.78 -14.11 -26.77
C ASN A 416 27.30 -14.60 -25.43
N ILE A 417 28.58 -14.93 -25.36
CA ILE A 417 29.31 -14.89 -24.11
C ILE A 417 30.36 -13.79 -24.20
N THR A 418 30.27 -12.83 -23.29
CA THR A 418 31.11 -11.63 -23.37
C THR A 418 31.91 -11.37 -22.11
N GLY A 419 31.91 -12.27 -21.15
CA GLY A 419 32.64 -12.02 -19.92
C GLY A 419 32.84 -13.31 -19.14
N LEU A 420 33.45 -13.16 -17.98
CA LEU A 420 33.84 -14.31 -17.18
C LEU A 420 34.21 -13.82 -15.78
N ILE A 421 33.64 -14.45 -14.77
CA ILE A 421 33.93 -14.13 -13.37
C ILE A 421 34.80 -15.25 -12.81
N LEU A 422 35.94 -14.87 -12.24
CA LEU A 422 36.95 -15.83 -11.80
C LEU A 422 37.39 -15.54 -10.37
N THR A 423 37.82 -16.60 -9.68
CA THR A 423 38.42 -16.51 -8.37
C THR A 423 39.73 -17.28 -8.38
N ARG A 424 40.64 -16.90 -7.50
CA ARG A 424 41.98 -17.46 -7.44
C ARG A 424 42.16 -18.24 -6.14
N ASP A 425 42.66 -19.46 -6.25
CA ASP A 425 42.90 -20.29 -5.08
C ASP A 425 44.11 -19.82 -4.29
N GLY A 426 45.20 -19.47 -4.97
CA GLY A 426 46.37 -18.94 -4.31
C GLY A 426 47.30 -20.02 -3.78
N GLY A 427 48.59 -19.87 -4.06
CA GLY A 427 49.55 -20.88 -3.63
C GLY A 427 50.17 -20.50 -2.29
N SER A 428 50.50 -21.53 -1.51
CA SER A 428 51.13 -21.36 -0.20
C SER A 428 52.58 -21.82 -0.30
N THR A 429 53.51 -20.86 -0.28
CA THR A 429 54.92 -21.15 -0.40
C THR A 429 55.27 -21.62 -1.81
N ASN A 430 54.30 -21.59 -2.72
CA ASN A 430 54.54 -21.95 -4.11
C ASN A 430 54.14 -20.82 -5.03
N SER A 431 54.83 -20.73 -6.18
CA SER A 431 54.57 -19.68 -7.15
C SER A 431 54.51 -20.15 -8.59
N THR A 432 54.90 -21.39 -8.89
CA THR A 432 55.00 -21.87 -10.26
C THR A 432 53.73 -22.58 -10.74
N THR A 433 52.57 -22.25 -10.16
CA THR A 433 51.29 -22.72 -10.69
C THR A 433 50.18 -21.90 -10.07
N GLU A 434 49.34 -21.31 -10.91
CA GLU A 434 48.17 -20.57 -10.48
C GLU A 434 46.93 -21.26 -11.02
N THR A 435 46.03 -21.66 -10.12
CA THR A 435 44.81 -22.37 -10.49
C THR A 435 43.61 -21.48 -10.23
N PHE A 436 42.80 -21.26 -11.26
CA PHE A 436 41.62 -20.40 -11.20
C PHE A 436 40.36 -21.25 -11.24
N ARG A 437 39.27 -20.71 -10.68
CA ARG A 437 37.98 -21.36 -10.71
C ARG A 437 36.89 -20.34 -10.97
N PRO A 438 35.76 -20.76 -11.53
CA PRO A 438 34.64 -19.83 -11.70
C PRO A 438 33.96 -19.54 -10.37
N GLY A 439 33.44 -18.31 -10.26
CA GLY A 439 32.83 -17.86 -9.02
C GLY A 439 31.38 -17.47 -9.17
N GLY A 440 31.10 -16.17 -9.10
CA GLY A 440 29.76 -15.66 -9.27
C GLY A 440 29.39 -14.61 -8.25
N GLY A 441 29.93 -14.74 -7.03
CA GLY A 441 29.78 -13.72 -6.02
C GLY A 441 28.35 -13.21 -5.86
N ASP A 442 28.28 -11.95 -5.44
CA ASP A 442 27.00 -11.26 -5.38
C ASP A 442 26.56 -10.85 -6.78
N MET A 443 25.25 -10.69 -6.95
CA MET A 443 24.71 -10.45 -8.28
C MET A 443 25.16 -9.12 -8.85
N ARG A 444 25.53 -8.17 -7.99
CA ARG A 444 25.89 -6.83 -8.48
C ARG A 444 27.25 -6.81 -9.18
N ASP A 445 28.02 -7.89 -9.10
CA ASP A 445 29.24 -7.99 -9.90
C ASP A 445 28.92 -8.05 -11.40
N ASN A 446 27.70 -8.43 -11.76
CA ASN A 446 27.34 -8.48 -13.17
C ASN A 446 27.29 -7.08 -13.78
N TRP A 447 26.64 -6.14 -13.09
CA TRP A 447 26.41 -4.82 -13.65
C TRP A 447 27.61 -3.89 -13.50
N ARG A 448 28.60 -4.26 -12.69
CA ARG A 448 29.87 -3.54 -12.71
C ARG A 448 30.58 -3.70 -14.04
N SER A 449 30.24 -4.72 -14.82
CA SER A 449 30.83 -4.90 -16.14
C SER A 449 30.28 -3.94 -17.18
N GLU A 450 29.15 -3.29 -16.89
CA GLU A 450 28.55 -2.31 -17.79
C GLU A 450 28.69 -0.88 -17.30
N LEU A 451 28.65 -0.66 -15.99
CA LEU A 451 28.69 0.67 -15.41
C LEU A 451 30.08 1.05 -14.91
N TYR A 452 31.14 0.46 -15.46
CA TYR A 452 32.48 0.85 -15.09
C TYR A 452 32.87 2.19 -15.71
N LYS A 453 32.33 2.49 -16.89
CA LYS A 453 32.71 3.72 -17.60
C LYS A 453 32.16 4.97 -16.92
N TYR A 454 31.03 4.84 -16.23
CA TYR A 454 30.22 6.00 -15.87
C TYR A 454 30.43 6.40 -14.42
N LYS A 455 30.37 7.71 -14.17
CA LYS A 455 30.35 8.26 -12.82
C LYS A 455 29.46 9.48 -12.80
N VAL A 456 28.89 9.77 -11.63
CA VAL A 456 27.97 10.89 -11.45
C VAL A 456 28.69 12.00 -10.69
N VAL A 457 28.53 13.23 -11.17
CA VAL A 457 29.17 14.39 -10.58
C VAL A 457 28.12 15.44 -10.28
N LYS A 458 28.45 16.36 -9.37
CA LYS A 458 27.54 17.41 -8.93
C LYS A 458 28.13 18.76 -9.33
N ILE A 459 27.34 19.57 -10.00
CA ILE A 459 27.81 20.86 -10.53
C ILE A 459 27.85 21.88 -9.40
N GLU A 460 28.77 22.84 -9.51
CA GLU A 460 28.95 23.90 -8.53
C GLU A 460 29.13 25.21 -9.30
N PRO A 461 28.06 25.97 -9.50
CA PRO A 461 28.09 27.07 -10.48
C PRO A 461 28.62 28.40 -9.95
N LEU A 462 29.04 28.50 -8.69
CA LEU A 462 29.46 29.77 -8.12
C LEU A 462 30.98 29.83 -7.98
N GLY A 463 31.55 31.00 -8.23
CA GLY A 463 32.98 31.19 -8.12
C GLY A 463 33.32 32.61 -7.76
N VAL A 464 34.56 32.79 -7.30
CA VAL A 464 35.09 34.10 -6.94
C VAL A 464 36.51 34.21 -7.48
N ALA A 465 36.84 35.34 -8.08
CA ALA A 465 38.14 35.53 -8.69
C ALA A 465 38.47 37.02 -8.72
N PRO A 466 39.75 37.38 -8.59
CA PRO A 466 40.13 38.81 -8.66
C PRO A 466 40.00 39.39 -10.06
N THR A 467 39.66 40.69 -10.10
CA THR A 467 39.66 41.46 -11.33
C THR A 467 39.88 42.92 -10.97
N ARG A 468 39.95 43.77 -12.00
CA ARG A 468 40.22 45.19 -11.79
C ARG A 468 38.96 45.99 -11.44
N CYS A 469 37.80 45.34 -11.45
CA CYS A 469 36.54 46.07 -11.40
C CYS A 469 36.26 46.61 -10.00
N LYS A 470 35.43 47.66 -9.95
CA LYS A 470 34.89 48.21 -8.72
C LYS A 470 33.49 48.75 -9.01
N ARG A 471 32.64 48.76 -7.99
CA ARG A 471 31.31 49.34 -8.14
C ARG A 471 31.38 50.86 -8.02
N ARG A 472 30.51 51.54 -8.77
CA ARG A 472 30.41 52.98 -8.69
C ARG A 472 29.46 53.39 -7.57
N VAL A 473 29.58 54.65 -7.16
CA VAL A 473 28.81 55.20 -6.04
C VAL A 473 28.73 54.20 -4.89
N ASN B 3 13.21 51.69 -37.75
CA ASN B 3 13.68 51.88 -36.35
C ASN B 3 12.68 51.32 -35.35
N LEU B 4 12.74 50.00 -35.13
CA LEU B 4 11.84 49.32 -34.22
C LEU B 4 12.64 48.29 -33.42
N TRP B 5 12.37 48.24 -32.12
CA TRP B 5 13.14 47.41 -31.20
C TRP B 5 12.21 46.50 -30.41
N VAL B 6 12.71 45.31 -30.06
CA VAL B 6 11.89 44.31 -29.38
C VAL B 6 11.68 44.73 -27.94
N THR B 7 10.43 44.71 -27.49
CA THR B 7 10.07 44.90 -26.10
C THR B 7 9.35 43.67 -25.58
N VAL B 8 9.79 43.16 -24.44
CA VAL B 8 9.26 41.94 -23.86
C VAL B 8 8.29 42.29 -22.73
N TYR B 9 7.14 41.63 -22.73
CA TYR B 9 6.10 41.84 -21.72
C TYR B 9 5.93 40.55 -20.92
N TYR B 10 5.64 40.71 -19.63
CA TYR B 10 5.39 39.57 -18.74
C TYR B 10 4.05 39.78 -18.05
N GLY B 11 3.13 38.85 -18.28
CA GLY B 11 1.79 38.95 -17.74
C GLY B 11 0.71 39.23 -18.76
N VAL B 12 0.91 38.87 -20.02
CA VAL B 12 -0.05 39.15 -21.08
C VAL B 12 -1.15 38.09 -21.05
N PRO B 13 -2.38 38.43 -21.44
CA PRO B 13 -3.48 37.45 -21.41
C PRO B 13 -3.54 36.55 -22.64
N VAL B 14 -2.74 35.49 -22.62
CA VAL B 14 -2.66 34.53 -23.71
C VAL B 14 -2.75 33.11 -23.13
N TRP B 15 -3.57 32.27 -23.76
CA TRP B 15 -3.77 30.91 -23.30
C TRP B 15 -3.65 29.94 -24.48
N LYS B 16 -3.41 28.68 -24.15
CA LYS B 16 -3.26 27.62 -25.13
C LYS B 16 -3.85 26.34 -24.57
N ASP B 17 -4.45 25.53 -25.45
CA ASP B 17 -5.08 24.30 -25.00
C ASP B 17 -4.05 23.38 -24.37
N ALA B 18 -4.45 22.71 -23.28
CA ALA B 18 -3.52 21.86 -22.54
C ALA B 18 -4.30 20.83 -21.74
N GLU B 19 -3.59 19.79 -21.32
CA GLU B 19 -4.13 18.74 -20.45
C GLU B 19 -3.40 18.78 -19.12
N THR B 20 -4.15 18.77 -18.03
CA THR B 20 -3.56 18.85 -16.71
C THR B 20 -4.45 18.14 -15.70
N THR B 21 -3.91 17.93 -14.51
CA THR B 21 -4.59 17.19 -13.46
C THR B 21 -5.38 18.15 -12.59
N LEU B 22 -6.70 18.17 -12.76
CA LEU B 22 -7.56 18.98 -11.91
C LEU B 22 -7.70 18.35 -10.54
N PHE B 23 -8.14 19.15 -9.56
CA PHE B 23 -8.29 18.67 -8.20
C PHE B 23 -9.70 18.96 -7.71
N CYS B 24 -10.20 18.06 -6.85
CA CYS B 24 -11.60 18.07 -6.46
C CYS B 24 -11.85 19.02 -5.29
N ALA B 25 -13.07 19.56 -5.24
CA ALA B 25 -13.54 20.37 -4.13
C ALA B 25 -15.00 20.04 -3.88
N SER B 26 -15.45 20.30 -2.65
CA SER B 26 -16.80 19.93 -2.25
C SER B 26 -17.28 20.87 -1.15
N ASP B 27 -18.60 20.87 -0.95
CA ASP B 27 -19.21 21.70 0.07
C ASP B 27 -19.03 21.07 1.45
N ALA B 28 -19.28 21.86 2.48
CA ALA B 28 -18.97 21.46 3.86
C ALA B 28 -20.12 20.78 4.57
N LYS B 29 -21.28 20.61 3.93
CA LYS B 29 -22.42 20.00 4.61
C LYS B 29 -22.12 18.58 5.07
N ALA B 30 -21.51 17.76 4.21
CA ALA B 30 -21.16 16.41 4.60
C ALA B 30 -19.80 16.37 5.30
N TYR B 31 -18.94 17.35 5.03
CA TYR B 31 -17.61 17.37 5.62
C TYR B 31 -17.69 17.55 7.14
N GLU B 32 -18.68 18.30 7.62
CA GLU B 32 -18.75 18.64 9.04
C GLU B 32 -19.20 17.49 9.93
N THR B 33 -19.73 16.41 9.35
CA THR B 33 -20.24 15.31 10.17
C THR B 33 -19.75 13.94 9.73
N GLU B 34 -18.86 13.86 8.74
CA GLU B 34 -18.24 12.60 8.34
C GLU B 34 -19.29 11.56 7.98
N LYS B 35 -20.07 11.84 6.93
CA LYS B 35 -21.09 10.91 6.48
C LYS B 35 -20.51 9.73 5.71
N HIS B 36 -19.27 9.83 5.22
CA HIS B 36 -18.60 8.73 4.54
C HIS B 36 -19.39 8.28 3.31
N ASN B 37 -19.51 9.17 2.34
CA ASN B 37 -20.08 8.80 1.05
C ASN B 37 -19.02 8.13 0.18
N VAL B 38 -19.48 7.34 -0.80
CA VAL B 38 -18.55 6.64 -1.67
C VAL B 38 -17.62 7.63 -2.36
N TRP B 39 -18.16 8.75 -2.82
CA TRP B 39 -17.35 9.82 -3.39
C TRP B 39 -16.88 10.70 -2.24
N ALA B 40 -16.05 10.11 -1.36
CA ALA B 40 -15.83 10.67 -0.04
C ALA B 40 -15.19 12.06 -0.12
N THR B 41 -15.53 12.90 0.86
CA THR B 41 -14.97 14.24 0.97
C THR B 41 -13.59 14.23 1.60
N HIS B 42 -13.09 13.06 2.03
CA HIS B 42 -11.74 13.01 2.58
C HIS B 42 -10.72 13.54 1.60
N ALA B 43 -10.97 13.38 0.29
CA ALA B 43 -10.04 13.87 -0.72
C ALA B 43 -10.33 15.32 -1.08
N CYS B 44 -11.54 15.60 -1.55
CA CYS B 44 -11.86 16.93 -2.05
C CYS B 44 -11.69 17.97 -0.95
N VAL B 45 -11.12 19.11 -1.33
CA VAL B 45 -10.86 20.21 -0.41
C VAL B 45 -12.14 21.00 -0.21
N PRO B 46 -12.28 21.78 0.86
CA PRO B 46 -13.47 22.63 1.00
C PRO B 46 -13.56 23.62 -0.14
N THR B 47 -14.78 23.85 -0.61
CA THR B 47 -14.99 24.70 -1.77
C THR B 47 -15.01 26.17 -1.35
N ASP B 48 -14.89 27.04 -2.35
CA ASP B 48 -14.86 28.48 -2.11
C ASP B 48 -16.19 28.94 -1.53
N PRO B 49 -16.19 29.98 -0.69
CA PRO B 49 -17.47 30.45 -0.11
C PRO B 49 -18.45 30.97 -1.14
N ASN B 50 -17.98 31.42 -2.31
CA ASN B 50 -18.87 31.96 -3.32
C ASN B 50 -18.19 31.85 -4.67
N PRO B 51 -18.97 31.79 -5.76
CA PRO B 51 -18.37 31.76 -7.10
C PRO B 51 -17.67 33.07 -7.44
N GLN B 52 -16.71 32.98 -8.34
CA GLN B 52 -15.91 34.13 -8.75
C GLN B 52 -15.77 34.14 -10.28
N GLU B 53 -16.88 33.95 -10.98
CA GLU B 53 -16.83 33.91 -12.44
C GLU B 53 -16.55 35.29 -13.02
N ILE B 54 -15.87 35.31 -14.16
CA ILE B 54 -15.45 36.54 -14.82
C ILE B 54 -15.84 36.43 -16.29
N HIS B 55 -16.58 37.43 -16.78
CA HIS B 55 -16.99 37.44 -18.18
C HIS B 55 -15.92 38.09 -19.06
N LEU B 56 -15.73 37.54 -20.25
CA LEU B 56 -14.72 38.01 -21.20
C LEU B 56 -15.44 38.54 -22.44
N GLU B 57 -15.45 39.85 -22.61
CA GLU B 57 -16.01 40.44 -23.81
C GLU B 57 -15.06 40.26 -24.98
N ASN B 58 -15.63 40.31 -26.19
CA ASN B 58 -14.87 40.30 -27.44
C ASN B 58 -14.21 38.95 -27.71
N VAL B 59 -14.35 37.99 -26.80
CA VAL B 59 -13.57 36.76 -26.88
C VAL B 59 -14.36 35.69 -27.61
N THR B 60 -13.69 35.00 -28.55
CA THR B 60 -14.22 33.83 -29.22
C THR B 60 -13.24 32.67 -29.04
N GLU B 61 -13.78 31.49 -28.74
CA GLU B 61 -12.97 30.31 -28.48
C GLU B 61 -13.59 29.12 -29.20
N GLU B 62 -12.74 28.15 -29.55
CA GLU B 62 -13.17 26.96 -30.28
C GLU B 62 -13.27 25.79 -29.31
N PHE B 63 -14.46 25.23 -29.17
CA PHE B 63 -14.72 24.13 -28.25
C PHE B 63 -14.88 22.80 -29.01
N ASN B 64 -14.78 21.71 -28.26
CA ASN B 64 -15.09 20.37 -28.77
C ASN B 64 -15.42 19.48 -27.60
N MET B 65 -16.70 19.15 -27.42
CA MET B 65 -17.13 18.34 -26.30
C MET B 65 -16.66 16.90 -26.39
N TRP B 66 -16.31 16.42 -27.58
CA TRP B 66 -16.06 15.00 -27.78
C TRP B 66 -14.60 14.61 -27.62
N LYS B 67 -13.69 15.58 -27.60
CA LYS B 67 -12.27 15.33 -27.36
C LYS B 67 -11.81 15.88 -26.02
N ASN B 68 -12.73 16.12 -25.09
CA ASN B 68 -12.39 16.73 -23.81
C ASN B 68 -11.59 15.77 -22.93
N ASN B 69 -10.50 16.26 -22.36
CA ASN B 69 -9.73 15.47 -21.41
C ASN B 69 -10.39 15.46 -20.03
N MET B 70 -11.25 16.44 -19.76
CA MET B 70 -11.93 16.47 -18.46
C MET B 70 -12.75 15.22 -18.23
N VAL B 71 -13.48 14.76 -19.24
CA VAL B 71 -14.33 13.59 -19.06
C VAL B 71 -13.51 12.36 -18.73
N GLU B 72 -12.37 12.16 -19.39
CA GLU B 72 -11.53 11.00 -19.09
C GLU B 72 -10.99 11.08 -17.68
N GLN B 73 -10.56 12.26 -17.24
CA GLN B 73 -10.04 12.41 -15.89
C GLN B 73 -11.12 12.22 -14.83
N MET B 74 -12.38 12.47 -15.17
CA MET B 74 -13.47 12.20 -14.23
C MET B 74 -13.78 10.70 -14.17
N HIS B 75 -13.67 10.01 -15.30
CA HIS B 75 -13.97 8.58 -15.33
C HIS B 75 -13.04 7.82 -14.39
N THR B 76 -11.74 8.05 -14.51
CA THR B 76 -10.79 7.30 -13.70
C THR B 76 -10.96 7.58 -12.22
N ASP B 77 -11.12 8.85 -11.85
CA ASP B 77 -11.25 9.21 -10.44
C ASP B 77 -12.52 8.65 -9.81
N ILE B 78 -13.64 8.66 -10.54
CA ILE B 78 -14.86 8.05 -10.02
C ILE B 78 -14.66 6.57 -9.79
N ILE B 79 -13.96 5.90 -10.71
CA ILE B 79 -13.66 4.48 -10.53
C ILE B 79 -12.75 4.28 -9.33
N SER B 80 -11.69 5.09 -9.24
CA SER B 80 -10.74 4.93 -8.14
C SER B 80 -11.40 5.19 -6.79
N LEU B 81 -12.18 6.27 -6.68
CA LEU B 81 -12.85 6.56 -5.42
C LEU B 81 -13.81 5.45 -5.04
N TRP B 82 -14.42 4.78 -6.02
CA TRP B 82 -15.31 3.67 -5.75
C TRP B 82 -14.56 2.52 -5.08
N ASP B 83 -13.38 2.18 -5.61
CA ASP B 83 -12.64 1.03 -5.10
C ASP B 83 -12.16 1.27 -3.68
N GLN B 84 -11.50 2.41 -3.44
CA GLN B 84 -10.92 2.67 -2.13
C GLN B 84 -11.97 2.70 -1.03
N SER B 85 -13.23 2.91 -1.36
CA SER B 85 -14.30 2.82 -0.36
C SER B 85 -14.63 1.37 -0.03
N LEU B 86 -14.41 0.45 -0.96
CA LEU B 86 -14.77 -0.95 -0.76
C LEU B 86 -13.66 -1.77 -0.12
N LYS B 87 -12.45 -1.23 -0.02
CA LYS B 87 -11.31 -1.99 0.49
C LYS B 87 -11.50 -2.55 1.90
N PRO B 88 -11.90 -1.76 2.90
CA PRO B 88 -11.97 -2.31 4.26
C PRO B 88 -13.08 -3.32 4.48
N CYS B 89 -14.07 -3.39 3.60
CA CYS B 89 -15.25 -4.19 3.85
C CYS B 89 -14.94 -5.68 3.76
N VAL B 90 -15.75 -6.49 4.45
CA VAL B 90 -15.54 -7.93 4.49
C VAL B 90 -15.65 -8.50 3.09
N LYS B 91 -14.85 -9.54 2.82
CA LYS B 91 -14.86 -10.23 1.54
C LYS B 91 -15.62 -11.54 1.67
N LEU B 92 -16.64 -11.73 0.85
CA LEU B 92 -17.53 -12.89 0.95
C LEU B 92 -16.98 -14.08 0.18
N THR B 93 -15.78 -14.51 0.58
CA THR B 93 -15.23 -15.74 0.03
C THR B 93 -15.91 -17.00 0.58
N PRO B 94 -16.34 -17.07 1.84
CA PRO B 94 -16.95 -18.32 2.31
C PRO B 94 -18.36 -18.57 1.78
N LEU B 95 -18.93 -17.65 1.01
CA LEU B 95 -20.24 -17.86 0.43
C LEU B 95 -20.20 -18.76 -0.80
N CYS B 96 -19.02 -19.09 -1.31
CA CYS B 96 -18.91 -19.97 -2.48
C CYS B 96 -18.89 -21.41 -1.99
N VAL B 97 -20.09 -21.91 -1.66
CA VAL B 97 -20.32 -23.31 -1.33
C VAL B 97 -21.48 -23.78 -2.20
N THR B 98 -21.85 -25.05 -2.02
CA THR B 98 -23.02 -25.57 -2.71
C THR B 98 -24.28 -25.13 -2.00
N LEU B 99 -25.22 -24.57 -2.76
CA LEU B 99 -26.49 -24.08 -2.23
C LEU B 99 -27.58 -25.09 -2.54
N GLN B 100 -28.53 -25.22 -1.63
CA GLN B 100 -29.69 -26.10 -1.80
C GLN B 100 -30.94 -25.24 -1.73
N CYS B 101 -31.57 -25.01 -2.88
CA CYS B 101 -32.58 -23.97 -3.01
C CYS B 101 -33.92 -24.57 -3.42
N THR B 102 -34.99 -23.90 -3.00
CA THR B 102 -36.34 -24.23 -3.40
C THR B 102 -37.12 -22.94 -3.60
N ASN B 103 -38.13 -23.00 -4.47
CA ASN B 103 -38.91 -21.80 -4.78
C ASN B 103 -39.72 -21.36 -3.57
N VAL B 104 -39.94 -20.05 -3.47
CA VAL B 104 -40.85 -19.51 -2.46
C VAL B 104 -42.24 -19.42 -3.06
N THR B 105 -43.22 -20.02 -2.38
CA THR B 105 -44.56 -20.18 -2.92
C THR B 105 -45.63 -19.49 -2.10
N ASN B 106 -45.27 -18.80 -1.03
CA ASN B 106 -46.24 -18.36 -0.02
C ASN B 106 -47.30 -17.44 -0.62
N ASN B 107 -46.91 -16.24 -0.99
CA ASN B 107 -47.85 -15.23 -1.50
C ASN B 107 -47.18 -14.54 -2.68
N ILE B 108 -47.40 -15.06 -3.88
CA ILE B 108 -46.66 -14.67 -5.07
C ILE B 108 -47.64 -14.20 -6.14
N THR B 109 -47.37 -13.01 -6.67
CA THR B 109 -48.09 -12.55 -7.87
C THR B 109 -47.66 -13.40 -9.05
N ASP B 110 -48.61 -13.71 -9.94
CA ASP B 110 -48.31 -14.57 -11.07
C ASP B 110 -47.18 -14.02 -11.93
N ASP B 111 -46.99 -12.70 -11.90
CA ASP B 111 -45.99 -12.04 -12.73
C ASP B 111 -44.56 -12.52 -12.42
N MET B 112 -44.31 -13.02 -11.23
CA MET B 112 -42.95 -13.37 -10.83
C MET B 112 -42.92 -14.74 -10.16
N ARG B 113 -43.57 -15.72 -10.79
CA ARG B 113 -43.45 -17.10 -10.33
C ARG B 113 -42.00 -17.55 -10.44
N GLY B 114 -41.43 -18.00 -9.32
CA GLY B 114 -40.08 -18.48 -9.33
C GLY B 114 -39.03 -17.43 -9.62
N GLU B 115 -39.21 -16.21 -9.11
CA GLU B 115 -38.24 -15.14 -9.33
C GLU B 115 -37.18 -15.06 -8.24
N LEU B 116 -37.52 -15.42 -7.01
CA LEU B 116 -36.52 -15.53 -5.95
C LEU B 116 -36.70 -16.85 -5.22
N LYS B 117 -35.61 -17.34 -4.65
CA LYS B 117 -35.51 -18.72 -4.19
C LYS B 117 -35.08 -18.75 -2.72
N ASN B 118 -35.35 -19.88 -2.07
CA ASN B 118 -35.07 -20.07 -0.65
C ASN B 118 -33.90 -21.04 -0.52
N CYS B 119 -32.71 -20.50 -0.29
CA CYS B 119 -31.47 -21.27 -0.36
C CYS B 119 -30.89 -21.49 1.03
N SER B 120 -30.29 -22.65 1.23
CA SER B 120 -29.63 -23.01 2.48
C SER B 120 -28.27 -23.62 2.20
N PHE B 121 -27.36 -23.46 3.16
CA PHE B 121 -25.98 -23.90 2.96
C PHE B 121 -25.28 -24.00 4.31
N ASN B 122 -24.21 -24.79 4.33
CA ASN B 122 -23.39 -24.94 5.53
C ASN B 122 -22.46 -23.76 5.70
N MET B 123 -22.05 -23.51 6.95
CA MET B 123 -21.17 -22.40 7.26
C MET B 123 -20.54 -22.65 8.62
N THR B 124 -19.46 -21.93 8.90
CA THR B 124 -18.85 -21.94 10.23
C THR B 124 -19.37 -20.76 11.04
N THR B 125 -19.29 -20.89 12.35
CA THR B 125 -19.61 -19.78 13.24
C THR B 125 -18.34 -18.97 13.49
N GLU B 126 -18.37 -18.09 14.49
CA GLU B 126 -17.19 -17.26 14.76
C GLU B 126 -15.98 -18.12 15.11
N LEU B 127 -16.18 -19.38 15.48
CA LEU B 127 -15.11 -20.32 15.75
C LEU B 127 -14.89 -21.19 14.52
N ARG B 128 -13.62 -21.54 14.28
CA ARG B 128 -13.27 -22.23 13.04
C ARG B 128 -13.94 -23.60 12.94
N ASP B 129 -13.99 -24.33 14.05
CA ASP B 129 -14.34 -25.75 14.03
C ASP B 129 -15.71 -26.04 14.60
N LYS B 130 -16.70 -25.18 14.36
CA LYS B 130 -18.06 -25.40 14.83
C LYS B 130 -19.03 -25.17 13.68
N LYS B 131 -20.02 -26.06 13.55
CA LYS B 131 -20.92 -26.02 12.42
C LYS B 131 -21.88 -24.84 12.52
N GLN B 132 -22.56 -24.56 11.41
CA GLN B 132 -23.68 -23.63 11.38
C GLN B 132 -24.40 -23.79 10.05
N LYS B 133 -25.71 -23.95 10.12
CA LYS B 133 -26.55 -24.03 8.93
C LYS B 133 -27.40 -22.77 8.84
N VAL B 134 -27.33 -22.09 7.70
CA VAL B 134 -28.01 -20.82 7.50
C VAL B 134 -28.79 -20.88 6.19
N TYR B 135 -29.75 -19.97 6.04
CA TYR B 135 -30.49 -19.85 4.80
C TYR B 135 -30.67 -18.37 4.48
N SER B 136 -30.97 -18.10 3.22
CA SER B 136 -31.23 -16.74 2.76
C SER B 136 -31.98 -16.78 1.45
N LEU B 137 -32.79 -15.75 1.22
CA LEU B 137 -33.42 -15.60 -0.09
C LEU B 137 -32.45 -14.97 -1.06
N PHE B 138 -32.41 -15.52 -2.28
CA PHE B 138 -31.59 -14.97 -3.36
C PHE B 138 -32.50 -14.74 -4.56
N TYR B 139 -32.10 -13.78 -5.40
CA TYR B 139 -32.82 -13.55 -6.64
C TYR B 139 -32.33 -14.53 -7.70
N ARG B 140 -33.23 -14.89 -8.61
CA ARG B 140 -32.93 -15.93 -9.58
C ARG B 140 -31.78 -15.56 -10.50
N LEU B 141 -31.49 -14.27 -10.67
CA LEU B 141 -30.39 -13.87 -11.53
C LEU B 141 -29.03 -14.08 -10.88
N ASP B 142 -28.99 -14.29 -9.57
CA ASP B 142 -27.74 -14.42 -8.85
C ASP B 142 -27.30 -15.86 -8.64
N VAL B 143 -28.11 -16.84 -9.01
CA VAL B 143 -27.81 -18.25 -8.79
C VAL B 143 -27.88 -18.99 -10.11
N VAL B 144 -26.92 -19.89 -10.33
CA VAL B 144 -26.86 -20.73 -11.52
C VAL B 144 -26.76 -22.18 -11.10
N GLN B 145 -27.55 -23.03 -11.76
CA GLN B 145 -27.62 -24.43 -11.38
C GLN B 145 -26.33 -25.17 -11.69
N ILE B 146 -25.97 -26.12 -10.83
CA ILE B 146 -24.81 -26.99 -11.06
C ILE B 146 -25.24 -28.45 -10.98
N ASN B 147 -26.32 -28.72 -10.27
CA ASN B 147 -26.86 -30.07 -10.12
C ASN B 147 -25.76 -31.09 -9.88
N LYS B 159 -30.99 -30.17 -7.49
CA LYS B 159 -31.45 -28.87 -7.03
C LYS B 159 -30.34 -28.12 -6.31
N GLU B 160 -29.09 -28.38 -6.72
CA GLU B 160 -27.95 -27.67 -6.18
C GLU B 160 -27.58 -26.48 -7.07
N TYR B 161 -27.23 -25.36 -6.44
CA TYR B 161 -26.89 -24.14 -7.14
C TYR B 161 -25.61 -23.55 -6.55
N ARG B 162 -25.20 -22.42 -7.12
CA ARG B 162 -24.10 -21.62 -6.59
C ARG B 162 -24.30 -20.18 -7.04
N LEU B 163 -23.60 -19.27 -6.36
CA LEU B 163 -23.66 -17.87 -6.75
C LEU B 163 -22.95 -17.65 -8.08
N ILE B 164 -23.48 -16.70 -8.85
CA ILE B 164 -23.03 -16.53 -10.24
C ILE B 164 -21.55 -16.21 -10.30
N ASN B 165 -21.02 -15.55 -9.27
CA ASN B 165 -19.67 -14.98 -9.33
C ASN B 165 -18.58 -15.98 -8.96
N CYS B 166 -18.95 -17.18 -8.50
CA CYS B 166 -17.93 -18.06 -7.91
C CYS B 166 -16.85 -18.43 -8.93
N ASN B 167 -17.23 -18.73 -10.17
CA ASN B 167 -16.25 -19.22 -11.13
C ASN B 167 -15.45 -18.10 -11.78
N THR B 168 -15.65 -16.85 -11.38
CA THR B 168 -14.87 -15.73 -11.90
C THR B 168 -14.10 -15.00 -10.81
N SER B 169 -14.70 -14.78 -9.65
CA SER B 169 -14.04 -14.04 -8.58
C SER B 169 -14.92 -14.08 -7.34
N ALA B 170 -14.35 -13.66 -6.23
CA ALA B 170 -15.09 -13.44 -4.99
C ALA B 170 -15.09 -11.95 -4.71
N CYS B 171 -16.28 -11.38 -4.50
CA CYS B 171 -16.37 -9.94 -4.35
C CYS B 171 -16.82 -9.52 -2.96
N THR B 172 -16.61 -8.24 -2.65
CA THR B 172 -16.69 -7.75 -1.28
C THR B 172 -18.08 -7.21 -0.98
N GLN B 173 -18.57 -7.51 0.22
CA GLN B 173 -19.84 -6.95 0.66
C GLN B 173 -19.71 -5.46 0.88
N ALA B 174 -20.72 -4.70 0.44
CA ALA B 174 -20.71 -3.26 0.65
C ALA B 174 -20.89 -2.96 2.13
N CYS B 175 -20.03 -2.10 2.66
CA CYS B 175 -20.12 -1.77 4.07
C CYS B 175 -21.47 -1.12 4.35
N PRO B 176 -22.19 -1.56 5.39
CA PRO B 176 -23.54 -1.02 5.62
C PRO B 176 -23.57 0.46 5.91
N LYS B 177 -22.51 1.03 6.50
CA LYS B 177 -22.55 2.41 6.92
C LYS B 177 -22.10 3.40 5.85
N VAL B 178 -21.61 2.92 4.70
CA VAL B 178 -21.33 3.81 3.59
C VAL B 178 -22.58 3.95 2.72
N SER B 179 -22.62 5.01 1.93
CA SER B 179 -23.78 5.32 1.11
C SER B 179 -23.33 5.68 -0.31
N PHE B 180 -24.17 5.32 -1.28
CA PHE B 180 -23.86 5.58 -2.68
C PHE B 180 -24.43 6.90 -3.18
N GLU B 181 -25.12 7.65 -2.33
CA GLU B 181 -25.84 8.83 -2.79
C GLU B 181 -24.86 9.85 -3.38
N PRO B 182 -25.07 10.31 -4.62
CA PRO B 182 -24.10 11.26 -5.22
C PRO B 182 -24.17 12.65 -4.60
N ILE B 183 -23.07 13.09 -4.01
CA ILE B 183 -22.97 14.49 -3.58
C ILE B 183 -22.22 15.28 -4.64
N PRO B 184 -22.59 16.53 -4.93
CA PRO B 184 -21.87 17.28 -5.96
C PRO B 184 -20.39 17.42 -5.61
N ILE B 185 -19.55 17.32 -6.64
CA ILE B 185 -18.11 17.49 -6.51
C ILE B 185 -17.64 18.47 -7.58
N HIS B 186 -16.84 19.44 -7.17
CA HIS B 186 -16.38 20.51 -8.03
C HIS B 186 -14.94 20.24 -8.48
N TYR B 187 -14.66 20.49 -9.75
CA TYR B 187 -13.35 20.25 -10.33
C TYR B 187 -12.64 21.57 -10.58
N CYS B 188 -11.57 21.82 -9.83
CA CYS B 188 -10.88 23.09 -9.88
C CYS B 188 -9.47 22.93 -10.44
N ALA B 189 -9.02 23.98 -11.15
CA ALA B 189 -7.81 23.96 -11.94
C ALA B 189 -6.60 24.38 -11.11
N PRO B 190 -5.41 23.83 -11.40
CA PRO B 190 -4.20 24.27 -10.68
C PRO B 190 -3.77 25.67 -11.10
N ALA B 191 -2.75 26.16 -10.42
CA ALA B 191 -2.17 27.46 -10.76
C ALA B 191 -1.55 27.42 -12.15
N GLY B 192 -1.64 28.53 -12.86
CA GLY B 192 -1.14 28.62 -14.22
C GLY B 192 -2.10 28.13 -15.27
N PHE B 193 -3.27 27.64 -14.87
CA PHE B 193 -4.28 27.15 -15.79
C PHE B 193 -5.60 27.86 -15.52
N ALA B 194 -6.51 27.75 -16.48
CA ALA B 194 -7.81 28.39 -16.39
C ALA B 194 -8.87 27.51 -17.03
N ILE B 195 -10.11 27.75 -16.66
CA ILE B 195 -11.26 27.03 -17.21
C ILE B 195 -12.15 28.04 -17.91
N LEU B 196 -12.47 27.77 -19.17
CA LEU B 196 -13.34 28.61 -19.98
C LEU B 196 -14.71 27.94 -20.08
N LYS B 197 -15.75 28.66 -19.70
CA LYS B 197 -17.12 28.15 -19.71
C LYS B 197 -17.89 28.82 -20.84
N CYS B 198 -18.57 28.03 -21.66
CA CYS B 198 -19.37 28.57 -22.75
C CYS B 198 -20.79 28.82 -22.27
N LYS B 199 -21.24 30.07 -22.40
CA LYS B 199 -22.56 30.48 -21.92
C LYS B 199 -23.59 30.56 -23.04
N ASP B 200 -23.24 30.14 -24.25
CA ASP B 200 -24.17 30.19 -25.37
C ASP B 200 -25.34 29.24 -25.11
N LYS B 201 -26.57 29.72 -25.32
CA LYS B 201 -27.73 28.88 -25.13
C LYS B 201 -27.98 27.95 -26.31
N LYS B 202 -27.41 28.26 -27.49
CA LYS B 202 -27.65 27.49 -28.70
C LYS B 202 -26.50 26.54 -29.01
N PHE B 203 -25.55 26.38 -28.11
CA PHE B 203 -24.33 25.64 -28.40
C PHE B 203 -24.67 24.20 -28.78
N ASN B 204 -24.00 23.69 -29.82
CA ASN B 204 -24.19 22.32 -30.27
C ASN B 204 -22.98 21.44 -29.99
N GLY B 205 -22.11 21.83 -29.08
CA GLY B 205 -21.03 21.00 -28.61
C GLY B 205 -19.75 21.10 -29.39
N THR B 206 -19.76 21.80 -30.53
CA THR B 206 -18.55 21.97 -31.33
C THR B 206 -18.65 23.30 -32.06
N GLY B 207 -17.49 23.85 -32.40
CA GLY B 207 -17.43 25.13 -33.08
C GLY B 207 -17.20 26.28 -32.14
N PRO B 208 -17.12 27.49 -32.67
CA PRO B 208 -16.82 28.66 -31.84
C PRO B 208 -17.96 28.98 -30.87
N CYS B 209 -17.58 29.55 -29.72
CA CYS B 209 -18.54 29.95 -28.71
C CYS B 209 -18.41 31.46 -28.47
N PRO B 210 -19.35 32.28 -28.94
CA PRO B 210 -19.17 33.74 -28.84
C PRO B 210 -19.30 34.31 -27.44
N SER B 211 -19.65 33.52 -26.43
CA SER B 211 -19.98 34.05 -25.11
C SER B 211 -19.12 33.37 -24.04
N VAL B 212 -17.81 33.33 -24.27
CA VAL B 212 -16.90 32.68 -23.34
C VAL B 212 -16.82 33.49 -22.05
N SER B 213 -16.62 32.78 -20.94
CA SER B 213 -16.28 33.38 -19.66
C SER B 213 -15.39 32.40 -18.90
N THR B 214 -14.67 32.93 -17.92
CA THR B 214 -13.76 32.11 -17.12
C THR B 214 -14.27 32.05 -15.69
N VAL B 215 -14.04 30.89 -15.07
CA VAL B 215 -14.49 30.63 -13.71
C VAL B 215 -13.37 29.90 -12.97
N GLN B 216 -13.24 30.19 -11.68
CA GLN B 216 -12.25 29.49 -10.88
C GLN B 216 -12.39 27.97 -11.04
N CYS B 217 -13.61 27.46 -10.95
CA CYS B 217 -13.84 26.05 -11.23
C CYS B 217 -15.31 25.71 -11.35
N THR B 218 -15.56 24.47 -11.78
CA THR B 218 -16.84 24.06 -12.34
C THR B 218 -17.95 24.07 -11.30
N HIS B 219 -19.18 23.95 -11.78
CA HIS B 219 -20.33 23.87 -10.90
C HIS B 219 -20.41 22.47 -10.29
N GLY B 220 -21.33 22.31 -9.34
CA GLY B 220 -21.54 21.00 -8.73
C GLY B 220 -22.01 20.00 -9.77
N ILE B 221 -21.33 18.87 -9.85
CA ILE B 221 -21.70 17.78 -10.74
C ILE B 221 -21.97 16.54 -9.89
N LYS B 222 -23.14 15.93 -10.10
CA LYS B 222 -23.51 14.74 -9.35
C LYS B 222 -23.06 13.50 -10.09
N PRO B 223 -22.20 12.65 -9.51
CA PRO B 223 -21.79 11.42 -10.22
C PRO B 223 -22.88 10.35 -10.18
N VAL B 224 -23.93 10.55 -10.99
CA VAL B 224 -24.99 9.56 -11.11
C VAL B 224 -24.54 8.47 -12.08
N VAL B 225 -25.09 7.28 -11.90
CA VAL B 225 -24.83 6.14 -12.78
C VAL B 225 -26.16 5.65 -13.31
N SER B 226 -26.28 5.55 -14.64
CA SER B 226 -27.56 5.23 -15.27
C SER B 226 -27.29 4.64 -16.65
N THR B 227 -28.38 4.29 -17.33
CA THR B 227 -28.31 3.69 -18.66
C THR B 227 -29.64 3.91 -19.37
N GLN B 228 -29.55 4.36 -20.63
CA GLN B 228 -30.70 4.59 -21.50
C GLN B 228 -31.49 5.83 -21.11
N LEU B 229 -31.19 6.42 -19.96
CA LEU B 229 -31.89 7.59 -19.48
C LEU B 229 -31.02 8.32 -18.48
N LEU B 230 -30.90 9.63 -18.64
CA LEU B 230 -30.08 10.46 -17.78
C LEU B 230 -30.94 11.05 -16.68
N LEU B 231 -30.61 10.70 -15.43
CA LEU B 231 -31.42 11.07 -14.27
C LEU B 231 -30.73 12.14 -13.45
N ASN B 232 -31.54 12.95 -12.77
CA ASN B 232 -31.04 13.94 -11.82
C ASN B 232 -29.92 14.78 -12.44
N GLY B 233 -30.17 15.32 -13.63
CA GLY B 233 -29.18 16.12 -14.33
C GLY B 233 -29.57 17.58 -14.43
N SER B 234 -28.91 18.27 -15.35
CA SER B 234 -29.13 19.69 -15.58
C SER B 234 -29.87 19.89 -16.90
N LEU B 235 -30.93 20.69 -16.86
CA LEU B 235 -31.79 20.88 -18.01
C LEU B 235 -31.20 21.88 -18.99
N ALA B 236 -31.54 21.73 -20.27
CA ALA B 236 -31.21 22.72 -21.28
C ALA B 236 -32.09 23.94 -21.07
N GLU B 237 -31.97 24.94 -21.94
CA GLU B 237 -32.73 26.18 -21.80
C GLU B 237 -33.29 26.61 -23.15
N GLU B 238 -34.59 26.91 -23.14
CA GLU B 238 -35.29 27.52 -24.25
C GLU B 238 -35.60 26.55 -25.38
N GLU B 239 -35.02 25.35 -25.34
CA GLU B 239 -35.28 24.37 -26.40
C GLU B 239 -34.55 23.08 -26.07
N VAL B 240 -35.10 21.96 -26.56
CA VAL B 240 -34.43 20.69 -26.44
C VAL B 240 -33.23 20.65 -27.38
N MET B 241 -32.14 20.03 -26.93
CA MET B 241 -30.88 20.03 -27.64
C MET B 241 -30.48 18.63 -28.04
N ILE B 242 -29.93 18.51 -29.25
CA ILE B 242 -29.43 17.23 -29.78
C ILE B 242 -27.96 17.42 -30.14
N ARG B 243 -27.11 16.57 -29.58
CA ARG B 243 -25.67 16.70 -29.71
C ARG B 243 -25.09 15.40 -30.23
N SER B 244 -24.35 15.48 -31.34
CA SER B 244 -23.67 14.34 -31.93
C SER B 244 -22.53 14.86 -32.78
N GLU B 245 -21.45 14.08 -32.85
CA GLU B 245 -20.27 14.52 -33.60
C GLU B 245 -20.36 14.16 -35.07
N ASN B 246 -20.84 12.97 -35.40
CA ASN B 246 -20.95 12.54 -36.78
C ASN B 246 -22.37 12.02 -36.98
N ILE B 247 -23.32 12.94 -37.20
CA ILE B 247 -24.74 12.63 -37.10
C ILE B 247 -25.14 11.66 -38.21
N THR B 248 -24.40 11.67 -39.31
CA THR B 248 -24.71 10.82 -40.45
C THR B 248 -24.14 9.41 -40.28
N ASN B 249 -23.49 9.13 -39.16
CA ASN B 249 -22.96 7.80 -38.90
C ASN B 249 -24.09 6.85 -38.49
N ASN B 250 -23.69 5.64 -38.09
CA ASN B 250 -24.56 4.73 -37.37
C ASN B 250 -23.89 4.12 -36.15
N ALA B 251 -22.57 4.30 -35.99
CA ALA B 251 -21.85 3.90 -34.79
C ALA B 251 -21.56 5.08 -33.87
N LYS B 252 -22.35 6.14 -33.96
CA LYS B 252 -22.16 7.35 -33.16
C LYS B 252 -23.45 7.65 -32.42
N ASN B 253 -23.39 7.71 -31.09
CA ASN B 253 -24.58 7.92 -30.29
C ASN B 253 -25.05 9.37 -30.37
N ILE B 254 -26.33 9.56 -30.06
CA ILE B 254 -26.95 10.88 -30.01
C ILE B 254 -27.34 11.16 -28.57
N LEU B 255 -26.94 12.31 -28.06
CA LEU B 255 -27.24 12.72 -26.70
C LEU B 255 -28.33 13.79 -26.74
N VAL B 256 -29.48 13.48 -26.12
CA VAL B 256 -30.63 14.37 -26.11
C VAL B 256 -30.76 14.96 -24.71
N GLN B 257 -30.87 16.28 -24.63
CA GLN B 257 -31.03 16.98 -23.37
C GLN B 257 -32.37 17.71 -23.37
N PHE B 258 -33.15 17.49 -22.31
CA PHE B 258 -34.48 18.06 -22.20
C PHE B 258 -34.43 19.48 -21.64
N ASN B 259 -35.46 20.25 -21.93
CA ASN B 259 -35.64 21.58 -21.36
C ASN B 259 -36.68 21.58 -20.24
N THR B 260 -37.34 20.46 -19.99
CA THR B 260 -38.31 20.33 -18.91
C THR B 260 -38.24 18.89 -18.44
N PRO B 261 -38.22 18.62 -17.13
CA PRO B 261 -38.07 17.25 -16.67
C PRO B 261 -39.30 16.40 -16.97
N VAL B 262 -39.05 15.09 -17.05
CA VAL B 262 -40.10 14.08 -16.99
C VAL B 262 -39.88 13.30 -15.71
N GLN B 263 -40.93 13.22 -14.88
CA GLN B 263 -40.82 12.69 -13.54
C GLN B 263 -41.02 11.17 -13.57
N ILE B 264 -40.11 10.45 -12.93
CA ILE B 264 -40.17 9.00 -12.84
C ILE B 264 -40.20 8.59 -11.37
N ASN B 265 -41.22 7.82 -11.00
CA ASN B 265 -41.36 7.27 -9.66
C ASN B 265 -41.06 5.77 -9.71
N CYS B 266 -40.32 5.27 -8.73
CA CYS B 266 -39.96 3.87 -8.66
C CYS B 266 -40.16 3.35 -7.23
N THR B 267 -40.42 2.06 -7.13
CA THR B 267 -40.68 1.45 -5.83
C THR B 267 -40.33 -0.03 -5.87
N ARG B 268 -40.11 -0.60 -4.69
CA ARG B 268 -39.93 -2.04 -4.50
C ARG B 268 -40.85 -2.45 -3.36
N PRO B 269 -42.10 -2.80 -3.66
CA PRO B 269 -43.12 -2.88 -2.60
C PRO B 269 -42.82 -3.90 -1.50
N ASN B 270 -42.04 -4.96 -1.77
CA ASN B 270 -41.85 -6.01 -0.79
C ASN B 270 -41.29 -5.45 0.50
N ASN B 271 -41.82 -5.93 1.63
CA ASN B 271 -41.35 -5.54 2.96
C ASN B 271 -40.35 -6.58 3.44
N ASN B 272 -39.08 -6.36 3.08
CA ASN B 272 -38.05 -7.34 3.40
C ASN B 272 -37.57 -7.16 4.84
N THR B 273 -36.85 -8.18 5.31
CA THR B 273 -36.31 -8.21 6.67
C THR B 273 -34.87 -8.67 6.61
N ARG B 274 -34.03 -8.06 7.44
CA ARG B 274 -32.61 -8.39 7.46
C ARG B 274 -32.33 -9.52 8.45
N LYS B 275 -31.13 -10.07 8.33
CA LYS B 275 -30.67 -11.14 9.21
C LYS B 275 -29.15 -11.16 9.17
N SER B 276 -28.51 -10.77 10.25
CA SER B 276 -27.05 -10.62 10.29
C SER B 276 -26.45 -11.96 10.71
N ILE B 277 -25.85 -12.66 9.74
CA ILE B 277 -25.17 -13.91 10.01
C ILE B 277 -23.72 -13.62 10.39
N ARG B 278 -23.17 -14.45 11.27
CA ARG B 278 -21.80 -14.28 11.73
C ARG B 278 -20.91 -15.31 11.05
N ILE B 279 -19.89 -14.83 10.35
CA ILE B 279 -18.95 -15.70 9.63
C ILE B 279 -17.53 -15.20 9.84
N GLY B 280 -16.81 -15.82 10.78
CA GLY B 280 -15.44 -15.45 11.05
C GLY B 280 -15.35 -14.40 12.14
N PRO B 281 -14.16 -14.18 12.67
CA PRO B 281 -14.01 -13.20 13.78
C PRO B 281 -14.27 -11.79 13.32
N GLY B 282 -15.33 -11.19 13.86
CA GLY B 282 -15.61 -9.79 13.59
C GLY B 282 -16.16 -9.50 12.22
N GLN B 283 -16.74 -10.50 11.56
CA GLN B 283 -17.29 -10.35 10.22
C GLN B 283 -18.73 -10.84 10.21
N ALA B 284 -19.56 -10.20 9.38
CA ALA B 284 -20.97 -10.51 9.34
C ALA B 284 -21.46 -10.52 7.90
N PHE B 285 -22.49 -11.33 7.65
CA PHE B 285 -23.12 -11.47 6.35
C PHE B 285 -24.60 -11.18 6.51
N TYR B 286 -25.13 -10.24 5.73
CA TYR B 286 -26.51 -9.79 5.87
C TYR B 286 -27.37 -10.56 4.88
N ALA B 287 -28.09 -11.56 5.39
CA ALA B 287 -28.99 -12.34 4.56
C ALA B 287 -30.33 -11.62 4.39
N THR B 288 -31.15 -12.14 3.48
CA THR B 288 -32.42 -11.52 3.14
C THR B 288 -33.57 -12.00 4.02
N GLY B 289 -33.31 -12.88 4.98
CA GLY B 289 -34.34 -13.26 5.93
C GLY B 289 -35.59 -13.76 5.24
N ASP B 290 -36.73 -13.16 5.60
CA ASP B 290 -38.01 -13.54 5.00
C ASP B 290 -38.84 -12.27 4.83
N ILE B 291 -39.83 -12.37 3.95
CA ILE B 291 -40.62 -11.22 3.51
C ILE B 291 -41.95 -11.22 4.22
N ILE B 292 -42.37 -10.03 4.67
CA ILE B 292 -43.65 -9.85 5.34
C ILE B 292 -44.67 -9.39 4.30
N GLY B 293 -45.78 -10.09 4.22
CA GLY B 293 -46.85 -9.74 3.30
C GLY B 293 -46.86 -10.66 2.08
N ASP B 294 -46.92 -10.07 0.89
CA ASP B 294 -46.97 -10.83 -0.34
C ASP B 294 -45.95 -10.26 -1.32
N ILE B 295 -45.46 -11.12 -2.21
CA ILE B 295 -44.39 -10.76 -3.13
C ILE B 295 -45.02 -10.14 -4.37
N ARG B 296 -44.52 -8.97 -4.75
CA ARG B 296 -45.03 -8.25 -5.91
C ARG B 296 -43.87 -7.73 -6.75
N GLN B 297 -44.18 -7.32 -7.97
CA GLN B 297 -43.16 -6.86 -8.90
C GLN B 297 -42.78 -5.42 -8.62
N ALA B 298 -41.48 -5.14 -8.71
CA ALA B 298 -41.01 -3.76 -8.66
C ALA B 298 -41.29 -3.08 -10.01
N HIS B 299 -41.55 -1.78 -9.96
CA HIS B 299 -41.93 -1.08 -11.17
C HIS B 299 -41.68 0.42 -11.01
N CYS B 300 -41.70 1.12 -12.14
CA CYS B 300 -41.55 2.56 -12.18
C CYS B 300 -42.69 3.16 -13.00
N ASN B 301 -43.07 4.39 -12.68
CA ASN B 301 -44.19 5.06 -13.30
C ASN B 301 -43.75 6.34 -13.99
N VAL B 302 -44.33 6.59 -15.16
CA VAL B 302 -44.09 7.80 -15.94
C VAL B 302 -45.42 8.26 -16.51
N SER B 303 -45.62 9.57 -16.59
CA SER B 303 -46.90 10.08 -17.07
C SER B 303 -47.02 9.91 -18.57
N LYS B 304 -48.13 9.30 -19.00
CA LYS B 304 -48.36 9.11 -20.43
C LYS B 304 -48.55 10.42 -21.16
N ALA B 305 -49.04 11.45 -20.48
CA ALA B 305 -49.27 12.73 -21.13
C ALA B 305 -48.00 13.53 -21.26
N THR B 306 -47.21 13.61 -20.19
CA THR B 306 -46.01 14.43 -20.20
C THR B 306 -44.81 13.75 -20.86
N TRP B 307 -44.93 12.47 -21.21
CA TRP B 307 -43.85 11.77 -21.89
C TRP B 307 -44.00 11.84 -23.41
N ASN B 308 -45.23 11.71 -23.90
CA ASN B 308 -45.45 11.82 -25.34
C ASN B 308 -45.68 13.27 -25.75
N GLU B 309 -45.78 14.18 -24.79
CA GLU B 309 -45.58 15.60 -25.07
C GLU B 309 -44.11 15.95 -25.20
N THR B 310 -43.21 15.11 -24.66
CA THR B 310 -41.77 15.31 -24.76
C THR B 310 -41.19 14.68 -26.02
N LEU B 311 -41.64 13.47 -26.37
CA LEU B 311 -41.17 12.87 -27.61
C LEU B 311 -41.57 13.73 -28.81
N GLY B 312 -42.66 14.48 -28.69
CA GLY B 312 -43.04 15.38 -29.76
C GLY B 312 -42.11 16.58 -29.92
N LYS B 313 -41.40 16.94 -28.85
CA LYS B 313 -40.41 18.02 -28.93
C LYS B 313 -39.04 17.53 -29.35
N VAL B 314 -38.72 16.27 -29.07
CA VAL B 314 -37.46 15.70 -29.54
C VAL B 314 -37.52 15.48 -31.05
N VAL B 315 -38.65 14.99 -31.54
CA VAL B 315 -38.76 14.66 -32.96
C VAL B 315 -38.64 15.92 -33.82
N LYS B 316 -39.19 17.03 -33.36
CA LYS B 316 -39.14 18.26 -34.15
C LYS B 316 -37.73 18.80 -34.30
N GLN B 317 -36.77 18.32 -33.52
CA GLN B 317 -35.37 18.67 -33.72
C GLN B 317 -34.67 17.70 -34.65
N LEU B 318 -35.02 16.41 -34.57
CA LEU B 318 -34.47 15.44 -35.52
C LEU B 318 -35.01 15.68 -36.92
N ARG B 319 -36.18 16.30 -37.03
CA ARG B 319 -36.67 16.69 -38.36
C ARG B 319 -35.74 17.66 -39.04
N LYS B 320 -34.99 18.46 -38.27
CA LYS B 320 -34.02 19.37 -38.86
C LYS B 320 -32.87 18.60 -39.51
N HIS B 321 -32.31 17.63 -38.78
CA HIS B 321 -31.17 16.88 -39.30
C HIS B 321 -31.57 15.82 -40.31
N PHE B 322 -32.86 15.51 -40.46
CA PHE B 322 -33.28 14.34 -41.22
C PHE B 322 -34.44 14.63 -42.17
N GLY B 323 -34.61 15.87 -42.61
CA GLY B 323 -35.63 16.18 -43.58
C GLY B 323 -36.93 16.68 -42.96
N ASN B 324 -37.69 17.46 -43.73
CA ASN B 324 -38.93 18.05 -43.23
C ASN B 324 -40.12 17.11 -43.28
N ASN B 325 -40.00 15.94 -43.90
CA ASN B 325 -41.15 15.04 -44.05
C ASN B 325 -40.79 13.57 -43.83
N THR B 326 -39.68 13.27 -43.16
CA THR B 326 -39.31 11.90 -42.88
C THR B 326 -40.09 11.37 -41.69
N ILE B 327 -40.46 10.10 -41.74
CA ILE B 327 -41.35 9.49 -40.76
C ILE B 327 -40.46 8.77 -39.73
N ILE B 328 -40.48 9.26 -38.50
CA ILE B 328 -39.59 8.78 -37.45
C ILE B 328 -40.21 7.56 -36.77
N ARG B 329 -39.36 6.78 -36.10
CA ARG B 329 -39.78 5.54 -35.44
C ARG B 329 -38.87 5.27 -34.25
N PHE B 330 -39.47 4.79 -33.17
CA PHE B 330 -38.75 4.42 -31.96
C PHE B 330 -39.01 2.96 -31.63
N ALA B 331 -37.96 2.27 -31.17
CA ALA B 331 -38.07 0.84 -30.88
C ALA B 331 -37.21 0.51 -29.67
N ASN B 332 -37.45 -0.67 -29.11
CA ASN B 332 -36.75 -1.10 -27.91
C ASN B 332 -35.37 -1.65 -28.25
N SER B 333 -34.60 -1.91 -27.20
CA SER B 333 -33.19 -2.26 -27.37
C SER B 333 -33.02 -3.43 -28.32
N SER B 334 -31.92 -3.40 -29.08
CA SER B 334 -31.64 -4.49 -30.01
C SER B 334 -31.38 -5.80 -29.29
N GLY B 335 -30.62 -5.77 -28.20
CA GLY B 335 -30.31 -6.97 -27.46
C GLY B 335 -28.97 -6.93 -26.77
N GLY B 336 -28.61 -8.00 -26.07
CA GLY B 336 -27.34 -8.05 -25.37
C GLY B 336 -27.49 -8.46 -23.91
N ASP B 337 -26.66 -7.89 -23.06
CA ASP B 337 -26.69 -8.22 -21.63
C ASP B 337 -27.69 -7.33 -20.90
N LEU B 338 -28.13 -7.82 -19.73
CA LEU B 338 -29.15 -7.10 -18.98
C LEU B 338 -28.66 -5.72 -18.54
N GLU B 339 -27.35 -5.52 -18.46
CA GLU B 339 -26.80 -4.25 -18.04
C GLU B 339 -26.83 -3.20 -19.15
N VAL B 340 -27.08 -3.62 -20.39
CA VAL B 340 -27.05 -2.71 -21.53
C VAL B 340 -28.38 -2.62 -22.25
N THR B 341 -29.28 -3.59 -22.09
CA THR B 341 -30.58 -3.59 -22.72
C THR B 341 -31.69 -3.06 -21.81
N THR B 342 -31.34 -2.60 -20.62
CA THR B 342 -32.32 -2.15 -19.65
C THR B 342 -31.84 -0.87 -19.00
N HIS B 343 -32.80 -0.10 -18.48
CA HIS B 343 -32.52 1.17 -17.83
C HIS B 343 -32.05 0.89 -16.41
N SER B 344 -30.74 0.79 -16.25
CA SER B 344 -30.15 0.41 -14.97
C SER B 344 -29.87 1.65 -14.12
N PHE B 345 -30.01 1.48 -12.82
CA PHE B 345 -29.76 2.55 -11.84
C PHE B 345 -29.95 1.92 -10.46
N ASN B 346 -29.67 2.71 -9.43
CA ASN B 346 -29.94 2.32 -8.06
C ASN B 346 -30.56 3.50 -7.33
N CYS B 347 -31.58 3.21 -6.51
CA CYS B 347 -32.21 4.22 -5.69
C CYS B 347 -32.57 3.59 -4.36
N GLY B 348 -32.13 4.21 -3.27
CA GLY B 348 -32.31 3.61 -1.97
C GLY B 348 -31.34 2.51 -1.64
N GLY B 349 -30.25 2.40 -2.39
CA GLY B 349 -29.28 1.34 -2.15
C GLY B 349 -29.65 0.00 -2.75
N GLU B 350 -30.61 -0.03 -3.66
CA GLU B 350 -31.06 -1.26 -4.30
C GLU B 350 -30.97 -1.06 -5.81
N PHE B 351 -30.35 -2.02 -6.50
CA PHE B 351 -30.02 -1.87 -7.90
C PHE B 351 -31.17 -2.38 -8.77
N PHE B 352 -31.65 -1.54 -9.67
CA PHE B 352 -32.80 -1.82 -10.52
C PHE B 352 -32.34 -2.05 -11.95
N TYR B 353 -32.98 -3.01 -12.62
CA TYR B 353 -32.79 -3.24 -14.04
C TYR B 353 -34.17 -3.35 -14.68
N CYS B 354 -34.63 -2.25 -15.29
CA CYS B 354 -36.02 -2.11 -15.67
C CYS B 354 -36.18 -2.13 -17.17
N ASN B 355 -37.36 -2.55 -17.63
CA ASN B 355 -37.64 -2.80 -19.04
C ASN B 355 -38.29 -1.56 -19.63
N THR B 356 -37.55 -0.84 -20.48
CA THR B 356 -38.01 0.41 -21.07
C THR B 356 -38.74 0.22 -22.39
N SER B 357 -39.25 -0.98 -22.68
CA SER B 357 -39.92 -1.22 -23.94
C SER B 357 -41.25 -0.50 -24.04
N GLY B 358 -41.78 0.04 -22.94
CA GLY B 358 -43.07 0.73 -23.01
C GLY B 358 -42.96 2.15 -23.53
N LEU B 359 -41.79 2.78 -23.36
CA LEU B 359 -41.61 4.17 -23.72
C LEU B 359 -41.17 4.35 -25.17
N PHE B 360 -40.30 3.49 -25.67
CA PHE B 360 -39.78 3.61 -27.03
C PHE B 360 -40.59 2.71 -27.96
N ASN B 361 -41.82 3.17 -28.22
CA ASN B 361 -42.76 2.41 -29.04
C ASN B 361 -43.76 3.42 -29.61
N SER B 362 -43.57 3.83 -30.85
CA SER B 362 -44.46 4.79 -31.50
C SER B 362 -43.97 5.01 -32.92
N THR B 363 -44.77 5.77 -33.67
CA THR B 363 -44.41 6.20 -35.01
C THR B 363 -45.00 7.58 -35.26
N TRP B 364 -44.18 8.47 -35.83
CA TRP B 364 -44.56 9.86 -36.07
C TRP B 364 -44.53 10.11 -37.57
N ILE B 365 -45.65 10.56 -38.12
CA ILE B 365 -45.91 10.45 -39.55
C ILE B 365 -45.74 11.76 -40.31
N SER B 366 -45.67 12.89 -39.62
CA SER B 366 -45.61 14.19 -40.28
C SER B 366 -46.91 14.48 -41.04
N ASN B 379 -54.86 8.50 -13.93
CA ASN B 379 -54.51 8.66 -15.34
C ASN B 379 -53.96 7.35 -15.92
N ASP B 380 -53.35 7.45 -17.09
CA ASP B 380 -52.84 6.29 -17.81
C ASP B 380 -51.32 6.17 -17.73
N SER B 381 -50.73 6.50 -16.59
CA SER B 381 -49.28 6.50 -16.45
C SER B 381 -48.69 5.14 -16.83
N ILE B 382 -47.58 5.19 -17.55
CA ILE B 382 -46.94 3.96 -18.03
C ILE B 382 -46.19 3.29 -16.89
N THR B 383 -46.21 1.96 -16.87
CA THR B 383 -45.53 1.16 -15.86
C THR B 383 -44.40 0.38 -16.49
N LEU B 384 -43.22 0.46 -15.88
CA LEU B 384 -42.05 -0.28 -16.34
C LEU B 384 -41.70 -1.33 -15.32
N PRO B 385 -41.83 -2.63 -15.60
CA PRO B 385 -41.43 -3.64 -14.62
C PRO B 385 -39.91 -3.75 -14.51
N CYS B 386 -39.43 -3.90 -13.29
CA CYS B 386 -38.00 -3.96 -13.01
C CYS B 386 -37.64 -5.26 -12.30
N ARG B 387 -36.37 -5.65 -12.44
CA ARG B 387 -35.81 -6.81 -11.75
C ARG B 387 -34.63 -6.35 -10.90
N ILE B 388 -34.51 -6.91 -9.72
CA ILE B 388 -33.45 -6.54 -8.79
C ILE B 388 -32.32 -7.55 -8.86
N LYS B 389 -31.12 -7.11 -8.47
CA LYS B 389 -29.96 -7.97 -8.37
C LYS B 389 -29.14 -7.56 -7.15
N GLN B 390 -28.25 -8.45 -6.73
CA GLN B 390 -27.38 -8.20 -5.61
C GLN B 390 -25.90 -8.45 -5.90
N ILE B 391 -25.58 -9.12 -7.00
CA ILE B 391 -24.19 -9.28 -7.44
C ILE B 391 -23.98 -8.27 -8.57
N ILE B 392 -23.12 -7.28 -8.33
CA ILE B 392 -23.01 -6.10 -9.18
C ILE B 392 -21.62 -6.08 -9.82
N ASN B 393 -21.58 -5.91 -11.14
CA ASN B 393 -20.33 -5.73 -11.88
C ASN B 393 -20.38 -4.34 -12.52
N MET B 394 -19.83 -3.37 -11.80
CA MET B 394 -19.87 -1.99 -12.25
C MET B 394 -18.62 -1.66 -13.05
N TRP B 395 -18.73 -0.65 -13.90
CA TRP B 395 -17.62 -0.16 -14.72
C TRP B 395 -17.18 -1.19 -15.76
N GLN B 396 -18.04 -2.16 -16.07
CA GLN B 396 -17.78 -3.13 -17.14
C GLN B 396 -16.49 -3.90 -16.94
N ARG B 397 -16.02 -4.03 -15.70
CA ARG B 397 -14.82 -4.79 -15.42
C ARG B 397 -15.16 -6.26 -15.21
N ILE B 398 -14.16 -7.12 -15.36
CA ILE B 398 -14.31 -8.56 -15.25
C ILE B 398 -13.38 -9.06 -14.15
N GLY B 399 -13.88 -10.00 -13.35
CA GLY B 399 -13.13 -10.49 -12.22
C GLY B 399 -13.33 -9.68 -10.95
N GLN B 400 -14.25 -8.73 -10.94
CA GLN B 400 -14.46 -7.88 -9.78
C GLN B 400 -15.92 -7.45 -9.71
N CYS B 401 -16.62 -7.96 -8.70
CA CYS B 401 -18.02 -7.67 -8.49
C CYS B 401 -18.21 -7.06 -7.12
N MET B 402 -19.47 -6.88 -6.72
CA MET B 402 -19.81 -6.38 -5.40
C MET B 402 -21.14 -6.98 -4.96
N TYR B 403 -21.31 -7.15 -3.66
CA TYR B 403 -22.53 -7.70 -3.10
C TYR B 403 -23.30 -6.58 -2.39
N ALA B 404 -24.56 -6.40 -2.75
CA ALA B 404 -25.38 -5.34 -2.18
C ALA B 404 -26.18 -5.89 -1.01
N PRO B 405 -25.98 -5.40 0.21
CA PRO B 405 -26.77 -5.90 1.33
C PRO B 405 -28.24 -5.53 1.14
N PRO B 406 -29.16 -6.33 1.68
CA PRO B 406 -30.57 -5.99 1.56
C PRO B 406 -30.93 -4.77 2.39
N ILE B 407 -32.05 -4.15 2.06
CA ILE B 407 -32.53 -2.95 2.73
C ILE B 407 -33.84 -3.28 3.43
N GLN B 408 -33.94 -2.89 4.70
CA GLN B 408 -35.15 -3.12 5.47
C GLN B 408 -36.30 -2.27 4.95
N GLY B 409 -37.50 -2.83 4.99
CA GLY B 409 -38.70 -2.06 4.69
C GLY B 409 -38.90 -1.84 3.21
N VAL B 410 -39.87 -0.98 2.90
CA VAL B 410 -40.16 -0.61 1.52
C VAL B 410 -39.36 0.63 1.14
N ILE B 411 -38.94 0.68 -0.13
CA ILE B 411 -38.09 1.75 -0.64
C ILE B 411 -38.79 2.38 -1.83
N ARG B 412 -38.73 3.72 -1.91
CA ARG B 412 -39.33 4.45 -3.00
C ARG B 412 -38.45 5.64 -3.33
N CYS B 413 -38.55 6.12 -4.57
CA CYS B 413 -37.71 7.22 -5.03
C CYS B 413 -38.41 7.94 -6.17
N VAL B 414 -38.12 9.24 -6.30
CA VAL B 414 -38.64 10.08 -7.37
C VAL B 414 -37.49 10.91 -7.93
N SER B 415 -37.42 11.01 -9.26
CA SER B 415 -36.27 11.63 -9.89
C SER B 415 -36.67 12.30 -11.20
N ASN B 416 -35.95 13.37 -11.54
CA ASN B 416 -36.08 14.02 -12.83
C ASN B 416 -35.56 13.10 -13.93
N ILE B 417 -36.13 13.21 -15.13
CA ILE B 417 -35.47 12.71 -16.33
C ILE B 417 -35.07 13.91 -17.18
N THR B 418 -33.78 13.98 -17.52
CA THR B 418 -33.24 15.16 -18.19
C THR B 418 -32.63 14.87 -19.56
N GLY B 419 -32.49 13.62 -19.95
CA GLY B 419 -31.91 13.33 -21.26
C GLY B 419 -31.99 11.86 -21.59
N LEU B 420 -31.73 11.58 -22.87
CA LEU B 420 -31.74 10.23 -23.40
C LEU B 420 -30.42 9.95 -24.12
N ILE B 421 -30.10 8.67 -24.24
CA ILE B 421 -29.01 8.20 -25.09
C ILE B 421 -29.63 7.36 -26.20
N LEU B 422 -29.47 7.79 -27.44
CA LEU B 422 -30.13 7.18 -28.59
C LEU B 422 -29.08 6.68 -29.58
N THR B 423 -29.45 5.62 -30.31
CA THR B 423 -28.60 5.07 -31.36
C THR B 423 -29.48 4.74 -32.57
N ARG B 424 -29.15 5.35 -33.71
CA ARG B 424 -29.86 5.09 -34.94
C ARG B 424 -29.38 3.78 -35.57
N ASP B 425 -30.12 3.32 -36.58
CA ASP B 425 -29.72 2.15 -37.35
C ASP B 425 -30.36 2.22 -38.73
N GLY B 426 -29.78 1.46 -39.66
CA GLY B 426 -30.36 1.29 -40.98
C GLY B 426 -29.90 2.33 -41.98
N GLY B 427 -29.63 1.85 -43.20
CA GLY B 427 -29.27 2.71 -44.29
C GLY B 427 -29.87 2.26 -45.61
N SER B 428 -31.00 1.55 -45.54
CA SER B 428 -31.58 0.91 -46.70
C SER B 428 -32.11 1.89 -47.74
N THR B 429 -32.39 3.14 -47.37
CA THR B 429 -32.96 4.11 -48.28
C THR B 429 -32.31 5.48 -48.05
N ASN B 430 -32.44 6.35 -49.05
CA ASN B 430 -31.95 7.72 -48.90
C ASN B 430 -32.67 8.42 -47.76
N SER B 431 -34.01 8.40 -47.77
CA SER B 431 -34.79 8.98 -46.68
C SER B 431 -36.23 8.54 -46.82
N THR B 432 -36.63 7.53 -46.05
CA THR B 432 -38.02 7.14 -45.97
C THR B 432 -38.49 7.14 -44.52
N THR B 433 -37.64 6.63 -43.62
CA THR B 433 -37.91 6.57 -42.20
C THR B 433 -36.59 6.43 -41.46
N GLU B 434 -36.63 6.68 -40.15
CA GLU B 434 -35.48 6.49 -39.28
C GLU B 434 -35.94 5.82 -37.99
N THR B 435 -35.27 4.73 -37.62
CA THR B 435 -35.61 3.95 -36.44
C THR B 435 -34.57 4.20 -35.36
N PHE B 436 -35.01 4.67 -34.21
CA PHE B 436 -34.15 5.02 -33.09
C PHE B 436 -34.35 4.05 -31.95
N ARG B 437 -33.27 3.68 -31.28
CA ARG B 437 -33.26 2.74 -30.18
C ARG B 437 -32.40 3.30 -29.06
N PRO B 438 -32.61 2.83 -27.83
CA PRO B 438 -31.81 3.34 -26.71
C PRO B 438 -30.41 2.76 -26.69
N GLY B 439 -29.46 3.56 -26.22
CA GLY B 439 -28.06 3.20 -26.18
C GLY B 439 -27.65 2.66 -24.83
N GLY B 440 -26.40 2.96 -24.47
CA GLY B 440 -25.86 2.51 -23.19
C GLY B 440 -24.53 1.81 -23.31
N GLY B 441 -23.85 1.95 -24.44
CA GLY B 441 -22.59 1.28 -24.67
C GLY B 441 -21.37 1.90 -24.03
N ASP B 442 -21.52 3.04 -23.36
CA ASP B 442 -20.41 3.71 -22.72
C ASP B 442 -20.90 4.39 -21.45
N MET B 443 -19.96 4.76 -20.57
CA MET B 443 -20.28 5.48 -19.36
C MET B 443 -19.86 6.94 -19.39
N ARG B 444 -18.92 7.30 -20.25
CA ARG B 444 -18.52 8.70 -20.34
C ARG B 444 -19.64 9.57 -20.91
N ASP B 445 -20.57 8.96 -21.65
CA ASP B 445 -21.70 9.73 -22.17
C ASP B 445 -22.49 10.40 -21.05
N ASN B 446 -22.58 9.73 -19.89
CA ASN B 446 -23.30 10.30 -18.76
C ASN B 446 -22.65 11.56 -18.22
N TRP B 447 -21.35 11.75 -18.47
CA TRP B 447 -20.63 12.91 -17.96
C TRP B 447 -20.25 13.91 -19.05
N ARG B 448 -20.31 13.53 -20.33
CA ARG B 448 -20.23 14.52 -21.39
C ARG B 448 -21.48 15.36 -21.49
N SER B 449 -22.55 14.98 -20.80
CA SER B 449 -23.75 15.81 -20.73
C SER B 449 -23.60 16.96 -19.74
N GLU B 450 -22.58 16.92 -18.88
CA GLU B 450 -22.31 17.98 -17.92
C GLU B 450 -21.06 18.78 -18.23
N LEU B 451 -19.99 18.11 -18.68
CA LEU B 451 -18.72 18.78 -18.92
C LEU B 451 -18.60 19.25 -20.36
N TYR B 452 -19.73 19.51 -21.02
CA TYR B 452 -19.70 19.97 -22.40
C TYR B 452 -19.40 21.47 -22.51
N LYS B 453 -19.66 22.24 -21.45
CA LYS B 453 -19.43 23.68 -21.50
C LYS B 453 -18.01 24.07 -21.13
N TYR B 454 -17.22 23.15 -20.59
CA TYR B 454 -15.96 23.50 -19.95
C TYR B 454 -14.79 22.99 -20.75
N LYS B 455 -13.69 23.75 -20.72
CA LYS B 455 -12.42 23.32 -21.28
C LYS B 455 -11.28 23.95 -20.48
N VAL B 456 -10.12 23.32 -20.52
CA VAL B 456 -8.96 23.74 -19.74
C VAL B 456 -7.89 24.27 -20.68
N VAL B 457 -7.25 25.36 -20.30
CA VAL B 457 -6.27 26.05 -21.14
C VAL B 457 -5.06 26.39 -20.30
N LYS B 458 -3.88 26.31 -20.90
CA LYS B 458 -2.64 26.70 -20.26
C LYS B 458 -2.31 28.15 -20.60
N ILE B 459 -1.70 28.85 -19.66
CA ILE B 459 -1.43 30.28 -19.79
C ILE B 459 0.05 30.47 -20.09
N GLU B 460 0.35 31.24 -21.15
CA GLU B 460 1.72 31.55 -21.56
C GLU B 460 1.90 33.06 -21.45
N PRO B 461 2.43 33.55 -20.33
CA PRO B 461 2.41 35.01 -20.06
C PRO B 461 3.54 35.81 -20.67
N LEU B 462 4.45 35.21 -21.43
CA LEU B 462 5.53 35.97 -22.06
C LEU B 462 5.17 36.33 -23.50
N GLY B 463 5.42 37.58 -23.86
CA GLY B 463 5.13 38.06 -25.19
C GLY B 463 6.10 39.13 -25.60
N VAL B 464 6.37 39.21 -26.91
CA VAL B 464 7.32 40.16 -27.46
C VAL B 464 6.65 40.93 -28.58
N ALA B 465 6.77 42.25 -28.55
CA ALA B 465 6.12 43.11 -29.53
C ALA B 465 7.09 44.21 -29.92
N PRO B 466 6.91 44.84 -31.09
CA PRO B 466 7.80 45.92 -31.51
C PRO B 466 7.29 47.28 -31.03
N THR B 467 8.21 48.09 -30.52
CA THR B 467 7.88 49.47 -30.15
C THR B 467 9.17 50.28 -30.10
N ARG B 468 9.01 51.59 -30.22
CA ARG B 468 10.15 52.51 -30.31
C ARG B 468 10.73 52.71 -28.92
N CYS B 469 11.73 51.90 -28.57
CA CYS B 469 12.37 52.01 -27.27
C CYS B 469 13.80 51.48 -27.38
N LYS B 470 14.64 51.89 -26.45
CA LYS B 470 16.04 51.49 -26.43
C LYS B 470 16.51 51.37 -25.00
N ARG B 471 17.49 50.50 -24.78
CA ARG B 471 18.12 50.37 -23.48
C ARG B 471 19.13 51.50 -23.29
N ARG B 472 18.81 52.45 -22.42
CA ARG B 472 19.74 53.54 -22.16
C ARG B 472 20.98 53.03 -21.43
N VAL B 473 22.10 53.71 -21.68
CA VAL B 473 23.37 53.32 -21.09
C VAL B 473 23.74 51.91 -21.52
N ASN C 3 6.66 64.39 3.28
CA ASN C 3 7.03 64.25 4.72
C ASN C 3 7.46 62.84 5.05
N LEU C 4 6.58 61.87 4.77
CA LEU C 4 6.83 60.47 5.08
C LEU C 4 6.36 59.61 3.92
N TRP C 5 7.26 58.75 3.42
CA TRP C 5 6.96 57.82 2.35
C TRP C 5 7.12 56.41 2.86
N VAL C 6 6.24 55.50 2.41
CA VAL C 6 6.28 54.14 2.89
C VAL C 6 7.57 53.48 2.43
N THR C 7 8.11 52.61 3.29
CA THR C 7 9.31 51.83 2.98
C THR C 7 9.05 50.38 3.36
N VAL C 8 9.45 49.46 2.48
CA VAL C 8 9.18 48.04 2.66
C VAL C 8 10.47 47.35 3.07
N TYR C 9 10.40 46.56 4.15
CA TYR C 9 11.54 45.86 4.71
C TYR C 9 11.33 44.37 4.60
N TYR C 10 12.33 43.64 4.09
CA TYR C 10 12.29 42.20 3.98
C TYR C 10 13.24 41.61 5.02
N GLY C 11 12.70 40.81 5.92
CA GLY C 11 13.48 40.22 6.99
C GLY C 11 13.17 40.72 8.38
N VAL C 12 12.07 41.44 8.57
CA VAL C 12 11.74 41.95 9.91
C VAL C 12 11.36 40.78 10.81
N PRO C 13 11.74 40.80 12.09
CA PRO C 13 11.30 39.72 12.98
C PRO C 13 9.88 39.88 13.47
N VAL C 14 8.95 39.08 12.95
CA VAL C 14 7.56 39.07 13.39
C VAL C 14 7.03 37.67 13.16
N TRP C 15 5.97 37.31 13.91
CA TRP C 15 5.44 35.96 13.85
C TRP C 15 3.98 35.96 14.23
N LYS C 16 3.31 34.84 13.90
CA LYS C 16 1.91 34.64 14.25
C LYS C 16 1.67 33.16 14.47
N ASP C 17 0.74 32.84 15.37
CA ASP C 17 0.41 31.46 15.67
C ASP C 17 -0.10 30.76 14.42
N ALA C 18 0.30 29.51 14.24
CA ALA C 18 -0.05 28.75 13.05
C ALA C 18 0.02 27.26 13.35
N GLU C 19 -0.56 26.48 12.45
CA GLU C 19 -0.53 25.02 12.52
C GLU C 19 0.26 24.49 11.33
N THR C 20 1.16 23.55 11.60
CA THR C 20 2.01 22.99 10.55
C THR C 20 2.40 21.58 10.92
N THR C 21 2.98 20.87 9.95
CA THR C 21 3.39 19.49 10.14
C THR C 21 4.86 19.48 10.57
N LEU C 22 5.12 19.08 11.80
CA LEU C 22 6.48 18.92 12.28
C LEU C 22 7.00 17.54 11.91
N PHE C 23 8.32 17.38 11.95
CA PHE C 23 8.95 16.13 11.58
C PHE C 23 9.95 15.70 12.65
N CYS C 24 10.15 14.39 12.74
CA CYS C 24 10.98 13.80 13.78
C CYS C 24 12.46 14.02 13.49
N ALA C 25 13.24 14.16 14.56
CA ALA C 25 14.69 14.13 14.50
C ALA C 25 15.20 13.20 15.59
N SER C 26 16.23 12.43 15.26
CA SER C 26 16.65 11.30 16.08
C SER C 26 18.04 11.52 16.65
N ASP C 27 18.24 10.97 17.85
CA ASP C 27 19.57 10.97 18.46
C ASP C 27 20.50 10.12 17.62
N ALA C 28 21.59 10.73 17.14
CA ALA C 28 22.48 10.02 16.22
C ALA C 28 23.13 8.81 16.87
N LYS C 29 23.33 8.85 18.19
CA LYS C 29 24.02 7.76 18.87
C LYS C 29 23.23 6.47 18.89
N ALA C 30 21.92 6.50 18.59
CA ALA C 30 21.12 5.30 18.47
C ALA C 30 21.05 4.77 17.05
N TYR C 31 21.68 5.46 16.09
CA TYR C 31 21.62 5.04 14.70
C TYR C 31 22.27 3.67 14.49
N GLU C 32 23.40 3.44 15.14
CA GLU C 32 24.20 2.23 14.88
C GLU C 32 23.51 0.96 15.36
N THR C 33 22.53 1.05 16.26
CA THR C 33 21.90 -0.16 16.79
C THR C 33 21.22 -0.96 15.69
N GLU C 34 20.41 -0.31 14.86
CA GLU C 34 19.70 -0.97 13.78
C GLU C 34 18.86 -2.14 14.30
N LYS C 35 18.24 -1.97 15.46
CA LYS C 35 17.41 -3.02 16.05
C LYS C 35 15.96 -2.97 15.57
N HIS C 36 15.58 -1.95 14.81
CA HIS C 36 14.25 -1.85 14.21
C HIS C 36 13.17 -1.90 15.29
N ASN C 37 13.16 -0.88 16.13
CA ASN C 37 12.11 -0.74 17.12
C ASN C 37 10.90 0.00 16.52
N VAL C 38 9.78 -0.10 17.21
CA VAL C 38 8.56 0.62 16.82
C VAL C 38 8.88 2.10 16.89
N TRP C 39 8.05 2.94 16.27
CA TRP C 39 8.33 4.37 16.10
C TRP C 39 9.81 4.57 15.80
N ALA C 40 10.22 4.01 14.67
CA ALA C 40 11.61 4.01 14.24
C ALA C 40 12.25 5.38 14.42
N THR C 41 13.31 5.41 15.23
CA THR C 41 14.16 6.59 15.28
C THR C 41 15.05 6.70 14.04
N HIS C 42 15.22 5.60 13.31
CA HIS C 42 15.77 5.71 11.97
C HIS C 42 14.67 6.15 11.01
N ALA C 43 15.09 6.71 9.87
CA ALA C 43 14.20 7.37 8.94
C ALA C 43 13.85 8.77 9.44
N CYS C 44 14.36 9.13 10.61
CA CYS C 44 14.29 10.50 11.09
C CYS C 44 15.55 11.27 10.68
N VAL C 45 15.48 12.59 10.79
CA VAL C 45 16.63 13.42 10.45
C VAL C 45 17.55 13.48 11.67
N PRO C 46 18.79 12.99 11.58
CA PRO C 46 19.65 12.97 12.77
C PRO C 46 19.85 14.37 13.32
N THR C 47 19.78 14.49 14.65
CA THR C 47 19.94 15.78 15.29
C THR C 47 21.42 16.18 15.35
N ASP C 48 21.67 17.47 15.26
CA ASP C 48 23.02 17.98 15.43
C ASP C 48 23.43 17.87 16.90
N PRO C 49 24.73 17.77 17.19
CA PRO C 49 25.16 17.54 18.56
C PRO C 49 24.90 18.69 19.51
N ASN C 50 24.68 19.91 19.02
CA ASN C 50 24.53 21.09 19.86
C ASN C 50 23.36 21.94 19.35
N PRO C 51 22.13 21.59 19.72
CA PRO C 51 20.99 22.43 19.37
C PRO C 51 21.17 23.84 19.92
N GLN C 52 20.75 24.83 19.12
CA GLN C 52 21.02 26.23 19.42
C GLN C 52 19.80 26.87 20.06
N GLU C 53 19.95 27.26 21.32
CA GLU C 53 18.91 28.03 22.00
C GLU C 53 19.22 29.52 21.87
N ILE C 54 18.21 30.31 21.53
CA ILE C 54 18.34 31.74 21.36
C ILE C 54 17.40 32.42 22.36
N HIS C 55 17.94 33.32 23.16
CA HIS C 55 17.13 34.06 24.11
C HIS C 55 16.55 35.30 23.46
N LEU C 56 15.32 35.64 23.86
CA LEU C 56 14.61 36.80 23.34
C LEU C 56 14.36 37.73 24.53
N GLU C 57 15.15 38.79 24.63
CA GLU C 57 15.11 39.66 25.79
C GLU C 57 13.84 40.51 25.79
N ASN C 58 13.25 40.66 26.98
CA ASN C 58 12.03 41.43 27.19
C ASN C 58 11.04 41.30 26.05
N VAL C 59 10.72 40.06 25.68
CA VAL C 59 9.56 39.79 24.83
C VAL C 59 8.63 38.85 25.56
N THR C 60 7.34 39.17 25.56
CA THR C 60 6.32 38.43 26.29
C THR C 60 5.35 37.81 25.31
N GLU C 61 5.03 36.53 25.54
CA GLU C 61 4.24 35.75 24.61
C GLU C 61 3.17 34.97 25.38
N GLU C 62 2.03 34.77 24.72
CA GLU C 62 0.91 34.04 25.30
C GLU C 62 1.03 32.55 24.97
N PHE C 63 0.78 31.71 25.96
CA PHE C 63 0.82 30.27 25.81
C PHE C 63 -0.51 29.68 26.25
N ASN C 64 -0.84 28.51 25.70
CA ASN C 64 -2.02 27.76 26.11
C ASN C 64 -1.76 26.30 25.78
N MET C 65 -1.41 25.51 26.81
CA MET C 65 -1.01 24.12 26.58
C MET C 65 -2.17 23.23 26.22
N TRP C 66 -3.40 23.58 26.60
CA TRP C 66 -4.54 22.70 26.41
C TRP C 66 -5.07 22.73 24.99
N LYS C 67 -5.03 23.89 24.33
CA LYS C 67 -5.42 24.01 22.93
C LYS C 67 -4.25 23.82 21.99
N ASN C 68 -3.07 23.49 22.50
CA ASN C 68 -1.91 23.26 21.64
C ASN C 68 -2.20 22.16 20.64
N ASN C 69 -1.79 22.38 19.39
CA ASN C 69 -1.97 21.40 18.33
C ASN C 69 -0.88 20.35 18.32
N MET C 70 0.29 20.66 18.89
CA MET C 70 1.40 19.71 18.86
C MET C 70 1.00 18.36 19.45
N VAL C 71 0.22 18.36 20.52
CA VAL C 71 -0.16 17.10 21.15
C VAL C 71 -1.04 16.28 20.21
N GLU C 72 -1.91 16.93 19.43
CA GLU C 72 -2.73 16.19 18.48
C GLU C 72 -1.88 15.50 17.43
N GLN C 73 -0.87 16.19 16.90
CA GLN C 73 -0.01 15.57 15.90
C GLN C 73 0.74 14.38 16.49
N MET C 74 1.30 14.54 17.69
CA MET C 74 2.04 13.44 18.29
C MET C 74 1.14 12.24 18.52
N HIS C 75 -0.08 12.49 18.99
CA HIS C 75 -1.03 11.40 19.18
C HIS C 75 -1.33 10.70 17.86
N THR C 76 -1.50 11.47 16.79
CA THR C 76 -1.78 10.88 15.49
C THR C 76 -0.55 10.19 14.91
N ASP C 77 0.65 10.70 15.20
CA ASP C 77 1.86 10.06 14.70
C ASP C 77 2.11 8.73 15.39
N ILE C 78 2.02 8.71 16.72
CA ILE C 78 2.37 7.50 17.46
C ILE C 78 1.45 6.34 17.06
N ILE C 79 0.15 6.62 16.91
CA ILE C 79 -0.77 5.57 16.48
C ILE C 79 -0.41 5.10 15.08
N SER C 80 -0.07 6.03 14.18
CA SER C 80 0.32 5.64 12.83
C SER C 80 1.56 4.76 12.85
N LEU C 81 2.56 5.13 13.65
CA LEU C 81 3.77 4.31 13.74
C LEU C 81 3.46 2.93 14.29
N TRP C 82 2.57 2.86 15.28
CA TRP C 82 2.22 1.57 15.88
C TRP C 82 1.57 0.64 14.86
N ASP C 83 0.70 1.18 14.00
CA ASP C 83 0.02 0.34 13.02
C ASP C 83 0.99 -0.25 12.01
N GLN C 84 1.93 0.55 11.50
CA GLN C 84 2.87 0.02 10.50
C GLN C 84 3.75 -1.06 11.09
N SER C 85 4.17 -0.89 12.35
CA SER C 85 5.19 -1.76 12.93
C SER C 85 4.77 -3.22 12.96
N LEU C 86 3.47 -3.53 12.86
CA LEU C 86 3.00 -4.91 12.84
C LEU C 86 2.06 -5.13 11.67
N LYS C 87 2.42 -4.61 10.50
CA LYS C 87 1.81 -4.98 9.24
C LYS C 87 2.35 -6.31 8.71
N PRO C 88 3.67 -6.53 8.73
CA PRO C 88 4.22 -7.68 8.00
C PRO C 88 4.02 -9.03 8.65
N CYS C 89 4.14 -9.13 9.96
CA CYS C 89 4.30 -10.44 10.59
C CYS C 89 2.96 -11.02 11.06
N VAL C 90 3.05 -12.13 11.81
CA VAL C 90 2.02 -13.16 11.79
C VAL C 90 0.67 -12.63 12.23
N LYS C 91 -0.38 -13.26 11.70
CA LYS C 91 -1.77 -12.98 12.06
C LYS C 91 -2.37 -14.25 12.66
N LEU C 92 -2.98 -14.12 13.84
CA LEU C 92 -3.46 -15.28 14.59
C LEU C 92 -4.93 -15.56 14.33
N THR C 93 -5.29 -15.78 13.07
CA THR C 93 -6.66 -16.18 12.74
C THR C 93 -6.87 -17.66 13.04
N PRO C 94 -5.88 -18.52 12.76
CA PRO C 94 -6.06 -19.94 13.07
C PRO C 94 -6.27 -20.23 14.54
N LEU C 95 -5.88 -19.32 15.44
CA LEU C 95 -5.99 -19.57 16.87
C LEU C 95 -7.41 -19.50 17.39
N CYS C 96 -8.38 -19.07 16.58
CA CYS C 96 -9.77 -18.98 17.02
C CYS C 96 -10.47 -20.33 16.83
N VAL C 97 -10.04 -21.28 17.66
CA VAL C 97 -10.67 -22.58 17.73
C VAL C 97 -11.16 -22.82 19.15
N THR C 98 -11.79 -23.96 19.38
CA THR C 98 -12.24 -24.31 20.72
C THR C 98 -11.08 -24.83 21.54
N LEU C 99 -11.02 -24.41 22.80
CA LEU C 99 -9.96 -24.80 23.72
C LEU C 99 -10.52 -25.67 24.82
N GLN C 100 -9.75 -26.66 25.26
CA GLN C 100 -10.07 -27.47 26.42
C GLN C 100 -9.04 -27.17 27.51
N CYS C 101 -9.48 -26.50 28.56
CA CYS C 101 -8.58 -25.95 29.56
C CYS C 101 -8.86 -26.53 30.93
N THR C 102 -7.84 -26.53 31.78
CA THR C 102 -7.97 -26.94 33.17
C THR C 102 -7.03 -26.10 34.01
N ASN C 103 -7.38 -25.96 35.29
CA ASN C 103 -6.53 -25.20 36.20
C ASN C 103 -5.11 -25.74 36.18
N VAL C 104 -4.17 -24.89 36.57
CA VAL C 104 -2.79 -25.30 36.85
C VAL C 104 -2.53 -25.07 38.33
N THR C 105 -2.10 -26.13 39.02
CA THR C 105 -1.95 -26.06 40.47
C THR C 105 -0.68 -26.76 40.95
N ASN C 106 0.34 -26.90 40.11
CA ASN C 106 1.49 -27.72 40.48
C ASN C 106 2.18 -27.17 41.73
N ASN C 107 2.55 -25.88 41.71
CA ASN C 107 3.12 -25.25 42.89
C ASN C 107 2.77 -23.76 42.78
N ILE C 108 1.67 -23.36 43.43
CA ILE C 108 1.07 -22.06 43.23
C ILE C 108 0.82 -21.41 44.58
N THR C 109 1.01 -20.09 44.63
CA THR C 109 0.72 -19.33 45.83
C THR C 109 -0.79 -19.15 46.00
N ASP C 110 -1.21 -18.85 47.23
CA ASP C 110 -2.62 -18.71 47.52
C ASP C 110 -3.26 -17.55 46.77
N ASP C 111 -2.51 -16.47 46.53
CA ASP C 111 -3.06 -15.32 45.82
C ASP C 111 -3.15 -15.54 44.33
N MET C 112 -2.29 -16.39 43.77
CA MET C 112 -2.35 -16.76 42.35
C MET C 112 -3.14 -18.03 42.12
N ARG C 113 -4.15 -18.33 42.94
CA ARG C 113 -4.75 -19.67 42.94
C ARG C 113 -5.28 -20.05 41.56
N GLY C 114 -6.08 -19.18 40.95
CA GLY C 114 -6.73 -19.48 39.68
C GLY C 114 -6.51 -18.47 38.58
N GLU C 115 -5.29 -17.97 38.40
CA GLU C 115 -5.07 -16.86 37.48
C GLU C 115 -4.69 -17.30 36.07
N LEU C 116 -4.14 -18.50 35.91
CA LEU C 116 -3.70 -18.97 34.61
C LEU C 116 -4.09 -20.44 34.45
N LYS C 117 -4.30 -20.84 33.20
CA LYS C 117 -4.88 -22.14 32.89
C LYS C 117 -4.10 -22.83 31.78
N ASN C 118 -4.25 -24.15 31.73
CA ASN C 118 -3.53 -25.01 30.80
C ASN C 118 -4.50 -25.50 29.72
N CYS C 119 -4.33 -25.00 28.50
CA CYS C 119 -5.28 -25.22 27.42
C CYS C 119 -4.66 -26.03 26.30
N SER C 120 -5.47 -26.90 25.68
CA SER C 120 -5.06 -27.74 24.58
C SER C 120 -5.99 -27.52 23.38
N PHE C 121 -5.41 -27.44 22.19
CA PHE C 121 -6.18 -27.21 20.98
C PHE C 121 -5.54 -27.97 19.82
N ASN C 122 -6.35 -28.26 18.81
CA ASN C 122 -5.91 -29.01 17.64
C ASN C 122 -5.57 -28.01 16.54
N MET C 123 -4.28 -27.75 16.38
CA MET C 123 -3.79 -26.73 15.45
C MET C 123 -3.29 -27.38 14.16
N THR C 124 -3.17 -26.56 13.13
CA THR C 124 -2.70 -27.01 11.84
C THR C 124 -1.17 -27.16 11.84
N THR C 125 -0.67 -27.86 10.83
CA THR C 125 0.75 -28.08 10.61
C THR C 125 1.16 -27.29 9.37
N GLU C 126 2.47 -27.33 9.05
CA GLU C 126 2.90 -26.65 7.83
C GLU C 126 2.30 -27.31 6.60
N LEU C 127 2.00 -28.61 6.68
CA LEU C 127 1.17 -29.25 5.67
C LEU C 127 -0.29 -28.95 5.96
N ARG C 128 -1.03 -28.50 4.94
CA ARG C 128 -2.40 -28.09 5.14
C ARG C 128 -3.31 -29.26 5.51
N ASP C 129 -2.92 -30.48 5.18
CA ASP C 129 -3.80 -31.62 5.32
C ASP C 129 -3.59 -32.41 6.60
N LYS C 130 -2.72 -31.95 7.49
CA LYS C 130 -2.42 -32.64 8.73
C LYS C 130 -2.69 -31.71 9.91
N LYS C 131 -2.97 -32.28 11.07
CA LYS C 131 -3.24 -31.52 12.28
C LYS C 131 -2.47 -32.13 13.45
N GLN C 132 -2.11 -31.26 14.40
CA GLN C 132 -1.33 -31.65 15.56
C GLN C 132 -2.00 -31.12 16.82
N LYS C 133 -1.86 -31.87 17.91
CA LYS C 133 -2.42 -31.46 19.20
C LYS C 133 -1.32 -30.80 20.03
N VAL C 134 -1.58 -29.58 20.48
CA VAL C 134 -0.61 -28.81 21.24
C VAL C 134 -1.30 -28.20 22.46
N TYR C 135 -0.49 -27.70 23.37
CA TYR C 135 -0.96 -27.09 24.61
C TYR C 135 -0.20 -25.81 24.88
N SER C 136 -0.82 -24.93 25.66
CA SER C 136 -0.22 -23.64 26.00
C SER C 136 -0.83 -23.13 27.30
N LEU C 137 -0.11 -22.24 27.97
CA LEU C 137 -0.62 -21.60 29.17
C LEU C 137 -1.16 -20.21 28.83
N PHE C 138 -2.40 -19.96 29.26
CA PHE C 138 -3.07 -18.68 29.02
C PHE C 138 -3.48 -18.09 30.35
N TYR C 139 -3.34 -16.77 30.48
CA TYR C 139 -3.84 -16.08 31.65
C TYR C 139 -5.36 -16.08 31.64
N ARG C 140 -5.95 -16.14 32.84
CA ARG C 140 -7.39 -16.25 32.95
C ARG C 140 -8.12 -15.09 32.28
N LEU C 141 -7.47 -13.91 32.22
CA LEU C 141 -8.11 -12.76 31.59
C LEU C 141 -8.24 -12.92 30.08
N ASP C 142 -7.50 -13.85 29.47
CA ASP C 142 -7.47 -13.97 28.03
C ASP C 142 -8.41 -15.04 27.48
N VAL C 143 -9.19 -15.69 28.32
CA VAL C 143 -10.09 -16.75 27.87
C VAL C 143 -11.46 -16.55 28.49
N VAL C 144 -12.48 -17.11 27.84
CA VAL C 144 -13.86 -17.04 28.32
C VAL C 144 -14.55 -18.35 27.99
N GLN C 145 -15.39 -18.82 28.91
CA GLN C 145 -16.15 -20.04 28.68
C GLN C 145 -17.15 -19.84 27.54
N ILE C 146 -17.30 -20.87 26.70
CA ILE C 146 -18.27 -20.79 25.61
C ILE C 146 -19.69 -20.84 26.16
N ASN C 147 -19.93 -21.73 27.13
CA ASN C 147 -21.25 -21.86 27.74
C ASN C 147 -21.12 -22.01 29.25
N LYS C 159 -15.98 -27.14 30.12
CA LYS C 159 -14.61 -26.66 30.25
C LYS C 159 -14.05 -26.25 28.89
N GLU C 160 -14.92 -25.77 28.01
CA GLU C 160 -14.53 -25.34 26.67
C GLU C 160 -14.45 -23.82 26.63
N TYR C 161 -13.27 -23.29 26.33
CA TYR C 161 -13.00 -21.87 26.37
C TYR C 161 -12.67 -21.36 24.96
N ARG C 162 -12.49 -20.05 24.88
CA ARG C 162 -12.05 -19.37 23.66
C ARG C 162 -11.28 -18.12 24.05
N LEU C 163 -10.49 -17.61 23.13
CA LEU C 163 -9.83 -16.33 23.35
C LEU C 163 -10.86 -15.21 23.33
N ILE C 164 -10.61 -14.19 24.15
CA ILE C 164 -11.61 -13.14 24.38
C ILE C 164 -12.00 -12.46 23.07
N ASN C 165 -11.05 -12.33 22.15
CA ASN C 165 -11.23 -11.49 20.97
C ASN C 165 -11.93 -12.19 19.82
N CYS C 166 -12.18 -13.48 19.89
CA CYS C 166 -12.65 -14.21 18.71
C CYS C 166 -13.98 -13.69 18.18
N ASN C 167 -14.80 -13.07 19.03
CA ASN C 167 -16.06 -12.52 18.56
C ASN C 167 -15.97 -11.04 18.21
N THR C 168 -14.81 -10.43 18.35
CA THR C 168 -14.62 -9.01 18.06
C THR C 168 -13.64 -8.74 16.94
N SER C 169 -12.55 -9.51 16.86
CA SER C 169 -11.55 -9.31 15.82
C SER C 169 -10.51 -10.42 15.95
N ALA C 170 -9.60 -10.46 14.98
CA ALA C 170 -8.47 -11.37 14.99
C ALA C 170 -7.21 -10.58 15.30
N CYS C 171 -6.42 -11.07 16.25
CA CYS C 171 -5.28 -10.30 16.73
C CYS C 171 -4.03 -10.60 15.92
N THR C 172 -3.16 -9.59 15.82
CA THR C 172 -1.88 -9.72 15.15
C THR C 172 -0.81 -9.95 16.22
N GLN C 173 0.01 -10.97 16.01
CA GLN C 173 1.05 -11.29 16.98
C GLN C 173 2.10 -10.20 17.00
N ALA C 174 2.39 -9.68 18.19
CA ALA C 174 3.44 -8.69 18.32
C ALA C 174 4.73 -9.29 17.77
N CYS C 175 5.54 -8.45 17.14
CA CYS C 175 6.49 -8.98 16.19
C CYS C 175 7.81 -9.24 16.94
N PRO C 176 8.26 -10.50 17.01
CA PRO C 176 9.15 -10.90 18.12
C PRO C 176 10.45 -10.11 18.23
N LYS C 177 10.99 -9.59 17.13
CA LYS C 177 12.27 -8.90 17.15
C LYS C 177 12.14 -7.38 17.21
N VAL C 178 10.94 -6.84 17.38
CA VAL C 178 10.75 -5.40 17.49
C VAL C 178 10.61 -5.04 18.96
N SER C 179 11.34 -4.02 19.39
CA SER C 179 11.30 -3.59 20.79
C SER C 179 10.29 -2.46 20.99
N PHE C 180 9.65 -2.46 22.15
CA PHE C 180 8.66 -1.45 22.50
C PHE C 180 9.27 -0.27 23.24
N GLU C 181 10.60 -0.21 23.35
CA GLU C 181 11.21 0.78 24.24
C GLU C 181 10.86 2.19 23.79
N PRO C 182 10.63 3.13 24.72
CA PRO C 182 10.42 4.54 24.34
C PRO C 182 11.72 5.30 24.09
N ILE C 183 12.29 5.19 22.90
CA ILE C 183 13.46 6.02 22.57
C ILE C 183 13.02 7.47 22.45
N PRO C 184 13.83 8.44 22.89
CA PRO C 184 13.39 9.84 22.80
C PRO C 184 13.22 10.30 21.36
N ILE C 185 12.29 11.22 21.15
CA ILE C 185 11.97 11.77 19.84
C ILE C 185 12.00 13.29 19.92
N HIS C 186 12.69 13.91 18.97
CA HIS C 186 12.76 15.37 18.87
C HIS C 186 11.84 15.83 17.76
N TYR C 187 11.07 16.89 18.02
CA TYR C 187 10.17 17.46 17.04
C TYR C 187 10.77 18.76 16.49
N CYS C 188 10.91 18.83 15.18
CA CYS C 188 11.50 19.99 14.51
C CYS C 188 10.45 20.70 13.67
N ALA C 189 10.63 22.00 13.54
CA ALA C 189 9.76 22.81 12.69
C ALA C 189 10.34 22.92 11.28
N PRO C 190 9.51 23.12 10.27
CA PRO C 190 10.02 23.32 8.91
C PRO C 190 10.53 24.74 8.72
N ALA C 191 11.31 24.90 7.66
CA ALA C 191 11.84 26.22 7.33
C ALA C 191 10.70 27.21 7.16
N GLY C 192 10.89 28.40 7.72
CA GLY C 192 9.85 29.41 7.73
C GLY C 192 8.97 29.39 8.95
N PHE C 193 9.09 28.38 9.81
CA PHE C 193 8.38 28.30 11.07
C PHE C 193 9.39 28.20 12.20
N ALA C 194 8.95 28.56 13.41
CA ALA C 194 9.84 28.58 14.56
C ALA C 194 9.09 28.07 15.79
N ILE C 195 9.82 27.41 16.69
CA ILE C 195 9.30 26.93 17.95
C ILE C 195 9.79 27.83 19.06
N LEU C 196 8.89 28.23 19.95
CA LEU C 196 9.23 29.03 21.11
C LEU C 196 9.07 28.20 22.38
N LYS C 197 10.01 28.37 23.31
CA LYS C 197 10.00 27.67 24.58
C LYS C 197 9.78 28.69 25.70
N CYS C 198 8.92 28.35 26.66
CA CYS C 198 8.68 29.22 27.81
C CYS C 198 9.63 28.84 28.92
N LYS C 199 10.55 29.76 29.24
CA LYS C 199 11.60 29.49 30.22
C LYS C 199 11.15 29.74 31.66
N ASP C 200 9.96 30.29 31.87
CA ASP C 200 9.50 30.61 33.21
C ASP C 200 9.33 29.34 34.03
N LYS C 201 9.61 29.43 35.34
CA LYS C 201 9.60 28.24 36.19
C LYS C 201 8.26 28.04 36.88
N LYS C 202 7.53 29.13 37.16
CA LYS C 202 6.23 29.04 37.84
C LYS C 202 5.07 29.14 36.85
N PHE C 203 5.23 28.57 35.66
CA PHE C 203 4.24 28.70 34.61
C PHE C 203 3.13 27.69 34.80
N ASN C 204 1.87 28.17 34.84
CA ASN C 204 0.73 27.32 35.10
C ASN C 204 -0.04 26.96 33.84
N GLY C 205 0.63 26.98 32.69
CA GLY C 205 0.06 26.43 31.47
C GLY C 205 -0.67 27.41 30.59
N THR C 206 -1.10 28.55 31.12
CA THR C 206 -1.90 29.50 30.35
C THR C 206 -1.52 30.92 30.75
N GLY C 207 -1.65 31.83 29.79
CA GLY C 207 -1.41 33.24 30.03
C GLY C 207 -0.03 33.70 29.63
N PRO C 208 0.35 34.89 30.07
CA PRO C 208 1.67 35.43 29.72
C PRO C 208 2.81 34.56 30.21
N CYS C 209 3.90 34.56 29.45
CA CYS C 209 5.15 33.90 29.84
C CYS C 209 6.26 34.93 29.74
N PRO C 210 6.59 35.63 30.84
CA PRO C 210 7.52 36.77 30.74
C PRO C 210 8.94 36.39 30.38
N SER C 211 9.25 35.12 30.14
CA SER C 211 10.59 34.70 29.71
C SER C 211 10.44 33.66 28.62
N VAL C 212 10.90 33.99 27.40
CA VAL C 212 10.74 33.11 26.25
C VAL C 212 12.09 32.92 25.59
N SER C 213 12.20 31.83 24.83
CA SER C 213 13.39 31.53 24.05
C SER C 213 12.97 30.81 22.79
N THR C 214 13.90 30.71 21.85
CA THR C 214 13.66 30.06 20.56
C THR C 214 14.62 28.90 20.37
N VAL C 215 14.10 27.78 19.88
CA VAL C 215 14.88 26.58 19.68
C VAL C 215 14.63 26.06 18.26
N GLN C 216 15.63 25.35 17.72
CA GLN C 216 15.45 24.69 16.43
C GLN C 216 14.53 23.49 16.56
N CYS C 217 14.73 22.67 17.59
CA CYS C 217 13.94 21.46 17.79
C CYS C 217 13.78 21.22 19.29
N THR C 218 12.73 20.47 19.64
CA THR C 218 12.42 20.21 21.03
C THR C 218 13.39 19.17 21.61
N HIS C 219 13.40 19.08 22.94
CA HIS C 219 14.23 18.08 23.58
C HIS C 219 13.69 16.68 23.29
N GLY C 220 14.45 15.68 23.73
CA GLY C 220 13.99 14.30 23.60
C GLY C 220 12.73 14.09 24.43
N ILE C 221 11.70 13.53 23.80
CA ILE C 221 10.45 13.18 24.46
C ILE C 221 10.26 11.68 24.33
N LYS C 222 10.17 11.00 25.46
CA LYS C 222 9.94 9.56 25.47
C LYS C 222 8.45 9.28 25.27
N PRO C 223 8.06 8.52 24.25
CA PRO C 223 6.65 8.15 24.08
C PRO C 223 6.19 7.07 25.06
N VAL C 224 6.27 7.37 26.35
CA VAL C 224 5.89 6.41 27.38
C VAL C 224 4.37 6.34 27.48
N VAL C 225 3.85 5.13 27.56
CA VAL C 225 2.41 4.87 27.59
C VAL C 225 2.06 4.29 28.96
N SER C 226 1.24 5.01 29.72
CA SER C 226 0.89 4.59 31.06
C SER C 226 -0.41 5.28 31.49
N THR C 227 -0.96 4.81 32.61
CA THR C 227 -2.19 5.35 33.17
C THR C 227 -2.07 5.49 34.68
N GLN C 228 -2.64 6.58 35.19
CA GLN C 228 -2.70 6.88 36.62
C GLN C 228 -1.37 7.32 37.20
N LEU C 229 -0.29 7.21 36.44
CA LEU C 229 1.02 7.65 36.87
C LEU C 229 1.90 7.89 35.66
N LEU C 230 2.57 9.04 35.63
CA LEU C 230 3.44 9.42 34.54
C LEU C 230 4.86 8.97 34.88
N LEU C 231 5.42 8.12 34.04
CA LEU C 231 6.65 7.41 34.35
C LEU C 231 7.79 7.88 33.47
N ASN C 232 9.00 7.93 34.04
CA ASN C 232 10.21 8.31 33.32
C ASN C 232 10.10 9.69 32.69
N GLY C 233 9.28 10.57 33.28
CA GLY C 233 9.07 11.90 32.75
C GLY C 233 10.11 12.89 33.21
N SER C 234 9.94 14.13 32.77
CA SER C 234 10.83 15.21 33.15
C SER C 234 10.30 15.93 34.39
N LEU C 235 11.20 16.23 35.31
CA LEU C 235 10.82 16.79 36.60
C LEU C 235 10.62 18.29 36.51
N ALA C 236 10.01 18.84 37.56
CA ALA C 236 9.91 20.28 37.70
C ALA C 236 11.20 20.86 38.25
N GLU C 237 11.27 22.19 38.28
CA GLU C 237 12.52 22.87 38.62
C GLU C 237 12.55 23.39 40.05
N GLU C 238 11.44 23.91 40.58
CA GLU C 238 11.46 24.57 41.87
C GLU C 238 10.43 23.99 42.84
N GLU C 239 9.25 23.64 42.34
CA GLU C 239 8.14 23.29 43.23
C GLU C 239 7.20 22.33 42.51
N VAL C 240 6.43 21.59 43.30
CA VAL C 240 5.40 20.73 42.75
C VAL C 240 4.30 21.60 42.15
N MET C 241 3.95 21.33 40.89
CA MET C 241 3.05 22.19 40.14
C MET C 241 1.74 21.48 39.85
N ILE C 242 0.62 22.18 40.06
CA ILE C 242 -0.71 21.67 39.79
C ILE C 242 -1.27 22.44 38.61
N ARG C 243 -1.86 21.73 37.65
CA ARG C 243 -2.28 22.33 36.40
C ARG C 243 -3.67 21.83 36.03
N SER C 244 -4.43 22.68 35.36
CA SER C 244 -5.78 22.35 34.92
C SER C 244 -6.31 23.50 34.08
N GLU C 245 -7.32 23.19 33.25
CA GLU C 245 -7.99 24.24 32.48
C GLU C 245 -8.84 25.11 33.40
N ASN C 246 -9.64 24.48 34.25
CA ASN C 246 -10.62 25.20 35.05
C ASN C 246 -10.81 24.40 36.34
N ILE C 247 -10.12 24.84 37.40
CA ILE C 247 -10.12 24.07 38.65
C ILE C 247 -11.52 23.91 39.19
N THR C 248 -12.41 24.88 38.92
CA THR C 248 -13.76 24.83 39.45
C THR C 248 -14.66 23.85 38.70
N ASN C 249 -14.12 23.04 37.81
CA ASN C 249 -14.88 22.02 37.10
C ASN C 249 -14.39 20.65 37.51
N ASN C 250 -15.31 19.81 37.97
CA ASN C 250 -14.96 18.44 38.34
C ASN C 250 -14.58 17.62 37.12
N ALA C 251 -15.26 17.83 36.00
CA ALA C 251 -15.17 16.94 34.85
C ALA C 251 -13.88 17.09 34.05
N LYS C 252 -12.96 17.96 34.47
CA LYS C 252 -11.72 18.18 33.74
C LYS C 252 -10.53 17.83 34.63
N ASN C 253 -9.56 17.13 34.04
CA ASN C 253 -8.53 16.45 34.80
C ASN C 253 -7.55 17.44 35.43
N ILE C 254 -6.85 16.98 36.46
CA ILE C 254 -5.78 17.71 37.11
C ILE C 254 -4.47 17.02 36.80
N LEU C 255 -3.47 17.78 36.36
CA LEU C 255 -2.15 17.25 36.09
C LEU C 255 -1.18 17.74 37.15
N VAL C 256 -0.39 16.83 37.71
CA VAL C 256 0.58 17.13 38.74
C VAL C 256 1.96 16.79 38.20
N GLN C 257 2.95 17.62 38.52
CA GLN C 257 4.33 17.39 38.13
C GLN C 257 5.21 17.45 39.38
N PHE C 258 5.89 16.35 39.69
CA PHE C 258 6.73 16.28 40.87
C PHE C 258 8.04 17.03 40.64
N ASN C 259 8.57 17.58 41.73
CA ASN C 259 9.89 18.19 41.71
C ASN C 259 11.01 17.17 41.93
N THR C 260 10.69 16.01 42.49
CA THR C 260 11.65 14.95 42.74
C THR C 260 11.03 13.64 42.28
N PRO C 261 11.85 12.64 41.98
CA PRO C 261 11.31 11.33 41.61
C PRO C 261 11.13 10.42 42.81
N VAL C 262 10.20 9.49 42.68
CA VAL C 262 10.09 8.37 43.60
C VAL C 262 10.15 7.09 42.77
N GLN C 263 11.00 6.16 43.19
CA GLN C 263 11.27 4.96 42.42
C GLN C 263 10.13 3.96 42.57
N ILE C 264 9.78 3.29 41.48
CA ILE C 264 8.85 2.17 41.49
C ILE C 264 9.55 0.99 40.86
N ASN C 265 9.65 -0.10 41.61
CA ASN C 265 10.32 -1.33 41.17
C ASN C 265 9.26 -2.38 40.88
N CYS C 266 9.31 -2.96 39.68
CA CYS C 266 8.33 -3.96 39.26
C CYS C 266 9.06 -5.21 38.79
N THR C 267 8.35 -6.34 38.80
CA THR C 267 8.95 -7.60 38.41
C THR C 267 7.89 -8.67 38.24
N ARG C 268 8.05 -9.53 37.25
CA ARG C 268 7.30 -10.78 37.17
C ARG C 268 8.22 -11.90 37.61
N PRO C 269 8.07 -12.45 38.81
CA PRO C 269 9.11 -13.32 39.37
C PRO C 269 9.08 -14.76 38.88
N ASN C 270 8.40 -15.05 37.78
CA ASN C 270 8.30 -16.42 37.30
C ASN C 270 9.29 -16.68 36.17
N ASN C 271 9.72 -17.94 36.05
CA ASN C 271 10.72 -18.34 35.05
C ASN C 271 9.98 -18.94 33.87
N ASN C 272 9.56 -18.08 32.95
CA ASN C 272 8.76 -18.51 31.81
C ASN C 272 9.61 -19.22 30.77
N THR C 273 9.00 -20.16 30.06
CA THR C 273 9.62 -20.86 28.95
C THR C 273 8.81 -20.64 27.68
N ARG C 274 9.49 -20.22 26.62
CA ARG C 274 8.84 -19.91 25.34
C ARG C 274 9.01 -21.09 24.41
N LYS C 275 7.91 -21.52 23.79
CA LYS C 275 7.86 -22.71 22.96
C LYS C 275 7.31 -22.32 21.59
N SER C 276 8.02 -22.70 20.54
CA SER C 276 7.58 -22.35 19.19
C SER C 276 6.65 -23.41 18.63
N ILE C 277 5.54 -22.95 18.06
CA ILE C 277 4.59 -23.82 17.36
C ILE C 277 4.46 -23.29 15.94
N ARG C 278 4.60 -24.17 14.97
CA ARG C 278 4.56 -23.79 13.56
C ARG C 278 3.18 -24.11 13.00
N ILE C 279 2.46 -23.07 12.58
CA ILE C 279 1.08 -23.19 12.11
C ILE C 279 0.96 -22.96 10.60
N GLY C 280 2.08 -22.80 9.90
CA GLY C 280 2.04 -22.59 8.47
C GLY C 280 3.43 -22.33 7.91
N PRO C 281 3.56 -22.34 6.59
CA PRO C 281 4.87 -22.08 5.99
C PRO C 281 5.45 -20.73 6.40
N GLY C 282 6.55 -20.75 7.15
CA GLY C 282 7.21 -19.53 7.54
C GLY C 282 6.55 -18.77 8.67
N GLN C 283 5.58 -19.36 9.35
CA GLN C 283 4.84 -18.71 10.43
C GLN C 283 4.92 -19.54 11.69
N ALA C 284 5.07 -18.88 12.84
CA ALA C 284 5.22 -19.55 14.11
C ALA C 284 4.41 -18.85 15.18
N PHE C 285 3.82 -19.64 16.08
CA PHE C 285 3.08 -19.12 17.23
C PHE C 285 3.88 -19.43 18.49
N TYR C 286 4.21 -18.40 19.25
CA TYR C 286 5.06 -18.51 20.42
C TYR C 286 4.17 -18.69 21.64
N ALA C 287 4.12 -19.92 22.15
CA ALA C 287 3.28 -20.25 23.29
C ALA C 287 4.11 -20.30 24.57
N THR C 288 3.42 -20.16 25.70
CA THR C 288 4.06 -20.27 27.01
C THR C 288 4.04 -21.74 27.43
N GLY C 289 5.23 -22.31 27.63
CA GLY C 289 5.32 -23.73 27.89
C GLY C 289 5.04 -24.14 29.32
N ASP C 290 5.86 -23.69 30.26
CA ASP C 290 5.75 -24.09 31.65
C ASP C 290 6.63 -23.20 32.50
N ILE C 291 6.40 -23.25 33.81
CA ILE C 291 7.10 -22.40 34.78
C ILE C 291 8.16 -23.24 35.47
N ILE C 292 9.41 -22.78 35.41
CA ILE C 292 10.51 -23.46 36.09
C ILE C 292 10.60 -22.94 37.50
N GLY C 293 9.83 -23.52 38.41
CA GLY C 293 9.85 -23.15 39.81
C GLY C 293 8.46 -22.81 40.30
N ASP C 294 8.41 -22.14 41.45
CA ASP C 294 7.13 -21.79 42.05
C ASP C 294 6.48 -20.63 41.30
N ILE C 295 5.15 -20.58 41.38
CA ILE C 295 4.36 -19.57 40.67
C ILE C 295 3.98 -18.48 41.67
N ARG C 296 4.31 -17.24 41.34
CA ARG C 296 4.10 -16.11 42.24
C ARG C 296 3.44 -14.96 41.50
N GLN C 297 2.84 -14.06 42.27
CA GLN C 297 2.15 -12.91 41.70
C GLN C 297 3.15 -11.82 41.34
N ALA C 298 2.91 -11.16 40.20
CA ALA C 298 3.71 -10.00 39.84
C ALA C 298 3.32 -8.80 40.69
N HIS C 299 4.30 -7.98 41.04
CA HIS C 299 4.05 -6.88 41.97
C HIS C 299 5.03 -5.74 41.70
N CYS C 300 4.69 -4.58 42.26
CA CYS C 300 5.55 -3.40 42.22
C CYS C 300 5.68 -2.84 43.64
N ASN C 301 6.84 -2.24 43.92
CA ASN C 301 7.13 -1.68 45.23
C ASN C 301 7.37 -0.18 45.14
N VAL C 302 6.90 0.53 46.15
CA VAL C 302 7.12 1.97 46.31
C VAL C 302 7.54 2.23 47.75
N SER C 303 8.45 3.18 47.94
CA SER C 303 8.92 3.50 49.28
C SER C 303 7.79 4.12 50.09
N LYS C 304 7.50 3.55 51.25
CA LYS C 304 6.41 4.07 52.07
C LYS C 304 6.76 5.45 52.63
N ALA C 305 8.02 5.65 53.01
CA ALA C 305 8.40 6.91 53.64
C ALA C 305 8.44 8.06 52.64
N THR C 306 8.64 7.75 51.36
CA THR C 306 8.75 8.79 50.34
C THR C 306 7.41 9.16 49.72
N TRP C 307 6.54 8.19 49.49
CA TRP C 307 5.19 8.51 49.04
C TRP C 307 4.44 9.30 50.10
N ASN C 308 4.71 9.02 51.36
CA ASN C 308 4.05 9.71 52.46
C ASN C 308 4.40 11.19 52.51
N GLU C 309 5.55 11.59 51.95
CA GLU C 309 5.93 13.00 51.95
C GLU C 309 5.61 13.70 50.64
N THR C 310 5.71 13.01 49.51
CA THR C 310 5.34 13.63 48.25
C THR C 310 3.88 14.05 48.26
N LEU C 311 2.99 13.18 48.75
CA LEU C 311 1.60 13.59 48.91
C LEU C 311 1.45 14.75 49.89
N GLY C 312 2.41 14.91 50.81
CA GLY C 312 2.38 16.07 51.68
C GLY C 312 2.53 17.37 50.92
N LYS C 313 3.43 17.39 49.93
CA LYS C 313 3.59 18.57 49.10
C LYS C 313 2.36 18.82 48.26
N VAL C 314 1.84 17.78 47.60
CA VAL C 314 0.71 17.96 46.69
C VAL C 314 -0.47 18.57 47.42
N VAL C 315 -0.74 18.10 48.64
CA VAL C 315 -1.75 18.74 49.46
C VAL C 315 -1.35 20.19 49.75
N LYS C 316 -0.09 20.41 50.07
CA LYS C 316 0.38 21.77 50.35
C LYS C 316 0.19 22.68 49.15
N GLN C 317 0.36 22.14 47.93
CA GLN C 317 0.12 22.91 46.72
C GLN C 317 -1.33 22.92 46.29
N LEU C 318 -2.15 21.98 46.78
CA LEU C 318 -3.58 22.02 46.50
C LEU C 318 -4.34 22.87 47.51
N ARG C 319 -3.69 23.31 48.58
CA ARG C 319 -4.34 24.25 49.50
C ARG C 319 -4.41 25.64 48.90
N LYS C 320 -3.50 25.96 47.98
CA LYS C 320 -3.50 27.27 47.36
C LYS C 320 -4.75 27.51 46.53
N HIS C 321 -5.46 26.44 46.16
CA HIS C 321 -6.65 26.53 45.33
C HIS C 321 -7.93 26.43 46.15
N PHE C 322 -8.01 25.46 47.06
CA PHE C 322 -9.23 25.14 47.76
C PHE C 322 -9.24 25.61 49.22
N GLY C 323 -8.23 26.38 49.63
CA GLY C 323 -8.22 26.95 50.97
C GLY C 323 -7.25 26.28 51.92
N ASN C 324 -6.77 27.06 52.90
CA ASN C 324 -5.84 26.58 53.89
C ASN C 324 -6.44 25.51 54.80
N ASN C 325 -7.77 25.44 54.89
CA ASN C 325 -8.44 24.70 55.95
C ASN C 325 -9.21 23.48 55.46
N THR C 326 -9.50 23.38 54.17
CA THR C 326 -10.37 22.31 53.67
C THR C 326 -9.69 20.96 53.81
N ILE C 327 -10.49 19.95 54.15
CA ILE C 327 -9.96 18.59 54.34
C ILE C 327 -9.86 17.91 52.98
N ILE C 328 -8.69 17.35 52.69
CA ILE C 328 -8.38 16.76 51.39
C ILE C 328 -8.17 15.27 51.56
N ARG C 329 -8.86 14.48 50.75
CA ARG C 329 -8.84 13.03 50.84
C ARG C 329 -8.44 12.41 49.50
N PHE C 330 -7.85 11.22 49.58
CA PHE C 330 -7.49 10.43 48.42
C PHE C 330 -8.24 9.11 48.45
N ALA C 331 -8.84 8.74 47.34
CA ALA C 331 -9.58 7.49 47.22
C ALA C 331 -9.16 6.77 45.96
N ASN C 332 -9.29 5.44 45.98
CA ASN C 332 -8.89 4.67 44.82
C ASN C 332 -9.84 4.93 43.66
N SER C 333 -9.59 4.25 42.54
CA SER C 333 -10.32 4.53 41.31
C SER C 333 -11.82 4.37 41.53
N SER C 334 -12.59 5.30 40.97
CA SER C 334 -14.04 5.26 41.14
C SER C 334 -14.62 3.95 40.62
N GLY C 335 -14.20 3.54 39.42
CA GLY C 335 -14.71 2.31 38.84
C GLY C 335 -14.60 2.31 37.33
N GLY C 336 -14.58 1.13 36.73
CA GLY C 336 -14.49 1.03 35.29
C GLY C 336 -13.78 -0.25 34.89
N ASP C 337 -13.36 -0.28 33.63
CA ASP C 337 -12.66 -1.44 33.10
C ASP C 337 -11.19 -1.39 33.50
N LEU C 338 -10.49 -2.49 33.24
CA LEU C 338 -9.12 -2.65 33.72
C LEU C 338 -8.20 -1.58 33.13
N GLU C 339 -8.38 -1.26 31.85
CA GLU C 339 -7.45 -0.34 31.19
C GLU C 339 -7.40 1.01 31.89
N VAL C 340 -8.51 1.48 32.44
CA VAL C 340 -8.58 2.81 33.00
C VAL C 340 -8.53 2.76 34.53
N THR C 341 -9.08 1.71 35.11
CA THR C 341 -9.20 1.63 36.57
C THR C 341 -7.94 1.13 37.24
N THR C 342 -6.89 0.81 36.49
CA THR C 342 -5.64 0.32 37.03
C THR C 342 -4.47 1.05 36.39
N HIS C 343 -3.35 1.05 37.09
CA HIS C 343 -2.13 1.67 36.59
C HIS C 343 -1.48 0.72 35.59
N SER C 344 -1.53 1.07 34.30
CA SER C 344 -1.09 0.20 33.22
C SER C 344 0.24 0.70 32.67
N PHE C 345 1.07 -0.24 32.23
CA PHE C 345 2.35 0.07 31.60
C PHE C 345 2.95 -1.24 31.12
N ASN C 346 4.13 -1.16 30.51
CA ASN C 346 4.85 -2.36 30.10
C ASN C 346 6.35 -2.14 30.31
N CYS C 347 7.00 -3.12 30.92
CA CYS C 347 8.46 -3.11 31.04
C CYS C 347 9.01 -4.41 30.48
N GLY C 348 9.94 -4.27 29.55
CA GLY C 348 10.51 -5.36 28.79
C GLY C 348 9.63 -5.76 27.62
N GLY C 349 8.62 -6.59 27.86
CA GLY C 349 7.56 -6.78 26.88
C GLY C 349 6.21 -7.08 27.50
N GLU C 350 6.15 -7.16 28.82
CA GLU C 350 4.93 -7.59 29.49
C GLU C 350 4.07 -6.39 29.84
N PHE C 351 2.75 -6.56 29.77
CA PHE C 351 1.81 -5.49 30.03
C PHE C 351 1.17 -5.71 31.40
N PHE C 352 1.49 -4.80 32.32
CA PHE C 352 1.05 -4.90 33.72
C PHE C 352 -0.21 -4.09 33.93
N TYR C 353 -1.05 -4.57 34.85
CA TYR C 353 -2.26 -3.86 35.27
C TYR C 353 -2.31 -3.94 36.79
N CYS C 354 -1.77 -2.94 37.46
CA CYS C 354 -1.53 -2.98 38.89
C CYS C 354 -2.64 -2.29 39.66
N ASN C 355 -2.83 -2.71 40.90
CA ASN C 355 -3.90 -2.23 41.77
C ASN C 355 -3.35 -1.12 42.66
N THR C 356 -3.64 0.13 42.29
CA THR C 356 -3.06 1.27 43.01
C THR C 356 -3.90 1.69 44.21
N SER C 357 -4.75 0.82 44.74
CA SER C 357 -5.59 1.18 45.87
C SER C 357 -4.80 1.42 47.15
N GLY C 358 -3.53 1.06 47.19
CA GLY C 358 -2.74 1.22 48.39
C GLY C 358 -1.93 2.50 48.43
N LEU C 359 -1.82 3.20 47.29
CA LEU C 359 -1.14 4.48 47.28
C LEU C 359 -2.09 5.62 47.66
N PHE C 360 -3.29 5.62 47.07
CA PHE C 360 -4.27 6.69 47.28
C PHE C 360 -5.19 6.27 48.41
N ASN C 361 -4.69 6.41 49.63
CA ASN C 361 -5.40 5.96 50.84
C ASN C 361 -4.87 6.81 51.99
N SER C 362 -5.61 7.86 52.33
CA SER C 362 -5.15 8.79 53.35
C SER C 362 -6.23 9.83 53.61
N THR C 363 -5.98 10.66 54.61
CA THR C 363 -6.87 11.78 54.94
C THR C 363 -6.04 12.84 55.66
N TRP C 364 -6.07 14.07 55.14
CA TRP C 364 -5.21 15.15 55.61
C TRP C 364 -6.07 16.27 56.18
N ILE C 365 -5.75 16.71 57.39
CA ILE C 365 -6.50 17.75 58.08
C ILE C 365 -5.55 18.86 58.47
N SER C 366 -6.09 20.08 58.58
CA SER C 366 -5.31 21.26 58.94
C SER C 366 -4.30 20.97 60.05
N ASN C 379 11.37 2.38 56.36
CA ASN C 379 12.05 1.37 55.56
C ASN C 379 11.04 0.48 54.83
N ASP C 380 9.82 0.47 55.32
CA ASP C 380 8.79 -0.40 54.75
C ASP C 380 8.55 -0.04 53.29
N SER C 381 7.80 -0.91 52.60
CA SER C 381 7.47 -0.73 51.20
C SER C 381 5.98 -0.97 50.99
N ILE C 382 5.38 -0.18 50.12
CA ILE C 382 4.01 -0.43 49.68
C ILE C 382 4.06 -1.37 48.49
N THR C 383 3.40 -2.53 48.62
CA THR C 383 3.46 -3.58 47.62
C THR C 383 2.13 -3.64 46.87
N LEU C 384 2.14 -3.18 45.62
CA LEU C 384 0.94 -3.16 44.79
C LEU C 384 0.85 -4.46 44.02
N PRO C 385 -0.20 -5.27 44.21
CA PRO C 385 -0.36 -6.45 43.35
C PRO C 385 -0.71 -6.08 41.93
N CYS C 386 -0.33 -6.95 41.00
CA CYS C 386 -0.50 -6.69 39.57
C CYS C 386 -0.95 -7.96 38.86
N ARG C 387 -1.60 -7.77 37.72
CA ARG C 387 -2.02 -8.84 36.84
C ARG C 387 -1.46 -8.62 35.45
N ILE C 388 -1.46 -9.69 34.65
CA ILE C 388 -0.85 -9.67 33.32
C ILE C 388 -1.90 -10.05 32.28
N LYS C 389 -1.71 -9.52 31.07
CA LYS C 389 -2.55 -9.83 29.92
C LYS C 389 -1.67 -10.05 28.71
N GLN C 390 -2.19 -10.79 27.74
CA GLN C 390 -1.49 -11.03 26.48
C GLN C 390 -2.24 -10.51 25.26
N ILE C 391 -3.54 -10.29 25.37
CA ILE C 391 -4.33 -9.73 24.27
C ILE C 391 -4.58 -8.27 24.62
N ILE C 392 -3.96 -7.36 23.86
CA ILE C 392 -3.87 -5.96 24.21
C ILE C 392 -4.62 -5.13 23.17
N ASN C 393 -5.35 -4.11 23.64
CA ASN C 393 -6.06 -3.20 22.77
C ASN C 393 -5.43 -1.82 22.71
N MET C 394 -4.64 -1.45 23.70
CA MET C 394 -3.80 -0.24 23.66
C MET C 394 -4.62 1.05 23.52
N TRP C 395 -4.83 1.53 22.29
CA TRP C 395 -5.27 2.91 22.07
C TRP C 395 -6.79 3.05 22.16
N GLN C 396 -7.44 2.18 22.92
CA GLN C 396 -8.88 2.27 23.16
C GLN C 396 -9.67 2.06 21.88
N ARG C 397 -9.11 1.32 20.92
CA ARG C 397 -9.84 0.94 19.73
C ARG C 397 -10.56 -0.38 19.97
N ILE C 398 -11.65 -0.58 19.23
CA ILE C 398 -12.42 -1.82 19.29
C ILE C 398 -12.47 -2.41 17.88
N GLY C 399 -12.10 -3.67 17.76
CA GLY C 399 -11.96 -4.32 16.48
C GLY C 399 -10.53 -4.42 15.98
N GLN C 400 -9.59 -3.73 16.61
CA GLN C 400 -8.18 -3.84 16.31
C GLN C 400 -7.46 -4.34 17.54
N CYS C 401 -6.60 -5.35 17.37
CA CYS C 401 -6.05 -6.07 18.50
C CYS C 401 -4.60 -6.44 18.24
N MET C 402 -3.89 -6.75 19.32
CA MET C 402 -2.51 -7.22 19.27
C MET C 402 -2.33 -8.35 20.28
N TYR C 403 -1.40 -9.25 19.98
CA TYR C 403 -1.03 -10.34 20.89
C TYR C 403 0.45 -10.19 21.22
N ALA C 404 0.77 -10.16 22.51
CA ALA C 404 2.15 -10.00 22.96
C ALA C 404 2.72 -11.35 23.37
N PRO C 405 3.73 -11.87 22.68
CA PRO C 405 4.24 -13.20 22.99
C PRO C 405 4.98 -13.21 24.32
N PRO C 406 5.13 -14.38 24.94
CA PRO C 406 5.84 -14.44 26.23
C PRO C 406 7.32 -14.12 26.09
N ILE C 407 7.93 -13.80 27.22
CA ILE C 407 9.36 -13.49 27.30
C ILE C 407 10.01 -14.49 28.24
N GLN C 408 11.13 -15.06 27.80
CA GLN C 408 11.82 -16.07 28.59
C GLN C 408 12.46 -15.47 29.82
N GLY C 409 12.42 -16.22 30.91
CA GLY C 409 13.15 -15.84 32.11
C GLY C 409 12.42 -14.81 32.96
N VAL C 410 13.12 -14.36 33.98
CA VAL C 410 12.58 -13.36 34.91
C VAL C 410 12.81 -11.97 34.33
N ILE C 411 11.85 -11.08 34.56
CA ILE C 411 11.92 -9.71 34.08
C ILE C 411 11.73 -8.77 35.27
N ARG C 412 12.59 -7.76 35.37
CA ARG C 412 12.53 -6.79 36.44
C ARG C 412 12.82 -5.42 35.84
N CYS C 413 12.26 -4.39 36.47
CA CYS C 413 12.34 -3.05 35.91
C CYS C 413 12.27 -2.02 37.03
N VAL C 414 12.98 -0.91 36.83
CA VAL C 414 12.99 0.21 37.76
C VAL C 414 12.72 1.48 36.97
N SER C 415 11.88 2.37 37.52
CA SER C 415 11.44 3.55 36.81
C SER C 415 11.16 4.69 37.78
N ASN C 416 11.26 5.92 37.26
CA ASN C 416 10.78 7.09 37.99
C ASN C 416 9.26 7.12 38.04
N ILE C 417 8.73 7.84 39.02
CA ILE C 417 7.38 8.39 38.96
C ILE C 417 7.50 9.90 39.09
N THR C 418 6.86 10.63 38.18
CA THR C 418 7.07 12.07 38.08
C THR C 418 5.78 12.87 37.94
N GLY C 419 4.63 12.22 38.03
CA GLY C 419 3.38 12.95 37.90
C GLY C 419 2.18 12.04 38.11
N LEU C 420 1.05 12.67 38.42
CA LEU C 420 -0.20 11.99 38.63
C LEU C 420 -1.29 12.63 37.77
N ILE C 421 -2.31 11.85 37.44
CA ILE C 421 -3.50 12.33 36.76
C ILE C 421 -4.68 12.08 37.70
N LEU C 422 -5.28 13.16 38.19
CA LEU C 422 -6.30 13.09 39.23
C LEU C 422 -7.59 13.75 38.76
N THR C 423 -8.68 13.43 39.44
CA THR C 423 -9.99 13.99 39.16
C THR C 423 -10.79 14.09 40.44
N ARG C 424 -11.21 15.30 40.79
CA ARG C 424 -12.03 15.53 41.98
C ARG C 424 -13.51 15.35 41.62
N ASP C 425 -14.33 15.22 42.67
CA ASP C 425 -15.71 14.79 42.50
C ASP C 425 -16.59 15.39 43.58
N GLY C 426 -17.89 15.38 43.32
CA GLY C 426 -18.86 15.73 44.35
C GLY C 426 -18.81 17.22 44.68
N GLY C 427 -19.22 17.54 45.90
CA GLY C 427 -19.33 18.91 46.35
C GLY C 427 -20.78 19.36 46.38
N SER C 428 -21.32 19.57 47.57
CA SER C 428 -22.74 19.88 47.72
C SER C 428 -22.93 20.96 48.77
N THR C 429 -23.37 22.14 48.33
CA THR C 429 -23.75 23.25 49.20
C THR C 429 -22.54 23.94 49.83
N ASN C 430 -21.35 23.36 49.70
CA ASN C 430 -20.13 23.99 50.18
C ASN C 430 -18.96 23.08 49.88
N SER C 431 -17.76 23.63 49.99
CA SER C 431 -16.52 22.85 49.91
C SER C 431 -16.10 22.54 51.34
N THR C 432 -16.54 21.38 51.85
CA THR C 432 -16.25 20.97 53.22
C THR C 432 -15.22 19.86 53.31
N THR C 433 -15.15 18.98 52.31
CA THR C 433 -14.12 17.94 52.30
C THR C 433 -13.91 17.52 50.86
N GLU C 434 -12.79 17.94 50.27
CA GLU C 434 -12.48 17.57 48.90
C GLU C 434 -11.83 16.20 48.83
N THR C 435 -12.12 15.47 47.75
CA THR C 435 -11.56 14.16 47.53
C THR C 435 -11.01 14.08 46.10
N PHE C 436 -9.96 13.29 45.93
CA PHE C 436 -9.31 13.13 44.63
C PHE C 436 -9.12 11.65 44.33
N ARG C 437 -9.19 11.30 43.06
CA ARG C 437 -9.04 9.92 42.61
C ARG C 437 -8.19 9.88 41.36
N PRO C 438 -7.48 8.78 41.12
CA PRO C 438 -6.73 8.65 39.86
C PRO C 438 -7.66 8.36 38.69
N GLY C 439 -7.19 8.70 37.50
CA GLY C 439 -7.92 8.45 36.27
C GLY C 439 -7.04 8.58 35.07
N GLY C 440 -7.56 9.17 34.01
CA GLY C 440 -6.76 9.49 32.85
C GLY C 440 -6.48 8.31 31.93
N GLY C 441 -7.54 7.76 31.33
CA GLY C 441 -7.37 6.75 30.30
C GLY C 441 -7.04 7.32 28.94
N ASP C 442 -7.24 8.63 28.76
CA ASP C 442 -6.89 9.31 27.51
C ASP C 442 -5.38 9.42 27.41
N MET C 443 -4.80 8.95 26.29
CA MET C 443 -3.36 8.81 26.24
C MET C 443 -2.67 10.11 25.88
N ARG C 444 -3.39 11.10 25.38
CA ARG C 444 -2.75 12.34 24.96
C ARG C 444 -2.55 13.31 26.11
N ASP C 445 -3.20 13.09 27.26
CA ASP C 445 -2.87 13.86 28.45
C ASP C 445 -1.47 13.56 28.96
N ASN C 446 -0.92 12.40 28.61
CA ASN C 446 0.43 12.06 29.04
C ASN C 446 1.46 12.97 28.38
N TRP C 447 1.36 13.11 27.06
CA TRP C 447 2.34 13.91 26.32
C TRP C 447 2.12 15.41 26.54
N ARG C 448 0.90 15.81 26.88
CA ARG C 448 0.66 17.21 27.20
C ARG C 448 1.50 17.68 28.38
N SER C 449 1.98 16.76 29.21
CA SER C 449 2.85 17.11 30.32
C SER C 449 4.29 17.36 29.89
N GLU C 450 4.64 17.02 28.65
CA GLU C 450 5.96 17.30 28.10
C GLU C 450 5.95 18.48 27.13
N LEU C 451 4.90 18.61 26.34
CA LEU C 451 4.81 19.64 25.32
C LEU C 451 4.06 20.87 25.85
N TYR C 452 4.11 21.11 27.16
CA TYR C 452 3.41 22.24 27.75
C TYR C 452 4.20 23.53 27.64
N LYS C 453 5.48 23.47 27.28
CA LYS C 453 6.35 24.63 27.22
C LYS C 453 6.60 25.13 25.80
N TYR C 454 5.94 24.56 24.80
CA TYR C 454 6.25 24.84 23.40
C TYR C 454 5.05 25.40 22.66
N LYS C 455 5.34 26.13 21.58
CA LYS C 455 4.33 26.54 20.62
C LYS C 455 5.03 26.82 19.29
N VAL C 456 4.28 26.71 18.20
CA VAL C 456 4.81 26.86 16.85
C VAL C 456 4.21 28.12 16.22
N VAL C 457 5.07 28.94 15.63
CA VAL C 457 4.66 30.18 14.97
C VAL C 457 5.25 30.22 13.57
N LYS C 458 4.67 31.06 12.73
CA LYS C 458 5.12 31.25 11.36
C LYS C 458 5.61 32.68 11.18
N ILE C 459 6.70 32.83 10.43
CA ILE C 459 7.36 34.13 10.28
C ILE C 459 6.72 34.90 9.13
N GLU C 460 6.63 36.22 9.30
CA GLU C 460 6.05 37.11 8.30
C GLU C 460 7.05 38.24 8.03
N PRO C 461 8.03 38.00 7.17
CA PRO C 461 9.19 38.91 7.09
C PRO C 461 8.98 40.16 6.25
N LEU C 462 7.76 40.53 5.88
CA LEU C 462 7.50 41.74 5.12
C LEU C 462 6.88 42.79 6.04
N GLY C 463 7.51 43.95 6.12
CA GLY C 463 7.02 45.05 6.93
C GLY C 463 7.12 46.37 6.19
N VAL C 464 6.16 47.24 6.46
CA VAL C 464 6.09 48.57 5.84
C VAL C 464 6.06 49.61 6.95
N ALA C 465 6.93 50.61 6.85
CA ALA C 465 7.07 51.63 7.88
C ALA C 465 7.27 52.98 7.23
N PRO C 466 6.96 54.07 7.95
CA PRO C 466 7.15 55.41 7.36
C PRO C 466 8.60 55.85 7.46
N THR C 467 9.06 56.54 6.42
CA THR C 467 10.40 57.12 6.41
C THR C 467 10.40 58.32 5.49
N ARG C 468 11.38 59.21 5.70
CA ARG C 468 11.52 60.37 4.84
C ARG C 468 11.88 59.98 3.41
N CYS C 469 12.53 58.84 3.22
CA CYS C 469 13.18 58.53 1.96
C CYS C 469 12.17 58.47 0.81
N LYS C 470 12.59 58.95 -0.36
CA LYS C 470 11.78 58.96 -1.56
C LYS C 470 12.58 58.36 -2.70
N ARG C 471 11.93 57.53 -3.51
CA ARG C 471 12.62 56.87 -4.61
C ARG C 471 13.15 57.92 -5.59
N ARG C 472 14.23 57.55 -6.30
CA ARG C 472 14.90 58.51 -7.16
C ARG C 472 13.97 59.03 -8.25
N VAL C 473 13.23 58.14 -8.90
CA VAL C 473 12.33 58.54 -9.97
C VAL C 473 11.25 57.49 -10.15
N ALA D 2 -6.78 -64.27 17.89
CA ALA D 2 -6.98 -65.71 18.19
C ALA D 2 -8.37 -65.97 18.76
N GLN D 3 -8.53 -65.70 20.05
CA GLN D 3 -9.79 -65.95 20.72
C GLN D 3 -9.87 -65.08 21.96
N LEU D 4 -11.09 -64.94 22.48
CA LEU D 4 -11.37 -64.19 23.70
C LEU D 4 -11.99 -65.13 24.72
N THR D 5 -11.89 -64.77 26.00
CA THR D 5 -12.39 -65.60 27.08
C THR D 5 -13.33 -64.78 27.95
N GLN D 6 -14.49 -65.34 28.26
CA GLN D 6 -15.56 -64.67 28.97
C GLN D 6 -15.71 -65.25 30.36
N SER D 7 -16.43 -64.52 31.22
CA SER D 7 -16.73 -65.01 32.55
C SER D 7 -17.75 -66.14 32.46
N GLY D 8 -17.77 -66.98 33.50
CA GLY D 8 -18.59 -68.16 33.48
C GLY D 8 -20.07 -67.84 33.50
N PRO D 9 -20.89 -68.89 33.41
CA PRO D 9 -22.34 -68.69 33.39
C PRO D 9 -22.85 -68.04 34.66
N GLU D 10 -24.04 -67.45 34.56
CA GLU D 10 -24.66 -66.72 35.65
C GLU D 10 -26.10 -67.17 35.83
N VAL D 11 -26.57 -67.13 37.09
CA VAL D 11 -27.95 -67.43 37.42
C VAL D 11 -28.41 -66.44 38.48
N ARG D 12 -29.22 -65.46 38.08
CA ARG D 12 -29.63 -64.36 38.95
C ARG D 12 -31.15 -64.30 39.02
N LYS D 13 -31.67 -63.98 40.20
CA LYS D 13 -33.10 -63.79 40.34
C LYS D 13 -33.51 -62.47 39.70
N PRO D 14 -34.80 -62.30 39.40
CA PRO D 14 -35.25 -61.07 38.74
C PRO D 14 -34.83 -59.81 39.47
N GLY D 15 -34.85 -58.68 38.76
CA GLY D 15 -34.66 -57.39 39.38
C GLY D 15 -33.22 -56.99 39.60
N THR D 16 -32.34 -57.97 39.79
CA THR D 16 -30.94 -57.69 40.11
C THR D 16 -30.15 -57.33 38.86
N SER D 17 -28.83 -57.27 38.97
CA SER D 17 -27.97 -56.86 37.88
C SER D 17 -26.87 -57.88 37.69
N VAL D 18 -26.32 -57.92 36.47
CA VAL D 18 -25.28 -58.89 36.10
C VAL D 18 -24.19 -58.17 35.32
N LYS D 19 -22.94 -58.48 35.65
CA LYS D 19 -21.78 -58.03 34.90
C LYS D 19 -21.18 -59.23 34.18
N VAL D 20 -20.85 -59.04 32.90
CA VAL D 20 -20.22 -60.05 32.09
C VAL D 20 -18.86 -59.54 31.63
N SER D 21 -17.83 -60.36 31.78
CA SER D 21 -16.47 -60.00 31.40
C SER D 21 -16.07 -60.70 30.11
N CYS D 22 -15.17 -60.06 29.36
CA CYS D 22 -14.64 -60.62 28.12
C CYS D 22 -13.26 -60.04 27.90
N LYS D 23 -12.24 -60.88 27.99
CA LYS D 23 -10.85 -60.42 28.05
C LYS D 23 -10.03 -61.11 26.97
N ALA D 24 -9.08 -60.35 26.38
CA ALA D 24 -8.21 -60.88 25.34
C ALA D 24 -6.86 -61.27 25.92
N PRO D 25 -6.15 -62.23 25.31
CA PRO D 25 -4.83 -62.62 25.83
C PRO D 25 -3.89 -61.43 25.85
N GLY D 26 -3.43 -61.06 27.05
CA GLY D 26 -2.52 -59.95 27.20
C GLY D 26 -3.00 -58.69 26.53
N ASN D 27 -2.26 -58.22 25.52
CA ASN D 27 -2.61 -57.03 24.77
C ASN D 27 -2.61 -57.32 23.27
N THR D 28 -3.06 -58.51 22.87
CA THR D 28 -2.92 -58.96 21.49
C THR D 28 -3.93 -58.33 20.55
N LEU D 29 -4.98 -57.67 21.09
CA LEU D 29 -6.02 -57.07 20.26
C LEU D 29 -6.44 -55.74 20.89
N LYS D 30 -5.81 -54.66 20.44
CA LYS D 30 -6.14 -53.31 20.88
C LYS D 30 -6.50 -52.39 19.72
N THR D 31 -6.29 -52.83 18.48
CA THR D 31 -6.63 -52.05 17.30
C THR D 31 -7.94 -52.50 16.66
N TYR D 32 -8.70 -53.34 17.34
CA TYR D 32 -9.99 -53.82 16.87
C TYR D 32 -11.09 -53.26 17.76
N ASP D 33 -12.25 -53.01 17.17
CA ASP D 33 -13.34 -52.40 17.91
C ASP D 33 -14.06 -53.44 18.75
N LEU D 34 -14.92 -52.97 19.65
CA LEU D 34 -15.60 -53.80 20.63
C LEU D 34 -17.08 -53.86 20.28
N HIS D 35 -17.63 -55.08 20.21
CA HIS D 35 -19.03 -55.30 19.88
C HIS D 35 -19.63 -56.32 20.85
N TRP D 36 -20.95 -56.26 21.01
CA TRP D 36 -21.68 -57.21 21.84
C TRP D 36 -22.88 -57.74 21.06
N VAL D 37 -23.13 -59.04 21.20
CA VAL D 37 -24.21 -59.73 20.49
C VAL D 37 -24.99 -60.56 21.50
N ARG D 38 -26.27 -60.79 21.21
CA ARG D 38 -27.16 -61.57 22.08
C ARG D 38 -27.74 -62.73 21.28
N SER D 39 -27.84 -63.89 21.92
CA SER D 39 -28.46 -65.06 21.32
C SER D 39 -29.54 -65.61 22.23
N VAL D 40 -30.72 -65.85 21.67
CA VAL D 40 -31.81 -66.50 22.37
C VAL D 40 -32.35 -67.59 21.45
N PRO D 41 -32.40 -68.85 21.89
CA PRO D 41 -32.75 -69.93 20.95
C PRO D 41 -34.09 -69.67 20.28
N GLY D 42 -34.07 -69.65 18.94
CA GLY D 42 -35.24 -69.38 18.15
C GLY D 42 -35.46 -67.93 17.80
N GLN D 43 -34.83 -67.01 18.53
CA GLN D 43 -34.92 -65.59 18.22
C GLN D 43 -33.75 -65.11 17.35
N GLY D 44 -32.68 -65.88 17.27
CA GLY D 44 -31.56 -65.53 16.40
C GLY D 44 -30.61 -64.57 17.09
N LEU D 45 -29.59 -64.16 16.32
CA LEU D 45 -28.58 -63.25 16.81
C LEU D 45 -29.06 -61.80 16.68
N GLN D 46 -28.74 -61.00 17.69
CA GLN D 46 -29.14 -59.59 17.73
C GLN D 46 -27.95 -58.75 18.16
N TRP D 47 -27.87 -57.54 17.65
CA TRP D 47 -26.74 -56.65 17.90
C TRP D 47 -27.10 -55.62 18.94
N MET D 48 -26.25 -55.47 19.97
CA MET D 48 -26.55 -54.62 21.11
C MET D 48 -25.85 -53.27 21.04
N GLY D 49 -24.52 -53.26 20.96
CA GLY D 49 -23.79 -52.00 20.95
C GLY D 49 -22.32 -52.23 20.76
N TRP D 50 -21.60 -51.13 20.57
CA TRP D 50 -20.18 -51.21 20.25
C TRP D 50 -19.45 -50.00 20.81
N ILE D 51 -18.14 -50.16 20.98
CA ILE D 51 -17.23 -49.09 21.38
C ILE D 51 -16.06 -49.07 20.42
N SER D 52 -15.75 -47.91 19.86
CA SER D 52 -14.64 -47.79 18.93
C SER D 52 -13.31 -47.83 19.68
N HIS D 53 -12.31 -48.44 19.06
CA HIS D 53 -11.02 -48.57 19.71
C HIS D 53 -10.38 -47.21 19.97
N GLU D 54 -10.73 -46.20 19.17
CA GLU D 54 -10.25 -44.85 19.44
C GLU D 54 -10.92 -44.23 20.66
N GLY D 55 -12.11 -44.69 21.02
CA GLY D 55 -12.85 -44.11 22.12
C GLY D 55 -13.69 -42.91 21.75
N ASP D 56 -13.86 -42.63 20.46
CA ASP D 56 -14.62 -41.45 20.03
C ASP D 56 -16.08 -41.75 19.77
N LYS D 57 -16.51 -43.01 19.85
CA LYS D 57 -17.89 -43.38 19.54
C LYS D 57 -18.35 -44.48 20.49
N LYS D 58 -19.65 -44.48 20.78
CA LYS D 58 -20.28 -45.50 21.61
C LYS D 58 -21.79 -45.40 21.49
N VAL D 59 -22.46 -46.49 21.12
CA VAL D 59 -23.90 -46.49 20.93
C VAL D 59 -24.48 -47.80 21.42
N ILE D 60 -25.79 -47.78 21.68
CA ILE D 60 -26.55 -48.96 22.07
C ILE D 60 -27.91 -48.88 21.38
N VAL D 61 -28.38 -50.03 20.89
CA VAL D 61 -29.68 -50.04 20.22
C VAL D 61 -30.73 -49.53 21.20
N GLU D 62 -31.68 -48.73 20.68
CA GLU D 62 -32.68 -48.11 21.53
C GLU D 62 -33.58 -49.12 22.22
N ARG D 63 -33.59 -50.37 21.75
CA ARG D 63 -34.33 -51.42 22.45
C ARG D 63 -33.69 -51.72 23.80
N PHE D 64 -32.37 -51.89 23.84
CA PHE D 64 -31.65 -52.23 25.05
C PHE D 64 -31.05 -51.02 25.76
N LYS D 65 -31.15 -49.83 25.19
CA LYS D 65 -30.43 -48.68 25.75
C LYS D 65 -30.95 -48.29 27.13
N ALA D 66 -32.13 -48.74 27.52
CA ALA D 66 -32.71 -48.33 28.79
C ALA D 66 -31.99 -48.93 29.98
N LYS D 67 -31.37 -50.11 29.83
CA LYS D 67 -30.86 -50.84 30.98
C LYS D 67 -29.40 -51.27 30.81
N VAL D 68 -28.97 -51.51 29.58
CA VAL D 68 -27.65 -52.08 29.35
C VAL D 68 -26.61 -50.98 29.18
N THR D 69 -25.37 -51.30 29.52
CA THR D 69 -24.26 -50.36 29.43
C THR D 69 -22.97 -51.15 29.25
N ILE D 70 -22.06 -50.62 28.43
CA ILE D 70 -20.80 -51.27 28.11
C ILE D 70 -19.65 -50.42 28.65
N ASP D 71 -18.61 -51.10 29.10
CA ASP D 71 -17.39 -50.46 29.57
C ASP D 71 -16.18 -51.17 28.98
N TRP D 72 -15.10 -50.42 28.78
CA TRP D 72 -13.83 -50.96 28.30
C TRP D 72 -12.71 -50.38 29.14
N ASP D 73 -12.20 -51.17 30.08
CA ASP D 73 -11.07 -50.76 30.91
C ASP D 73 -9.81 -50.87 30.06
N ARG D 74 -9.33 -49.73 29.57
CA ARG D 74 -8.23 -49.74 28.61
C ARG D 74 -6.96 -50.34 29.21
N SER D 75 -6.65 -49.98 30.46
CA SER D 75 -5.40 -50.43 31.06
C SER D 75 -5.32 -51.94 31.18
N THR D 76 -6.40 -52.59 31.63
CA THR D 76 -6.39 -54.03 31.83
C THR D 76 -6.93 -54.81 30.64
N ASN D 77 -7.38 -54.14 29.58
CA ASN D 77 -7.98 -54.80 28.42
C ASN D 77 -9.13 -55.71 28.86
N THR D 78 -10.06 -55.15 29.64
CA THR D 78 -11.24 -55.86 30.09
C THR D 78 -12.48 -55.21 29.51
N ALA D 79 -13.37 -56.01 28.95
CA ALA D 79 -14.63 -55.54 28.39
C ALA D 79 -15.78 -56.03 29.25
N TYR D 80 -16.66 -55.11 29.64
CA TYR D 80 -17.76 -55.42 30.56
C TYR D 80 -19.09 -55.12 29.89
N LEU D 81 -20.05 -56.02 30.10
CA LEU D 81 -21.45 -55.81 29.74
C LEU D 81 -22.27 -55.79 31.02
N GLN D 82 -23.00 -54.71 31.24
CA GLN D 82 -23.76 -54.50 32.47
C GLN D 82 -25.23 -54.62 32.18
N LEU D 83 -25.91 -55.53 32.88
CA LEU D 83 -27.34 -55.74 32.74
C LEU D 83 -28.01 -55.48 34.09
N SER D 84 -29.10 -54.71 34.06
CA SER D 84 -29.83 -54.36 35.27
C SER D 84 -31.31 -54.47 35.00
N GLY D 85 -32.08 -54.74 36.07
CA GLY D 85 -33.51 -54.90 35.95
C GLY D 85 -33.87 -56.12 35.13
N LEU D 86 -33.24 -57.24 35.41
CA LEU D 86 -33.40 -58.43 34.58
C LEU D 86 -34.82 -58.97 34.66
N THR D 87 -35.26 -59.60 33.58
CA THR D 87 -36.58 -60.21 33.50
C THR D 87 -36.44 -61.58 32.83
N SER D 88 -37.55 -62.31 32.78
CA SER D 88 -37.54 -63.65 32.23
C SER D 88 -37.21 -63.67 30.73
N GLY D 89 -37.37 -62.54 30.04
CA GLY D 89 -37.05 -62.49 28.63
C GLY D 89 -35.62 -62.10 28.37
N ASP D 90 -34.91 -61.68 29.41
CA ASP D 90 -33.51 -61.31 29.32
C ASP D 90 -32.59 -62.51 29.46
N THR D 91 -33.13 -63.70 29.66
CA THR D 91 -32.32 -64.91 29.62
C THR D 91 -31.85 -65.18 28.20
N ALA D 92 -30.55 -65.33 28.01
CA ALA D 92 -29.95 -65.41 26.69
C ALA D 92 -28.52 -65.89 26.86
N VAL D 93 -27.77 -65.89 25.76
CA VAL D 93 -26.33 -66.15 25.77
C VAL D 93 -25.65 -64.96 25.13
N TYR D 94 -24.67 -64.39 25.82
CA TYR D 94 -24.06 -63.13 25.44
C TYR D 94 -22.64 -63.37 24.92
N TYR D 95 -22.37 -62.90 23.71
CA TYR D 95 -21.07 -63.04 23.07
C TYR D 95 -20.41 -61.68 22.96
N CYS D 96 -19.09 -61.67 22.99
CA CYS D 96 -18.33 -60.48 22.64
C CYS D 96 -17.55 -60.72 21.36
N ALA D 97 -17.45 -59.70 20.53
CA ALA D 97 -16.75 -59.81 19.26
C ALA D 97 -15.86 -58.60 19.07
N LYS D 98 -14.81 -58.78 18.27
CA LYS D 98 -13.91 -57.70 17.88
C LYS D 98 -13.73 -57.73 16.37
N GLY D 99 -13.91 -56.59 15.73
CA GLY D 99 -13.89 -56.53 14.28
C GLY D 99 -13.38 -55.20 13.77
N SER D 100 -13.32 -55.10 12.45
CA SER D 100 -12.81 -53.92 11.76
C SER D 100 -13.94 -53.04 11.27
N LYS D 101 -13.58 -51.82 10.89
CA LYS D 101 -14.53 -50.85 10.36
C LYS D 101 -13.85 -49.96 9.34
N HIS D 102 -14.65 -49.36 8.46
CA HIS D 102 -14.18 -48.38 7.50
C HIS D 102 -14.68 -47.01 7.91
N ARG D 103 -13.78 -46.04 7.94
CA ARG D 103 -14.13 -44.66 8.24
C ARG D 103 -13.92 -43.81 6.99
N LEU D 104 -14.98 -43.17 6.52
CA LEU D 104 -14.98 -42.47 5.26
C LEU D 104 -15.53 -41.06 5.46
N ARG D 105 -14.81 -40.06 4.95
CA ARG D 105 -15.23 -38.67 5.08
C ARG D 105 -16.32 -38.38 4.06
N ASP D 106 -17.57 -38.47 4.51
CA ASP D 106 -18.71 -38.28 3.63
C ASP D 106 -19.04 -36.81 3.41
N TYR D 107 -18.41 -35.90 4.16
CA TYR D 107 -18.61 -34.48 3.95
C TYR D 107 -17.52 -33.73 4.71
N ALA D 108 -17.11 -32.59 4.15
CA ALA D 108 -16.06 -31.80 4.76
C ALA D 108 -16.12 -30.37 4.23
N LEU D 109 -15.93 -29.41 5.12
CA LEU D 109 -15.89 -28.00 4.76
C LEU D 109 -14.47 -27.47 4.94
N ASP D 111 -11.09 -24.69 4.26
CA ASP D 111 -10.74 -23.27 4.30
C ASP D 111 -10.32 -22.75 2.93
N ASP D 112 -9.93 -21.49 2.88
CA ASP D 112 -9.47 -20.91 1.61
C ASP D 112 -8.20 -21.57 1.12
N ASP D 113 -7.26 -21.87 2.03
CA ASP D 113 -5.97 -22.44 1.66
C ASP D 113 -5.95 -23.96 1.80
N GLY D 114 -7.11 -24.60 1.76
CA GLY D 114 -7.19 -26.05 1.82
C GLY D 114 -7.24 -26.64 3.21
N ALA D 115 -7.07 -25.84 4.25
CA ALA D 115 -7.13 -26.36 5.60
C ALA D 115 -8.54 -26.81 5.95
N LEU D 116 -8.63 -27.82 6.80
CA LEU D 116 -9.94 -28.37 7.16
C LEU D 116 -10.53 -27.60 8.32
N ASN D 117 -11.79 -27.19 8.18
CA ASN D 117 -12.53 -26.56 9.27
C ASN D 117 -13.22 -27.64 10.10
N TRP D 118 -14.12 -28.40 9.48
CA TRP D 118 -14.78 -29.50 10.14
C TRP D 118 -15.31 -30.46 9.09
N ALA D 119 -15.56 -31.69 9.50
CA ALA D 119 -16.00 -32.74 8.59
C ALA D 119 -16.78 -33.79 9.37
N VAL D 120 -17.53 -34.59 8.63
CA VAL D 120 -18.34 -35.66 9.22
C VAL D 120 -17.84 -37.00 8.72
N ASP D 121 -17.13 -37.72 9.58
CA ASP D 121 -16.67 -39.07 9.26
C ASP D 121 -17.69 -40.09 9.77
N VAL D 122 -18.09 -41.02 8.91
CA VAL D 122 -19.11 -42.01 9.21
C VAL D 122 -18.46 -43.39 9.25
N ASP D 123 -18.86 -44.19 10.24
CA ASP D 123 -18.31 -45.52 10.45
C ASP D 123 -19.25 -46.56 9.85
N TYR D 124 -18.71 -47.40 8.96
CA TYR D 124 -19.43 -48.52 8.38
C TYR D 124 -18.78 -49.82 8.85
N LEU D 125 -19.60 -50.85 9.05
CA LEU D 125 -19.13 -52.11 9.62
C LEU D 125 -18.63 -53.03 8.51
N SER D 126 -17.42 -53.54 8.67
CA SER D 126 -16.81 -54.41 7.67
C SER D 126 -17.01 -55.89 8.01
N ASN D 127 -16.57 -56.30 9.20
CA ASN D 127 -16.73 -57.70 9.60
C ASN D 127 -16.57 -57.82 11.12
N LEU D 128 -17.06 -58.95 11.65
CA LEU D 128 -16.89 -59.34 13.05
C LEU D 128 -16.08 -60.64 13.04
N GLU D 129 -14.80 -60.56 13.38
CA GLU D 129 -13.87 -61.63 13.01
C GLU D 129 -13.35 -62.42 14.20
N PHE D 130 -13.40 -61.86 15.41
CA PHE D 130 -13.08 -62.59 16.63
C PHE D 130 -14.34 -62.71 17.49
N TRP D 131 -14.46 -63.81 18.22
CA TRP D 131 -15.66 -64.11 18.99
C TRP D 131 -15.31 -64.72 20.33
N GLY D 132 -16.24 -64.57 21.28
CA GLY D 132 -16.13 -65.22 22.57
C GLY D 132 -16.83 -66.56 22.62
N GLN D 133 -16.98 -67.07 23.85
CA GLN D 133 -17.53 -68.41 24.04
C GLN D 133 -18.99 -68.41 24.47
N GLY D 134 -19.43 -67.42 25.22
CA GLY D 134 -20.81 -67.32 25.66
C GLY D 134 -20.92 -67.10 27.16
N THR D 135 -22.10 -66.63 27.56
CA THR D 135 -22.40 -66.40 28.96
C THR D 135 -23.88 -66.66 29.22
N ALA D 136 -24.21 -67.87 29.66
CA ALA D 136 -25.61 -68.29 29.77
C ALA D 136 -26.25 -67.66 31.00
N VAL D 137 -26.84 -66.49 30.78
CA VAL D 137 -27.56 -65.81 31.86
C VAL D 137 -28.95 -66.40 31.96
N THR D 138 -29.27 -66.95 33.13
CA THR D 138 -30.57 -67.57 33.37
C THR D 138 -31.31 -66.77 34.44
N VAL D 139 -32.52 -66.34 34.12
CA VAL D 139 -33.34 -65.54 35.03
C VAL D 139 -34.48 -66.43 35.52
N SER D 140 -34.50 -66.71 36.81
CA SER D 140 -35.52 -67.57 37.40
C SER D 140 -35.65 -67.21 38.88
N SER D 141 -36.76 -67.67 39.47
CA SER D 141 -37.02 -67.44 40.88
C SER D 141 -36.14 -68.34 41.76
N ASP E 1 -31.34 -48.42 6.02
CA ASP E 1 -31.33 -49.90 5.83
C ASP E 1 -31.76 -50.59 7.12
N PHE E 2 -32.92 -51.23 7.09
CA PHE E 2 -33.50 -51.76 8.33
C PHE E 2 -33.50 -53.28 8.38
N VAL E 3 -34.15 -53.92 7.42
CA VAL E 3 -34.54 -55.33 7.55
C VAL E 3 -33.90 -56.15 6.43
N LEU E 4 -33.46 -57.35 6.79
CA LEU E 4 -32.88 -58.31 5.87
C LEU E 4 -33.62 -59.63 5.99
N THR E 5 -33.90 -60.27 4.85
CA THR E 5 -34.64 -61.52 4.81
C THR E 5 -33.90 -62.54 3.95
N GLN E 6 -33.87 -63.78 4.43
CA GLN E 6 -33.26 -64.90 3.71
C GLN E 6 -34.35 -65.82 3.19
N SER E 7 -34.24 -66.23 1.93
CA SER E 7 -35.39 -66.85 1.27
C SER E 7 -35.67 -68.24 1.82
N PRO E 8 -34.69 -69.14 1.93
CA PRO E 8 -35.00 -70.48 2.44
C PRO E 8 -34.88 -70.55 3.96
N HIS E 9 -35.97 -70.93 4.64
CA HIS E 9 -35.90 -71.08 6.09
C HIS E 9 -35.21 -72.38 6.49
N SER E 10 -35.36 -73.42 5.70
CA SER E 10 -34.69 -74.70 5.93
C SER E 10 -34.10 -75.18 4.61
N LEU E 11 -32.96 -75.86 4.69
CA LEU E 11 -32.27 -76.35 3.50
C LEU E 11 -31.70 -77.73 3.78
N SER E 12 -31.88 -78.63 2.82
CA SER E 12 -31.33 -79.99 2.89
C SER E 12 -30.49 -80.21 1.65
N VAL E 13 -29.27 -80.71 1.85
CA VAL E 13 -28.31 -80.85 0.76
C VAL E 13 -27.62 -82.21 0.87
N THR E 14 -27.49 -82.90 -0.26
CA THR E 14 -26.80 -84.19 -0.29
C THR E 14 -25.29 -83.95 -0.42
N PRO E 15 -24.47 -84.66 0.34
CA PRO E 15 -23.02 -84.41 0.28
C PRO E 15 -22.50 -84.56 -1.15
N GLY E 16 -21.55 -83.68 -1.50
CA GLY E 16 -21.08 -83.59 -2.86
C GLY E 16 -21.85 -82.63 -3.73
N GLU E 17 -22.99 -82.10 -3.24
CA GLU E 17 -23.73 -81.11 -3.99
C GLU E 17 -23.31 -79.70 -3.59
N SER E 18 -23.85 -78.72 -4.29
CA SER E 18 -23.63 -77.32 -3.96
C SER E 18 -24.81 -76.77 -3.16
N ALA E 19 -24.58 -75.66 -2.48
CA ALA E 19 -25.58 -75.01 -1.64
C ALA E 19 -25.69 -73.54 -2.02
N SER E 20 -26.88 -72.98 -1.83
CA SER E 20 -27.15 -71.59 -2.18
C SER E 20 -28.16 -71.01 -1.21
N ILE E 21 -27.81 -69.89 -0.59
CA ILE E 21 -28.68 -69.18 0.33
C ILE E 21 -28.63 -67.69 -0.02
N SER E 22 -29.80 -67.06 -0.09
CA SER E 22 -29.92 -65.70 -0.57
C SER E 22 -30.45 -64.79 0.53
N CYS E 23 -29.84 -63.61 0.65
CA CYS E 23 -30.25 -62.60 1.62
C CYS E 23 -30.75 -61.38 0.86
N LYS E 24 -31.93 -60.89 1.25
CA LYS E 24 -32.60 -59.79 0.57
C LYS E 24 -32.58 -58.56 1.47
N SER E 25 -32.23 -57.41 0.91
CA SER E 25 -32.02 -56.18 1.67
C SER E 25 -33.14 -55.19 1.39
N SER E 26 -33.59 -54.49 2.44
CA SER E 26 -34.68 -53.53 2.29
C SER E 26 -34.25 -52.30 1.52
N HIS E 27 -33.07 -51.76 1.83
CA HIS E 27 -32.57 -50.54 1.20
C HIS E 27 -31.29 -50.85 0.43
N SER E 28 -30.70 -49.80 -0.14
CA SER E 28 -29.58 -49.95 -1.07
C SER E 28 -28.50 -50.87 -0.53
N LEU E 29 -27.88 -50.48 0.60
CA LEU E 29 -26.81 -51.25 1.21
C LEU E 29 -25.49 -51.08 0.45
N ILE E 30 -25.51 -50.30 -0.63
CA ILE E 30 -24.27 -50.01 -1.35
C ILE E 30 -23.86 -48.58 -1.07
N HIS E 31 -22.59 -48.40 -0.73
CA HIS E 31 -22.05 -47.06 -0.49
C HIS E 31 -21.81 -46.35 -1.82
N GLY E 32 -20.91 -46.89 -2.64
CA GLY E 32 -20.76 -46.44 -4.01
C GLY E 32 -19.91 -47.37 -4.83
N ASP E 33 -20.44 -47.82 -5.96
CA ASP E 33 -19.68 -48.64 -6.88
C ASP E 33 -19.04 -49.84 -6.17
N ARG E 34 -17.76 -49.72 -5.84
CA ARG E 34 -16.92 -50.88 -5.56
C ARG E 34 -17.26 -51.57 -4.24
N ASN E 35 -17.82 -50.85 -3.27
CA ASN E 35 -17.98 -51.37 -1.92
C ASN E 35 -19.43 -51.78 -1.68
N ASN E 36 -19.62 -53.01 -1.23
CA ASN E 36 -20.89 -53.50 -0.73
C ASN E 36 -20.67 -54.07 0.65
N TYR E 37 -21.44 -53.60 1.63
CA TYR E 37 -21.23 -53.96 3.02
C TYR E 37 -22.21 -55.03 3.47
N LEU E 38 -21.92 -56.26 3.09
CA LEU E 38 -22.66 -57.43 3.56
C LEU E 38 -21.67 -58.52 3.95
N ALA E 39 -22.00 -59.25 5.01
CA ALA E 39 -21.14 -60.31 5.54
C ALA E 39 -21.98 -61.52 5.88
N TRP E 40 -21.33 -62.68 5.92
CA TRP E 40 -22.01 -63.95 6.15
C TRP E 40 -21.32 -64.70 7.28
N TYR E 41 -22.11 -65.13 8.27
CA TYR E 41 -21.61 -65.85 9.42
C TYR E 41 -22.30 -67.20 9.52
N VAL E 42 -21.70 -68.10 10.31
CA VAL E 42 -22.24 -69.44 10.55
C VAL E 42 -22.12 -69.74 12.03
N GLN E 43 -23.17 -70.37 12.59
CA GLN E 43 -23.22 -70.72 14.01
C GLN E 43 -23.55 -72.21 14.10
N LYS E 44 -22.51 -73.03 14.11
CA LYS E 44 -22.69 -74.47 14.22
C LYS E 44 -23.25 -74.80 15.61
N PRO E 45 -23.98 -75.90 15.75
CA PRO E 45 -24.67 -76.17 17.02
C PRO E 45 -23.71 -76.17 18.21
N GLY E 46 -24.13 -75.53 19.29
CA GLY E 46 -23.37 -75.51 20.51
C GLY E 46 -22.03 -74.81 20.42
N ARG E 47 -21.92 -73.78 19.58
CA ARG E 47 -20.66 -73.11 19.34
C ARG E 47 -20.89 -71.61 19.19
N SER E 48 -19.79 -70.86 19.14
CA SER E 48 -19.86 -69.45 18.84
C SER E 48 -19.96 -69.24 17.33
N PRO E 49 -20.54 -68.11 16.90
CA PRO E 49 -20.56 -67.82 15.46
C PRO E 49 -19.17 -67.71 14.85
N GLN E 50 -19.10 -67.68 13.52
CA GLN E 50 -17.83 -67.67 12.81
C GLN E 50 -17.97 -66.82 11.56
N LEU E 51 -16.88 -66.17 11.16
CA LEU E 51 -16.90 -65.30 10.00
C LEU E 51 -16.44 -66.03 8.76
N LEU E 52 -17.22 -65.92 7.68
CA LEU E 52 -16.93 -66.61 6.43
C LEU E 52 -16.60 -65.63 5.31
N ILE E 53 -17.52 -64.71 4.99
CA ILE E 53 -17.41 -63.82 3.86
C ILE E 53 -17.72 -62.41 4.33
N TYR E 54 -16.99 -61.42 3.80
CA TYR E 54 -17.25 -60.03 4.14
C TYR E 54 -17.00 -59.16 2.91
N LEU E 55 -17.58 -57.96 2.95
CA LEU E 55 -17.62 -57.06 1.79
C LEU E 55 -18.27 -57.75 0.59
N ALA E 56 -19.10 -58.73 0.88
CA ALA E 56 -20.00 -59.37 -0.06
C ALA E 56 -19.30 -60.31 -1.05
N SER E 57 -17.98 -60.27 -1.12
CA SER E 57 -17.26 -61.24 -1.94
C SER E 57 -15.99 -61.76 -1.28
N SER E 58 -15.41 -60.97 -0.37
CA SER E 58 -14.12 -61.32 0.19
C SER E 58 -14.25 -62.46 1.18
N ARG E 59 -13.30 -63.38 1.14
CA ARG E 59 -13.29 -64.56 1.97
C ARG E 59 -12.33 -64.37 3.14
N ALA E 60 -12.75 -64.81 4.32
CA ALA E 60 -11.92 -64.67 5.50
C ALA E 60 -10.75 -65.64 5.47
N SER E 61 -9.71 -65.31 6.23
CA SER E 61 -8.56 -66.21 6.34
C SER E 61 -8.97 -67.51 7.03
N GLY E 62 -8.47 -68.62 6.52
CA GLY E 62 -8.77 -69.91 7.10
C GLY E 62 -10.04 -70.55 6.63
N VAL E 63 -10.79 -69.90 5.74
CA VAL E 63 -12.03 -70.44 5.19
C VAL E 63 -11.68 -71.12 3.86
N PRO E 64 -11.98 -72.41 3.69
CA PRO E 64 -11.69 -73.06 2.41
C PRO E 64 -12.42 -72.37 1.27
N ASP E 65 -11.80 -72.36 0.10
CA ASP E 65 -12.26 -71.55 -1.02
C ASP E 65 -13.56 -72.10 -1.63
N ARG E 66 -14.14 -73.12 -1.01
CA ARG E 66 -15.44 -73.60 -1.48
C ARG E 66 -16.55 -72.60 -1.20
N PHE E 67 -16.34 -71.68 -0.26
CA PHE E 67 -17.31 -70.62 0.04
C PHE E 67 -17.08 -69.46 -0.92
N SER E 68 -18.12 -69.09 -1.66
CA SER E 68 -18.03 -67.98 -2.60
C SER E 68 -19.30 -67.15 -2.51
N GLY E 69 -19.14 -65.83 -2.47
CA GLY E 69 -20.26 -64.93 -2.36
C GLY E 69 -20.25 -63.93 -3.51
N SER E 70 -21.45 -63.46 -3.87
CA SER E 70 -21.60 -62.50 -4.95
C SER E 70 -22.90 -61.74 -4.74
N GLY E 71 -23.01 -60.59 -5.41
CA GLY E 71 -24.20 -59.76 -5.32
C GLY E 71 -23.88 -58.30 -5.09
N SER E 72 -24.85 -57.42 -5.31
CA SER E 72 -24.63 -55.99 -5.13
C SER E 72 -25.93 -55.21 -5.17
N ASP E 73 -26.07 -54.25 -4.27
CA ASP E 73 -27.21 -53.33 -4.30
C ASP E 73 -28.53 -54.08 -4.22
N LYS E 74 -28.80 -54.70 -3.07
CA LYS E 74 -30.07 -55.34 -2.75
C LYS E 74 -30.26 -56.72 -3.37
N ASP E 75 -29.17 -57.43 -3.66
CA ASP E 75 -29.28 -58.82 -4.07
C ASP E 75 -27.95 -59.50 -3.78
N PHE E 76 -27.96 -60.47 -2.86
CA PHE E 76 -26.76 -61.17 -2.44
C PHE E 76 -27.09 -62.64 -2.22
N THR E 77 -26.07 -63.48 -2.31
CA THR E 77 -26.26 -64.92 -2.14
C THR E 77 -24.90 -65.56 -1.84
N LEU E 78 -24.92 -66.56 -0.97
CA LEU E 78 -23.71 -67.27 -0.56
C LEU E 78 -23.79 -68.70 -1.07
N LYS E 79 -22.75 -69.14 -1.79
CA LYS E 79 -22.71 -70.46 -2.41
C LYS E 79 -21.63 -71.29 -1.73
N ILE E 80 -21.97 -72.54 -1.44
CA ILE E 80 -21.01 -73.54 -0.96
C ILE E 80 -20.99 -74.68 -1.97
N SER E 81 -19.79 -75.12 -2.34
CA SER E 81 -19.62 -76.15 -3.34
C SER E 81 -19.23 -77.48 -2.69
N ARG E 82 -19.93 -78.54 -3.07
CA ARG E 82 -19.66 -79.88 -2.57
C ARG E 82 -19.72 -79.91 -1.05
N VAL E 83 -20.92 -79.69 -0.52
CA VAL E 83 -21.08 -79.53 0.92
C VAL E 83 -20.63 -80.81 1.63
N GLU E 84 -20.28 -80.66 2.90
CA GLU E 84 -19.70 -81.73 3.70
C GLU E 84 -20.48 -81.81 5.01
N THR E 85 -20.17 -82.85 5.80
CA THR E 85 -20.90 -83.05 7.05
C THR E 85 -20.78 -81.83 7.96
N GLU E 86 -19.59 -81.25 8.06
CA GLU E 86 -19.39 -80.12 8.96
C GLU E 86 -20.04 -78.83 8.47
N ASP E 87 -20.82 -78.84 7.39
CA ASP E 87 -21.52 -77.65 6.93
C ASP E 87 -22.87 -77.45 7.61
N VAL E 88 -23.29 -78.37 8.49
CA VAL E 88 -24.54 -78.20 9.20
C VAL E 88 -24.44 -77.01 10.14
N GLY E 89 -25.51 -76.22 10.20
CA GLY E 89 -25.54 -75.09 11.11
C GLY E 89 -26.64 -74.09 10.81
N THR E 90 -26.30 -72.82 10.91
CA THR E 90 -27.25 -71.74 10.64
C THR E 90 -26.46 -70.53 10.16
N TYR E 91 -26.94 -69.87 9.13
CA TYR E 91 -26.22 -68.80 8.46
C TYR E 91 -26.99 -67.50 8.57
N TYR E 92 -26.32 -66.45 9.03
CA TYR E 92 -26.92 -65.13 9.22
C TYR E 92 -26.19 -64.13 8.34
N CYS E 93 -26.96 -63.32 7.62
CA CYS E 93 -26.38 -62.22 6.88
C CYS E 93 -26.51 -60.94 7.68
N MET E 94 -25.41 -60.19 7.75
CA MET E 94 -25.36 -58.97 8.54
C MET E 94 -25.06 -57.79 7.63
N GLN E 95 -25.69 -56.66 7.92
CA GLN E 95 -25.53 -55.43 7.14
C GLN E 95 -24.85 -54.37 7.97
N GLY E 96 -23.82 -53.75 7.42
CA GLY E 96 -23.10 -52.69 8.07
C GLY E 96 -23.30 -51.31 7.46
N ARG E 97 -24.40 -51.08 6.74
CA ARG E 97 -24.56 -49.83 6.01
C ARG E 97 -24.97 -48.68 6.92
N GLU E 98 -25.93 -48.91 7.81
CA GLU E 98 -26.48 -47.84 8.62
C GLU E 98 -26.86 -48.36 9.99
N SER E 99 -26.68 -47.53 11.01
CA SER E 99 -27.02 -47.93 12.37
C SER E 99 -28.53 -47.81 12.58
N PRO E 100 -29.12 -48.71 13.38
CA PRO E 100 -28.52 -49.85 14.08
C PRO E 100 -28.28 -50.98 13.10
N TRP E 101 -27.20 -51.73 13.28
CA TRP E 101 -26.88 -52.83 12.37
C TRP E 101 -27.67 -54.07 12.76
N THR E 102 -28.14 -54.80 11.75
CA THR E 102 -29.14 -55.84 11.96
C THR E 102 -28.68 -57.16 11.36
N PHE E 103 -29.24 -58.24 11.87
CA PHE E 103 -29.00 -59.59 11.36
C PHE E 103 -30.17 -60.06 10.51
N GLY E 104 -29.90 -61.02 9.64
CA GLY E 104 -30.95 -61.76 8.98
C GLY E 104 -31.56 -62.78 9.91
N GLN E 105 -32.70 -63.32 9.50
CA GLN E 105 -33.45 -64.23 10.37
C GLN E 105 -32.79 -65.60 10.50
N GLY E 106 -32.01 -66.04 9.51
CA GLY E 106 -31.26 -67.27 9.63
C GLY E 106 -31.78 -68.41 8.76
N THR E 107 -30.86 -69.03 8.02
CA THR E 107 -31.19 -70.17 7.17
C THR E 107 -30.52 -71.42 7.73
N LYS E 108 -31.30 -72.48 7.89
CA LYS E 108 -30.86 -73.68 8.60
C LYS E 108 -30.54 -74.77 7.59
N VAL E 109 -29.35 -75.35 7.70
CA VAL E 109 -28.82 -76.30 6.73
C VAL E 109 -28.64 -77.65 7.41
N ASP E 110 -28.99 -78.72 6.69
CA ASP E 110 -28.94 -80.07 7.23
C ASP E 110 -28.53 -81.03 6.13
N ILE E 111 -27.75 -82.06 6.49
CA ILE E 111 -27.29 -83.03 5.52
C ILE E 111 -28.47 -83.88 5.07
N LYS E 112 -28.60 -84.08 3.75
CA LYS E 112 -29.69 -84.87 3.20
C LYS E 112 -29.37 -86.35 3.27
N ARG E 113 -30.44 -87.15 3.40
CA ARG E 113 -30.31 -88.60 3.50
C ARG E 113 -31.34 -89.31 2.62
N LEU F 9 31.62 24.73 -27.70
CA LEU F 9 30.16 24.69 -27.37
C LEU F 9 29.81 23.41 -26.63
N GLY F 10 28.63 23.38 -26.05
CA GLY F 10 28.16 22.19 -25.34
C GLY F 10 28.24 22.34 -23.84
N PHE F 11 27.28 21.72 -23.16
CA PHE F 11 27.22 21.76 -21.71
C PHE F 11 28.52 21.24 -21.10
N LEU F 12 29.14 22.07 -20.26
CA LEU F 12 30.42 21.75 -19.65
C LEU F 12 31.51 21.58 -20.70
N GLY F 13 31.24 21.96 -21.94
CA GLY F 13 32.22 21.80 -23.00
C GLY F 13 33.47 22.63 -22.82
N ALA F 14 33.40 23.68 -22.01
CA ALA F 14 34.54 24.56 -21.78
C ALA F 14 35.36 24.16 -20.56
N ALA F 15 35.06 23.00 -19.94
CA ALA F 15 35.75 22.59 -18.73
C ALA F 15 37.25 22.55 -18.91
N GLY F 16 37.73 22.25 -20.12
CA GLY F 16 39.15 22.21 -20.40
C GLY F 16 39.70 23.46 -21.04
N SER F 17 38.86 24.41 -21.43
CA SER F 17 39.35 25.67 -21.93
C SER F 17 39.88 26.52 -20.77
N THR F 18 40.60 27.59 -21.12
CA THR F 18 41.23 28.41 -20.11
C THR F 18 40.21 29.18 -19.28
N MET F 19 40.63 29.60 -18.09
CA MET F 19 39.75 30.37 -17.22
C MET F 19 39.20 31.61 -17.93
N GLY F 20 40.00 32.24 -18.78
CA GLY F 20 39.58 33.46 -19.43
C GLY F 20 38.60 33.23 -20.57
N ALA F 21 38.69 32.07 -21.21
CA ALA F 21 37.82 31.76 -22.33
C ALA F 21 36.55 31.03 -21.89
N ALA F 22 36.63 30.27 -20.78
CA ALA F 22 35.47 29.55 -20.31
C ALA F 22 34.45 30.47 -19.68
N SER F 23 34.86 31.67 -19.28
CA SER F 23 33.96 32.64 -18.65
C SER F 23 33.08 33.35 -19.66
N MET F 24 33.33 33.20 -20.95
CA MET F 24 32.53 33.86 -21.98
C MET F 24 31.22 33.14 -22.26
N THR F 25 31.07 31.90 -21.79
CA THR F 25 29.92 31.05 -22.11
C THR F 25 29.27 30.54 -20.84
N LEU F 26 29.00 31.45 -19.91
CA LEU F 26 28.39 31.06 -18.64
C LEU F 26 26.91 30.74 -18.80
N THR F 27 26.27 31.22 -19.88
CA THR F 27 24.83 31.07 -20.00
C THR F 27 24.42 29.62 -20.24
N VAL F 28 25.24 28.85 -20.95
CA VAL F 28 24.87 27.47 -21.26
C VAL F 28 24.76 26.64 -19.99
N GLN F 29 25.65 26.87 -19.02
CA GLN F 29 25.59 26.12 -17.76
C GLN F 29 24.37 26.52 -16.94
N ALA F 30 24.21 27.82 -16.68
CA ALA F 30 23.16 28.28 -15.79
C ALA F 30 21.79 27.88 -16.32
N ARG F 31 21.60 27.94 -17.62
CA ARG F 31 20.34 27.57 -18.25
C ARG F 31 20.05 26.07 -18.15
N ASN F 32 21.02 25.28 -17.71
CA ASN F 32 20.87 23.84 -17.59
C ASN F 32 20.73 23.38 -16.15
N LEU F 33 20.57 24.29 -15.20
CA LEU F 33 20.58 23.91 -13.78
C LEU F 33 19.20 23.59 -13.23
N LEU F 34 18.12 23.82 -13.99
CA LEU F 34 16.81 23.41 -13.51
C LEU F 34 15.94 22.83 -14.63
N SER F 35 16.53 22.36 -15.72
CA SER F 35 15.77 21.76 -16.80
C SER F 35 14.96 20.58 -16.30
N THR F 58 4.74 2.29 -8.33
CA THR F 58 5.29 3.64 -8.34
C THR F 58 6.77 3.63 -7.95
N VAL F 59 7.49 2.61 -8.41
CA VAL F 59 8.93 2.53 -8.11
C VAL F 59 9.64 3.78 -8.60
N TRP F 60 9.59 4.02 -9.89
CA TRP F 60 10.10 5.29 -10.44
C TRP F 60 8.98 6.33 -10.51
N GLY F 61 8.24 6.46 -9.42
CA GLY F 61 7.21 7.47 -9.32
C GLY F 61 7.34 8.33 -8.08
N ILE F 62 7.97 7.80 -7.04
CA ILE F 62 8.10 8.55 -5.79
C ILE F 62 9.52 9.08 -5.63
N LYS F 63 10.52 8.38 -6.15
CA LYS F 63 11.88 8.90 -6.13
C LYS F 63 12.08 10.02 -7.14
N GLN F 64 11.28 10.05 -8.21
CA GLN F 64 11.36 11.14 -9.17
C GLN F 64 11.07 12.47 -8.51
N LEU F 65 9.98 12.55 -7.74
CA LEU F 65 9.61 13.82 -7.12
C LEU F 65 10.64 14.23 -6.08
N GLN F 66 11.23 13.28 -5.36
CA GLN F 66 12.26 13.60 -4.40
C GLN F 66 13.51 14.16 -5.06
N ALA F 67 13.63 14.03 -6.38
CA ALA F 67 14.73 14.63 -7.12
C ALA F 67 14.37 16.02 -7.63
N ARG F 68 13.15 16.16 -8.19
CA ARG F 68 12.74 17.44 -8.75
C ARG F 68 12.74 18.53 -7.69
N VAL F 69 12.23 18.23 -6.51
CA VAL F 69 12.19 19.23 -5.44
C VAL F 69 13.60 19.62 -5.03
N LEU F 70 14.53 18.66 -5.01
CA LEU F 70 15.90 18.97 -4.63
C LEU F 70 16.54 19.93 -5.63
N ALA F 71 16.30 19.73 -6.92
CA ALA F 71 16.87 20.62 -7.93
C ALA F 71 16.41 22.05 -7.72
N VAL F 72 15.12 22.25 -7.44
CA VAL F 72 14.62 23.58 -7.16
C VAL F 72 15.22 24.12 -5.86
N GLU F 73 15.37 23.25 -4.87
CA GLU F 73 15.92 23.68 -3.59
C GLU F 73 17.34 24.23 -3.75
N ARG F 74 18.17 23.52 -4.52
CA ARG F 74 19.54 23.98 -4.75
C ARG F 74 19.56 25.25 -5.59
N TYR F 75 18.67 25.35 -6.58
CA TYR F 75 18.68 26.50 -7.47
C TYR F 75 18.39 27.79 -6.71
N LEU F 76 17.46 27.75 -5.77
CA LEU F 76 17.14 28.94 -4.99
C LEU F 76 18.23 29.25 -3.96
N ARG F 77 19.04 28.26 -3.59
CA ARG F 77 20.16 28.52 -2.71
C ARG F 77 21.15 29.47 -3.36
N ASP F 78 21.45 29.27 -4.64
CA ASP F 78 22.37 30.16 -5.34
C ASP F 78 21.77 31.54 -5.50
N GLN F 79 20.52 31.62 -5.95
CA GLN F 79 19.90 32.93 -6.19
C GLN F 79 19.81 33.74 -4.90
N GLN F 80 19.49 33.08 -3.79
CA GLN F 80 19.42 33.79 -2.52
C GLN F 80 20.79 34.38 -2.16
N LEU F 81 21.86 33.62 -2.35
CA LEU F 81 23.19 34.12 -2.05
C LEU F 81 23.52 35.33 -2.92
N LEU F 82 23.27 35.21 -4.23
CA LEU F 82 23.53 36.34 -5.11
C LEU F 82 22.65 37.53 -4.75
N GLY F 83 21.49 37.28 -4.17
CA GLY F 83 20.56 38.36 -3.86
C GLY F 83 20.98 39.17 -2.64
N ILE F 84 21.83 38.61 -1.79
CA ILE F 84 22.31 39.33 -0.61
C ILE F 84 23.71 39.89 -0.80
N TRP F 85 24.33 39.68 -1.95
CA TRP F 85 25.56 40.37 -2.32
C TRP F 85 25.32 41.48 -3.34
N GLY F 86 24.07 41.71 -3.75
CA GLY F 86 23.76 42.72 -4.73
C GLY F 86 23.80 42.26 -6.17
N CYS F 87 24.22 41.03 -6.43
CA CYS F 87 24.35 40.49 -7.78
C CYS F 87 23.11 39.74 -8.23
N SER F 88 21.92 40.15 -7.77
CA SER F 88 20.72 39.33 -7.84
C SER F 88 20.22 39.08 -9.26
N GLY F 89 20.84 39.69 -10.27
CA GLY F 89 20.35 39.52 -11.62
C GLY F 89 21.41 39.43 -12.70
N LYS F 90 22.66 39.19 -12.31
CA LYS F 90 23.78 39.25 -13.25
C LYS F 90 24.55 37.94 -13.26
N LEU F 91 25.08 37.59 -14.45
CA LEU F 91 25.97 36.46 -14.56
C LEU F 91 27.42 36.81 -14.23
N ILE F 92 27.78 38.09 -14.31
CA ILE F 92 29.08 38.59 -13.88
C ILE F 92 28.84 39.77 -12.95
N CYS F 93 29.51 39.78 -11.81
CA CYS F 93 29.29 40.79 -10.80
C CYS F 93 30.59 41.09 -10.08
N CYS F 94 30.81 42.37 -9.80
CA CYS F 94 32.01 42.83 -9.10
C CYS F 94 31.59 43.59 -7.85
N THR F 95 32.42 43.50 -6.81
CA THR F 95 32.06 44.03 -5.50
C THR F 95 33.24 44.81 -4.94
N ASN F 96 32.99 45.51 -3.84
CA ASN F 96 33.99 46.36 -3.19
C ASN F 96 34.72 45.66 -2.06
N VAL F 97 34.89 44.34 -2.12
CA VAL F 97 35.62 43.58 -1.11
C VAL F 97 37.05 43.41 -1.59
N PRO F 98 38.04 43.98 -0.91
CA PRO F 98 39.43 43.89 -1.40
C PRO F 98 39.95 42.46 -1.39
N TRP F 99 40.79 42.17 -2.39
CA TRP F 99 41.41 40.86 -2.45
C TRP F 99 42.57 40.77 -1.47
N ASN F 100 42.68 39.63 -0.81
CA ASN F 100 43.72 39.39 0.18
C ASN F 100 44.71 38.39 -0.40
N SER F 101 45.99 38.75 -0.40
CA SER F 101 47.01 37.86 -0.98
C SER F 101 47.17 36.58 -0.17
N SER F 102 46.85 36.61 1.14
CA SER F 102 46.95 35.40 1.94
C SER F 102 46.05 34.30 1.40
N TRP F 103 44.99 34.65 0.67
CA TRP F 103 44.19 33.64 -0.02
C TRP F 103 44.95 33.09 -1.22
N SER F 104 45.27 33.96 -2.19
CA SER F 104 46.08 33.57 -3.33
C SER F 104 46.77 34.83 -3.84
N ASN F 105 48.11 34.86 -3.73
CA ASN F 105 48.87 36.03 -4.12
C ASN F 105 49.19 36.08 -5.60
N ARG F 106 48.82 35.06 -6.36
CA ARG F 106 49.24 34.97 -7.75
C ARG F 106 48.64 36.10 -8.57
N ASN F 107 49.34 36.47 -9.65
CA ASN F 107 48.93 37.55 -10.51
C ASN F 107 48.17 37.01 -11.72
N LEU F 108 47.50 37.93 -12.43
CA LEU F 108 46.84 37.56 -13.69
C LEU F 108 47.83 37.04 -14.71
N SER F 109 49.11 37.41 -14.61
CA SER F 109 50.15 36.74 -15.38
C SER F 109 50.33 35.30 -14.95
N GLU F 110 49.66 34.88 -13.88
CA GLU F 110 49.70 33.51 -13.41
C GLU F 110 48.32 32.86 -13.34
N ILE F 111 47.24 33.62 -13.54
CA ILE F 111 45.89 33.05 -13.58
C ILE F 111 45.10 33.74 -14.69
N TRP F 112 43.87 33.29 -14.90
CA TRP F 112 42.90 33.94 -15.78
C TRP F 112 43.18 33.75 -17.26
N ASP F 113 44.36 33.24 -17.61
CA ASP F 113 44.66 32.88 -18.99
C ASP F 113 45.57 31.66 -19.12
N ASN F 114 45.99 31.07 -18.00
CA ASN F 114 46.86 29.90 -18.01
C ASN F 114 46.35 28.83 -17.05
N MET F 115 45.07 28.90 -16.68
CA MET F 115 44.49 28.00 -15.70
C MET F 115 43.14 27.54 -16.24
N THR F 116 42.47 26.69 -15.47
CA THR F 116 41.12 26.26 -15.77
C THR F 116 40.27 26.38 -14.52
N TRP F 117 38.97 26.59 -14.71
CA TRP F 117 38.07 26.74 -13.57
C TRP F 117 38.06 25.49 -12.70
N LEU F 118 38.34 24.33 -13.29
CA LEU F 118 38.29 23.08 -12.53
C LEU F 118 39.31 23.06 -11.41
N GLN F 119 40.52 23.55 -11.65
CA GLN F 119 41.58 23.50 -10.66
C GLN F 119 41.69 24.77 -9.83
N TRP F 120 41.15 25.90 -10.30
CA TRP F 120 41.09 27.08 -9.44
C TRP F 120 40.23 26.80 -8.22
N ASP F 121 39.09 26.15 -8.40
CA ASP F 121 38.25 25.77 -7.28
C ASP F 121 39.06 25.03 -6.22
N LYS F 122 39.97 24.15 -6.67
CA LYS F 122 40.81 23.42 -5.72
C LYS F 122 41.70 24.37 -4.95
N GLU F 123 42.29 25.37 -5.63
CA GLU F 123 43.21 26.28 -4.96
C GLU F 123 42.47 27.20 -3.99
N ILE F 124 41.38 27.82 -4.44
CA ILE F 124 40.75 28.87 -3.67
C ILE F 124 39.72 28.32 -2.68
N SER F 125 39.45 27.01 -2.72
CA SER F 125 38.39 26.45 -1.89
C SER F 125 38.60 26.73 -0.41
N ASN F 126 39.87 26.83 0.01
CA ASN F 126 40.17 26.90 1.43
C ASN F 126 39.68 28.18 2.09
N TYR F 127 39.30 29.19 1.31
CA TYR F 127 38.94 30.49 1.87
C TYR F 127 37.53 30.95 1.47
N THR F 128 36.75 30.09 0.82
CA THR F 128 35.43 30.49 0.35
C THR F 128 34.49 30.85 1.49
N GLN F 129 34.52 30.09 2.59
CA GLN F 129 33.62 30.38 3.70
C GLN F 129 33.79 31.80 4.20
N ILE F 130 34.99 32.36 4.04
CA ILE F 130 35.25 33.73 4.48
C ILE F 130 34.70 34.73 3.47
N ILE F 131 35.07 34.57 2.20
CA ILE F 131 34.77 35.58 1.19
C ILE F 131 33.27 35.77 1.07
N TYR F 132 32.50 34.68 1.16
CA TYR F 132 31.05 34.79 1.10
C TYR F 132 30.50 35.63 2.25
N GLY F 133 31.21 35.71 3.37
CA GLY F 133 30.75 36.47 4.51
C GLY F 133 31.00 37.96 4.39
N LEU F 134 32.21 38.33 3.97
CA LEU F 134 32.49 39.74 3.74
C LEU F 134 31.50 40.36 2.77
N LEU F 135 31.13 39.62 1.73
CA LEU F 135 30.22 40.14 0.71
C LEU F 135 28.86 40.49 1.29
N GLU F 136 28.47 39.89 2.41
CA GLU F 136 27.18 40.22 3.03
C GLU F 136 27.24 41.58 3.72
N GLU F 137 28.10 41.70 4.73
CA GLU F 137 28.21 42.96 5.46
C GLU F 137 28.54 44.11 4.51
N SER F 138 29.26 43.83 3.43
CA SER F 138 29.62 44.85 2.46
C SER F 138 28.40 45.30 1.67
N GLN F 139 27.28 44.58 1.79
CA GLN F 139 26.06 44.91 1.07
C GLN F 139 25.10 45.76 1.90
N ASN F 140 24.80 45.34 3.13
CA ASN F 140 24.04 46.24 4.01
C ASN F 140 24.82 47.52 4.26
N GLN F 141 26.14 47.47 4.12
CA GLN F 141 26.94 48.69 4.16
C GLN F 141 26.56 49.65 3.04
N GLN F 142 25.94 49.14 1.98
CA GLN F 142 25.52 49.96 0.85
C GLN F 142 24.02 50.23 0.83
N GLU F 143 23.20 49.25 1.20
CA GLU F 143 21.76 49.41 1.11
C GLU F 143 21.21 50.40 2.13
N LYS F 144 22.00 50.82 3.12
CA LYS F 144 21.57 51.85 4.05
C LYS F 144 22.11 53.21 3.65
N ASN F 145 23.40 53.29 3.30
CA ASN F 145 23.96 54.57 2.88
C ASN F 145 23.29 55.10 1.64
N GLU F 146 22.79 54.21 0.78
CA GLU F 146 22.05 54.65 -0.39
C GLU F 146 20.74 55.34 0.00
N GLN F 147 19.97 54.72 0.90
CA GLN F 147 18.68 55.29 1.27
C GLN F 147 18.85 56.49 2.19
N ASP F 148 20.01 56.61 2.85
CA ASP F 148 20.28 57.80 3.65
C ASP F 148 20.38 59.06 2.80
N LEU F 149 20.74 58.91 1.52
CA LEU F 149 20.81 60.07 0.64
C LEU F 149 19.41 60.52 0.23
N LEU F 150 18.53 59.58 -0.09
CA LEU F 150 17.16 59.95 -0.46
C LEU F 150 16.41 60.54 0.73
N ALA F 151 16.74 60.13 1.94
CA ALA F 151 16.07 60.68 3.12
C ALA F 151 16.60 62.06 3.51
N LEU F 152 17.69 62.51 2.89
CA LEU F 152 18.28 63.80 3.20
C LEU F 152 18.01 64.83 2.11
N ASP F 153 18.35 64.52 0.87
CA ASP F 153 18.16 65.44 -0.24
C ASP F 153 16.68 65.66 -0.50
N LEU G 9 -11.68 43.89 -15.59
CA LEU G 9 -10.96 44.39 -14.38
C LEU G 9 -10.34 43.24 -13.59
N GLY G 10 -10.92 42.05 -13.74
CA GLY G 10 -10.46 40.89 -13.00
C GLY G 10 -9.44 40.06 -13.79
N PHE G 11 -9.11 38.91 -13.22
CA PHE G 11 -8.10 38.04 -13.82
C PHE G 11 -8.50 37.67 -15.24
N LEU G 12 -7.56 37.83 -16.17
CA LEU G 12 -7.69 37.42 -17.56
C LEU G 12 -8.77 38.18 -18.30
N GLY G 13 -9.33 39.24 -17.71
CA GLY G 13 -10.50 39.89 -18.29
C GLY G 13 -10.23 40.70 -19.53
N ALA G 14 -9.00 41.20 -19.70
CA ALA G 14 -8.66 42.01 -20.86
C ALA G 14 -8.18 41.20 -22.04
N ALA G 15 -8.55 39.91 -22.13
CA ALA G 15 -8.08 39.07 -23.21
C ALA G 15 -8.66 39.48 -24.56
N GLY G 16 -9.82 40.13 -24.57
CA GLY G 16 -10.46 40.54 -25.80
C GLY G 16 -10.36 42.01 -26.13
N SER G 17 -9.50 42.75 -25.43
CA SER G 17 -9.39 44.19 -25.62
C SER G 17 -8.10 44.53 -26.35
N THR G 18 -8.03 45.79 -26.80
CA THR G 18 -6.90 46.29 -27.56
C THR G 18 -5.58 45.95 -26.88
N MET G 19 -4.52 45.79 -27.68
CA MET G 19 -3.22 45.42 -27.13
C MET G 19 -2.73 46.47 -26.15
N GLY G 20 -2.81 47.75 -26.51
CA GLY G 20 -2.34 48.80 -25.61
C GLY G 20 -3.15 48.83 -24.32
N ALA G 21 -4.45 48.62 -24.41
CA ALA G 21 -5.29 48.62 -23.21
C ALA G 21 -5.05 47.36 -22.37
N ALA G 22 -4.60 46.27 -22.98
CA ALA G 22 -4.40 45.04 -22.23
C ALA G 22 -3.13 45.10 -21.39
N SER G 23 -2.10 45.80 -21.88
CA SER G 23 -0.84 45.88 -21.15
C SER G 23 -0.95 46.71 -19.88
N MET G 24 -2.05 47.42 -19.67
CA MET G 24 -2.24 48.16 -18.42
C MET G 24 -2.54 47.26 -17.24
N THR G 25 -2.89 46.00 -17.48
CA THR G 25 -3.32 45.08 -16.44
C THR G 25 -2.39 43.89 -16.28
N LEU G 26 -1.10 44.05 -16.57
CA LEU G 26 -0.18 42.92 -16.50
C LEU G 26 -0.13 42.32 -15.10
N THR G 27 -0.26 43.16 -14.07
CA THR G 27 -0.14 42.67 -12.70
C THR G 27 -1.23 41.66 -12.36
N VAL G 28 -2.43 41.85 -12.90
CA VAL G 28 -3.54 40.96 -12.54
C VAL G 28 -3.25 39.54 -12.99
N GLN G 29 -2.66 39.37 -14.18
CA GLN G 29 -2.27 38.04 -14.63
C GLN G 29 -1.00 37.57 -13.92
N ALA G 30 -0.09 38.49 -13.61
CA ALA G 30 1.19 38.11 -13.03
C ALA G 30 1.02 37.48 -11.65
N ARG G 31 -0.04 37.87 -10.92
CA ARG G 31 -0.17 37.44 -9.54
C ARG G 31 -0.57 35.96 -9.44
N ASN G 32 -1.24 35.44 -10.45
CA ASN G 32 -1.90 34.15 -10.36
C ASN G 32 -1.09 32.98 -10.88
N LEU G 33 0.16 33.19 -11.29
CA LEU G 33 0.93 32.07 -11.85
C LEU G 33 1.38 31.08 -10.79
N LEU G 34 1.21 31.36 -9.51
CA LEU G 34 1.53 30.40 -8.47
C LEU G 34 0.66 30.67 -7.25
N SER G 35 0.53 29.65 -6.40
CA SER G 35 -0.31 29.76 -5.22
C SER G 35 -0.01 28.63 -4.24
N THR G 58 -2.99 7.52 0.91
CA THR G 58 -2.36 8.81 0.64
C THR G 58 -1.86 8.88 -0.81
N VAL G 59 -1.72 7.72 -1.45
CA VAL G 59 -1.24 7.68 -2.82
C VAL G 59 -2.17 8.44 -3.76
N TRP G 60 -3.46 8.49 -3.45
CA TRP G 60 -4.39 9.28 -4.26
C TRP G 60 -4.05 10.75 -4.19
N GLY G 61 -3.67 11.23 -3.00
CA GLY G 61 -3.41 12.65 -2.78
C GLY G 61 -2.10 13.15 -3.31
N ILE G 62 -1.24 12.27 -3.84
CA ILE G 62 -0.03 12.74 -4.50
C ILE G 62 -0.37 13.65 -5.66
N LYS G 63 -1.60 13.55 -6.17
CA LYS G 63 -2.14 14.54 -7.09
C LYS G 63 -1.86 15.95 -6.62
N GLN G 64 -2.32 16.29 -5.42
CA GLN G 64 -2.19 17.63 -4.88
C GLN G 64 -0.75 17.99 -4.54
N LEU G 65 0.21 17.13 -4.81
CA LEU G 65 1.62 17.45 -4.67
C LEU G 65 2.33 17.48 -6.02
N GLN G 66 2.02 16.54 -6.91
CA GLN G 66 2.52 16.62 -8.29
C GLN G 66 2.13 17.95 -8.92
N ALA G 67 0.89 18.39 -8.68
CA ALA G 67 0.40 19.61 -9.31
C ALA G 67 1.18 20.83 -8.85
N ARG G 68 1.46 20.95 -7.55
CA ARG G 68 2.11 22.13 -7.02
C ARG G 68 3.57 22.23 -7.42
N VAL G 69 4.30 21.11 -7.37
CA VAL G 69 5.69 21.11 -7.80
C VAL G 69 5.79 21.58 -9.24
N LEU G 70 4.86 21.14 -10.09
CA LEU G 70 4.86 21.57 -11.48
C LEU G 70 4.69 23.08 -11.58
N ALA G 71 3.81 23.65 -10.76
CA ALA G 71 3.57 25.08 -10.81
C ALA G 71 4.84 25.86 -10.49
N VAL G 72 5.58 25.41 -9.48
CA VAL G 72 6.77 26.14 -9.04
C VAL G 72 7.82 26.17 -10.15
N GLU G 73 8.07 25.01 -10.77
CA GLU G 73 9.15 24.92 -11.75
C GLU G 73 8.77 25.54 -13.10
N ARG G 74 7.49 25.74 -13.37
CA ARG G 74 7.09 26.50 -14.55
C ARG G 74 7.32 28.00 -14.34
N TYR G 75 7.00 28.50 -13.15
CA TYR G 75 7.24 29.90 -12.84
C TYR G 75 8.72 30.22 -12.85
N LEU G 76 9.54 29.32 -12.31
CA LEU G 76 10.99 29.54 -12.29
C LEU G 76 11.58 29.50 -13.69
N ARG G 77 10.95 28.77 -14.61
CA ARG G 77 11.46 28.73 -15.97
C ARG G 77 11.30 30.07 -16.67
N ASP G 78 10.14 30.72 -16.48
CA ASP G 78 9.94 32.05 -17.05
C ASP G 78 10.84 33.09 -16.37
N GLN G 79 10.97 32.99 -15.04
CA GLN G 79 11.81 33.94 -14.32
C GLN G 79 13.27 33.85 -14.77
N GLN G 80 13.78 32.63 -14.92
CA GLN G 80 15.15 32.48 -15.42
C GLN G 80 15.26 33.01 -16.84
N LEU G 81 14.25 32.73 -17.67
CA LEU G 81 14.31 33.15 -19.06
C LEU G 81 14.36 34.67 -19.18
N LEU G 82 13.70 35.39 -18.28
CA LEU G 82 13.82 36.85 -18.24
C LEU G 82 15.14 37.28 -17.63
N GLY G 83 15.60 36.56 -16.60
CA GLY G 83 16.81 36.97 -15.91
C GLY G 83 18.05 36.98 -16.79
N ILE G 84 18.10 36.09 -17.77
CA ILE G 84 19.24 36.01 -18.68
C ILE G 84 18.95 36.79 -19.95
N TRP G 85 17.95 37.69 -19.89
CA TRP G 85 17.74 38.68 -20.93
C TRP G 85 18.10 40.08 -20.47
N GLY G 86 18.39 40.26 -19.19
CA GLY G 86 18.58 41.59 -18.63
C GLY G 86 17.37 42.15 -17.93
N CYS G 87 16.22 41.50 -18.06
CA CYS G 87 14.98 41.96 -17.46
C CYS G 87 14.71 41.24 -16.14
N SER G 88 15.46 41.58 -15.10
CA SER G 88 15.40 40.81 -13.86
C SER G 88 14.04 40.91 -13.18
N GLY G 89 13.53 42.12 -12.98
CA GLY G 89 12.30 42.29 -12.23
C GLY G 89 11.35 43.27 -12.87
N LYS G 90 11.36 43.34 -14.19
CA LYS G 90 10.67 44.37 -14.95
C LYS G 90 9.51 43.73 -15.73
N LEU G 91 8.32 44.32 -15.58
CA LEU G 91 7.15 43.84 -16.31
C LEU G 91 7.15 44.27 -17.78
N ILE G 92 7.71 45.44 -18.09
CA ILE G 92 7.78 45.93 -19.46
C ILE G 92 9.20 46.38 -19.75
N CYS G 93 9.99 45.48 -20.33
CA CYS G 93 11.43 45.62 -20.43
C CYS G 93 11.84 45.90 -21.86
N CYS G 94 12.66 46.93 -22.05
CA CYS G 94 13.13 47.28 -23.38
C CYS G 94 14.39 46.49 -23.73
N THR G 95 14.60 46.28 -25.02
CA THR G 95 15.77 45.56 -25.51
C THR G 95 16.33 46.28 -26.73
N ASN G 96 17.60 46.02 -27.03
CA ASN G 96 18.29 46.67 -28.14
C ASN G 96 18.24 45.86 -29.42
N VAL G 97 17.47 44.77 -29.46
CA VAL G 97 17.39 43.92 -30.64
C VAL G 97 16.57 44.62 -31.72
N PRO G 98 17.12 44.80 -32.92
CA PRO G 98 16.32 45.41 -34.00
C PRO G 98 15.18 44.48 -34.42
N TRP G 99 14.05 45.08 -34.78
CA TRP G 99 12.90 44.30 -35.22
C TRP G 99 13.03 44.00 -36.70
N ASN G 100 13.42 42.78 -37.02
CA ASN G 100 13.45 42.32 -38.40
C ASN G 100 12.06 42.51 -39.02
N SER G 101 12.02 43.14 -40.19
CA SER G 101 10.73 43.40 -40.84
C SER G 101 10.09 42.13 -41.36
N SER G 102 10.88 41.07 -41.60
CA SER G 102 10.31 39.81 -42.08
C SER G 102 9.42 39.15 -41.04
N TRP G 103 9.60 39.49 -39.76
CA TRP G 103 8.76 38.91 -38.72
C TRP G 103 7.32 39.40 -38.84
N SER G 104 7.13 40.71 -38.70
CA SER G 104 5.83 41.34 -38.93
C SER G 104 6.07 42.72 -39.52
N ASN G 105 5.13 43.15 -40.37
CA ASN G 105 5.29 44.38 -41.15
C ASN G 105 4.29 45.45 -40.76
N ARG G 106 3.53 45.27 -39.69
CA ARG G 106 2.47 46.21 -39.37
C ARG G 106 3.04 47.54 -38.88
N ASN G 107 2.25 48.60 -39.06
CA ASN G 107 2.52 49.86 -38.40
C ASN G 107 2.09 49.79 -36.94
N LEU G 108 2.72 50.63 -36.11
CA LEU G 108 2.44 50.57 -34.68
C LEU G 108 0.99 50.89 -34.38
N SER G 109 0.34 51.73 -35.19
CA SER G 109 -1.09 51.97 -35.00
C SER G 109 -1.90 50.74 -35.36
N GLU G 110 -1.43 49.95 -36.33
CA GLU G 110 -2.10 48.71 -36.68
C GLU G 110 -1.97 47.64 -35.62
N ILE G 111 -1.05 47.82 -34.67
CA ILE G 111 -0.75 46.81 -33.65
C ILE G 111 -1.32 47.20 -32.30
N TRP G 112 -0.90 48.35 -31.77
CA TRP G 112 -1.19 48.69 -30.38
C TRP G 112 -2.59 49.24 -30.20
N ASP G 113 -3.28 49.59 -31.29
CA ASP G 113 -4.60 50.21 -31.19
C ASP G 113 -5.73 49.28 -31.57
N ASN G 114 -5.60 48.52 -32.66
CA ASN G 114 -6.71 47.76 -33.23
C ASN G 114 -6.35 46.29 -33.39
N MET G 115 -5.76 45.68 -32.36
CA MET G 115 -5.42 44.27 -32.39
C MET G 115 -5.44 43.75 -30.96
N THR G 116 -5.54 42.43 -30.84
CA THR G 116 -5.62 41.76 -29.54
C THR G 116 -4.45 40.82 -29.37
N TRP G 117 -4.04 40.60 -28.12
CA TRP G 117 -2.87 39.77 -27.86
C TRP G 117 -3.06 38.35 -28.36
N LEU G 118 -4.29 37.83 -28.34
CA LEU G 118 -4.53 36.50 -28.85
C LEU G 118 -4.45 36.42 -30.36
N GLN G 119 -4.49 37.55 -31.06
CA GLN G 119 -4.20 37.60 -32.49
C GLN G 119 -2.70 37.67 -32.75
N TRP G 120 -1.99 38.53 -32.01
CA TRP G 120 -0.56 38.70 -32.22
C TRP G 120 0.17 37.38 -32.01
N ASP G 121 -0.30 36.54 -31.10
CA ASP G 121 0.32 35.24 -30.87
C ASP G 121 0.33 34.40 -32.14
N LYS G 122 -0.70 34.55 -32.98
CA LYS G 122 -0.77 33.77 -34.21
C LYS G 122 0.29 34.19 -35.22
N GLU G 123 0.65 35.47 -35.23
CA GLU G 123 1.49 35.99 -36.31
C GLU G 123 2.97 35.73 -36.06
N ILE G 124 3.37 35.64 -34.80
CA ILE G 124 4.78 35.57 -34.42
C ILE G 124 5.20 34.18 -33.93
N SER G 125 4.27 33.23 -33.86
CA SER G 125 4.58 31.94 -33.27
C SER G 125 5.80 31.30 -33.94
N ASN G 126 5.85 31.34 -35.27
CA ASN G 126 6.97 30.72 -35.99
C ASN G 126 8.29 31.41 -35.64
N TYR G 127 8.27 32.73 -35.53
CA TYR G 127 9.49 33.50 -35.31
C TYR G 127 9.86 33.63 -33.84
N THR G 128 9.11 33.00 -32.93
CA THR G 128 9.33 33.24 -31.51
C THR G 128 10.64 32.65 -31.02
N GLN G 129 10.93 31.40 -31.39
CA GLN G 129 12.06 30.69 -30.78
C GLN G 129 13.37 31.39 -31.06
N ILE G 130 13.56 31.90 -32.27
CA ILE G 130 14.81 32.58 -32.61
C ILE G 130 14.98 33.87 -31.81
N ILE G 131 13.88 34.58 -31.55
CA ILE G 131 13.97 35.89 -30.91
C ILE G 131 14.61 35.77 -29.53
N TYR G 132 14.22 34.75 -28.75
CA TYR G 132 14.82 34.56 -27.44
C TYR G 132 16.33 34.39 -27.53
N GLY G 133 16.85 33.94 -28.67
CA GLY G 133 18.28 33.88 -28.88
C GLY G 133 18.91 35.26 -28.95
N LEU G 134 18.35 36.13 -29.81
CA LEU G 134 18.91 37.48 -29.95
C LEU G 134 18.86 38.22 -28.62
N LEU G 135 17.80 38.04 -27.85
CA LEU G 135 17.73 38.67 -26.54
C LEU G 135 18.84 38.15 -25.64
N GLU G 136 19.14 36.86 -25.72
CA GLU G 136 20.17 36.28 -24.88
C GLU G 136 21.57 36.63 -25.38
N GLU G 137 21.76 36.70 -26.69
CA GLU G 137 23.07 37.08 -27.23
C GLU G 137 23.44 38.49 -26.81
N SER G 138 22.48 39.42 -26.88
CA SER G 138 22.77 40.82 -26.60
C SER G 138 23.12 41.06 -25.14
N GLN G 139 22.68 40.20 -24.22
CA GLN G 139 22.83 40.47 -22.81
C GLN G 139 24.28 40.28 -22.33
N ASN G 140 24.81 39.07 -22.44
CA ASN G 140 26.15 38.81 -21.93
C ASN G 140 27.20 39.70 -22.58
N GLN G 141 26.91 40.23 -23.78
CA GLN G 141 27.80 41.22 -24.37
C GLN G 141 27.89 42.45 -23.49
N GLN G 142 26.75 42.93 -23.00
CA GLN G 142 26.76 44.07 -22.10
C GLN G 142 27.46 43.74 -20.79
N GLU G 143 27.23 42.52 -20.26
CA GLU G 143 27.89 42.12 -19.02
C GLU G 143 29.41 42.12 -19.18
N LYS G 144 29.90 41.58 -20.30
CA LYS G 144 31.33 41.63 -20.56
C LYS G 144 31.79 43.06 -20.82
N ASN G 145 31.00 43.83 -21.59
CA ASN G 145 31.40 45.18 -21.93
C ASN G 145 31.49 46.06 -20.69
N GLU G 146 30.42 46.09 -19.89
CA GLU G 146 30.39 46.98 -18.73
C GLU G 146 31.49 46.63 -17.74
N GLN G 147 31.77 45.34 -17.56
CA GLN G 147 32.87 44.94 -16.68
C GLN G 147 34.19 45.51 -17.20
N ASP G 148 34.40 45.45 -18.51
CA ASP G 148 35.62 46.02 -19.09
C ASP G 148 35.69 47.52 -18.87
N LEU G 149 34.57 48.22 -19.06
CA LEU G 149 34.56 49.67 -18.86
C LEU G 149 34.82 50.05 -17.41
N LEU G 150 34.27 49.29 -16.46
CA LEU G 150 34.61 49.51 -15.05
C LEU G 150 36.09 49.24 -14.80
N ALA G 151 36.63 48.17 -15.39
CA ALA G 151 38.05 47.87 -15.23
C ALA G 151 38.91 48.98 -15.82
N LEU G 152 38.41 49.67 -16.84
CA LEU G 152 39.15 50.77 -17.45
C LEU G 152 39.34 51.94 -16.48
N ASP G 153 38.59 51.98 -15.39
CA ASP G 153 38.72 53.05 -14.41
C ASP G 153 40.14 53.09 -13.83
N GLY H 10 21.40 36.22 16.98
CA GLY H 10 21.06 34.99 16.21
C GLY H 10 19.76 35.12 15.45
N PHE H 11 19.21 33.98 15.04
CA PHE H 11 17.93 33.99 14.33
C PHE H 11 16.82 34.46 15.27
N LEU H 12 16.08 35.48 14.82
CA LEU H 12 15.05 36.10 15.65
C LEU H 12 15.66 36.61 16.96
N GLY H 13 16.97 36.85 16.96
CA GLY H 13 17.66 37.25 18.17
C GLY H 13 17.43 38.68 18.60
N ALA H 14 16.75 39.48 17.78
CA ALA H 14 16.44 40.87 18.12
C ALA H 14 14.94 41.14 18.15
N ALA H 15 14.13 40.12 18.43
CA ALA H 15 12.68 40.31 18.41
C ALA H 15 12.21 41.25 19.50
N GLY H 16 13.02 41.47 20.53
CA GLY H 16 12.63 42.37 21.61
C GLY H 16 13.29 43.73 21.50
N SER H 17 14.16 43.89 20.51
CA SER H 17 14.82 45.17 20.31
C SER H 17 13.91 46.13 19.56
N THR H 18 14.36 47.37 19.43
CA THR H 18 13.57 48.40 18.77
C THR H 18 13.64 48.24 17.25
N MET H 19 12.74 48.95 16.57
CA MET H 19 12.66 48.83 15.13
C MET H 19 13.98 49.21 14.46
N GLY H 20 14.57 50.33 14.87
CA GLY H 20 15.84 50.73 14.28
C GLY H 20 16.93 49.72 14.55
N ALA H 21 16.97 49.18 15.76
CA ALA H 21 18.00 48.21 16.12
C ALA H 21 17.92 46.95 15.27
N ALA H 22 16.71 46.50 14.95
CA ALA H 22 16.56 45.26 14.18
C ALA H 22 16.91 45.47 12.71
N SER H 23 16.80 46.70 12.21
CA SER H 23 16.95 46.94 10.78
C SER H 23 18.31 46.52 10.24
N MET H 24 19.33 46.45 11.09
CA MET H 24 20.63 45.97 10.61
C MET H 24 20.80 44.46 10.79
N THR H 25 19.80 43.76 11.31
CA THR H 25 19.83 42.31 11.43
C THR H 25 18.91 41.63 10.43
N LEU H 26 18.57 42.29 9.33
CA LEU H 26 17.64 41.70 8.37
C LEU H 26 18.22 40.45 7.73
N THR H 27 19.52 40.46 7.43
CA THR H 27 20.11 39.35 6.68
C THR H 27 20.03 38.04 7.45
N VAL H 28 20.18 38.08 8.78
CA VAL H 28 20.16 36.83 9.52
C VAL H 28 18.83 36.12 9.36
N GLN H 29 17.73 36.87 9.35
CA GLN H 29 16.43 36.27 9.09
C GLN H 29 16.34 35.76 7.66
N ALA H 30 16.68 36.61 6.70
CA ALA H 30 16.46 36.28 5.29
C ALA H 30 17.12 34.97 4.91
N ARG H 31 18.30 34.68 5.46
CA ARG H 31 19.01 33.45 5.10
C ARG H 31 18.24 32.22 5.56
N ASN H 32 17.41 32.36 6.59
CA ASN H 32 16.74 31.23 7.22
C ASN H 32 15.32 31.00 6.73
N LEU H 33 14.90 31.65 5.65
CA LEU H 33 13.53 31.52 5.17
C LEU H 33 13.34 30.29 4.28
N LEU H 34 14.39 29.54 3.97
CA LEU H 34 14.25 28.31 3.21
C LEU H 34 15.45 27.42 3.49
N SER H 35 15.29 26.14 3.15
CA SER H 35 16.35 25.16 3.34
C SER H 35 16.84 25.15 4.78
N THR H 58 7.96 5.26 7.16
CA THR H 58 7.57 6.13 6.05
C THR H 58 6.74 7.31 6.57
N VAL H 59 6.23 7.19 7.79
CA VAL H 59 5.46 8.30 8.38
C VAL H 59 6.29 9.57 8.39
N TRP H 60 7.54 9.47 8.86
CA TRP H 60 8.44 10.61 8.80
C TRP H 60 8.82 10.98 7.38
N GLY H 61 8.70 10.05 6.43
CA GLY H 61 9.09 10.30 5.06
C GLY H 61 8.13 11.20 4.33
N ILE H 62 6.83 10.84 4.35
CA ILE H 62 5.83 11.68 3.71
C ILE H 62 5.72 13.05 4.35
N LYS H 63 6.21 13.20 5.59
CA LYS H 63 6.25 14.52 6.20
C LYS H 63 7.24 15.45 5.50
N GLN H 64 8.37 14.91 5.03
CA GLN H 64 9.39 15.75 4.43
C GLN H 64 8.86 16.45 3.18
N LEU H 65 8.27 15.69 2.25
CA LEU H 65 7.83 16.28 0.99
C LEU H 65 6.80 17.37 1.22
N GLN H 66 5.86 17.16 2.15
CA GLN H 66 4.88 18.20 2.43
C GLN H 66 5.54 19.47 2.94
N ALA H 67 6.47 19.34 3.89
CA ALA H 67 7.10 20.51 4.48
C ALA H 67 7.92 21.29 3.46
N ARG H 68 8.68 20.58 2.63
CA ARG H 68 9.58 21.27 1.71
C ARG H 68 8.82 22.09 0.69
N VAL H 69 7.77 21.50 0.09
CA VAL H 69 7.05 22.21 -0.96
C VAL H 69 6.24 23.35 -0.37
N LEU H 70 5.94 23.31 0.92
CA LEU H 70 5.28 24.45 1.57
C LEU H 70 6.26 25.60 1.75
N ALA H 71 7.51 25.30 2.07
CA ALA H 71 8.50 26.36 2.30
C ALA H 71 8.85 27.08 1.01
N VAL H 72 9.06 26.34 -0.08
CA VAL H 72 9.42 26.97 -1.34
C VAL H 72 8.32 27.90 -1.83
N GLU H 73 7.07 27.45 -1.73
CA GLU H 73 5.96 28.25 -2.22
C GLU H 73 5.81 29.54 -1.43
N ARG H 74 5.95 29.47 -0.10
CA ARG H 74 5.88 30.68 0.71
C ARG H 74 7.01 31.64 0.36
N TYR H 75 8.21 31.11 0.14
CA TYR H 75 9.34 31.98 -0.21
C TYR H 75 9.09 32.72 -1.51
N LEU H 76 8.51 32.04 -2.50
CA LEU H 76 8.35 32.66 -3.81
C LEU H 76 7.27 33.73 -3.80
N ARG H 77 6.23 33.57 -2.97
CA ARG H 77 5.18 34.58 -2.90
C ARG H 77 5.74 35.93 -2.44
N ASP H 78 6.60 35.91 -1.42
CA ASP H 78 7.24 37.15 -0.99
C ASP H 78 8.11 37.74 -2.09
N GLN H 79 8.88 36.91 -2.77
CA GLN H 79 9.74 37.40 -3.84
C GLN H 79 8.91 37.94 -5.00
N GLN H 80 7.84 37.26 -5.38
CA GLN H 80 6.98 37.78 -6.45
C GLN H 80 6.32 39.09 -6.01
N LEU H 81 5.74 39.10 -4.82
CA LEU H 81 5.08 40.31 -4.34
C LEU H 81 6.08 41.45 -4.20
N LEU H 82 7.27 41.15 -3.66
CA LEU H 82 8.31 42.16 -3.51
C LEU H 82 8.89 42.60 -4.84
N GLY H 83 8.60 41.89 -5.94
CA GLY H 83 9.14 42.23 -7.24
C GLY H 83 8.27 43.19 -8.02
N ILE H 84 6.95 42.96 -8.01
CA ILE H 84 6.05 43.86 -8.71
C ILE H 84 6.07 45.25 -8.09
N TRP H 85 6.45 45.37 -6.82
CA TRP H 85 6.58 46.67 -6.17
C TRP H 85 7.80 47.44 -6.66
N GLY H 86 8.69 46.79 -7.39
CA GLY H 86 9.83 47.47 -7.97
C GLY H 86 11.14 47.32 -7.21
N CYS H 87 11.16 46.53 -6.14
CA CYS H 87 12.40 46.36 -5.38
C CYS H 87 13.19 45.15 -5.86
N SER H 88 12.64 43.95 -5.70
CA SER H 88 13.00 42.78 -6.49
C SER H 88 14.42 42.27 -6.23
N GLY H 89 15.24 43.04 -5.52
CA GLY H 89 16.59 42.59 -5.21
C GLY H 89 17.12 43.15 -3.92
N LYS H 90 16.26 43.81 -3.14
CA LYS H 90 16.71 44.67 -2.06
C LYS H 90 15.92 44.37 -0.79
N LEU H 91 16.58 44.53 0.34
CA LEU H 91 15.94 44.32 1.64
C LEU H 91 15.35 45.61 2.20
N ILE H 92 15.91 46.76 1.83
CA ILE H 92 15.36 48.07 2.17
C ILE H 92 15.08 48.79 0.87
N CYS H 93 13.89 49.38 0.76
CA CYS H 93 13.40 49.85 -0.52
C CYS H 93 12.40 50.98 -0.30
N CYS H 94 12.65 52.13 -0.91
CA CYS H 94 11.76 53.26 -0.82
C CYS H 94 10.66 53.16 -1.87
N THR H 95 9.58 53.91 -1.65
CA THR H 95 8.41 53.85 -2.52
C THR H 95 7.83 55.25 -2.69
N ASN H 96 7.10 55.45 -3.79
CA ASN H 96 6.53 56.74 -4.13
C ASN H 96 5.14 56.96 -3.54
N VAL H 97 4.72 56.15 -2.59
CA VAL H 97 3.41 56.25 -1.97
C VAL H 97 3.57 56.97 -0.63
N PRO H 98 2.94 58.13 -0.45
CA PRO H 98 3.07 58.84 0.83
C PRO H 98 2.31 58.15 1.94
N TRP H 99 2.68 58.48 3.17
CA TRP H 99 2.07 57.84 4.34
C TRP H 99 0.81 58.58 4.73
N ASN H 100 -0.34 57.92 4.58
CA ASN H 100 -1.61 58.48 5.04
C ASN H 100 -1.59 58.60 6.55
N SER H 101 -2.02 59.75 7.06
CA SER H 101 -2.06 59.96 8.50
C SER H 101 -3.01 58.99 9.19
N SER H 102 -4.08 58.58 8.50
CA SER H 102 -5.04 57.67 9.10
C SER H 102 -4.41 56.34 9.49
N TRP H 103 -3.40 55.87 8.75
CA TRP H 103 -2.74 54.63 9.11
C TRP H 103 -2.05 54.74 10.46
N SER H 104 -1.39 55.87 10.72
CA SER H 104 -0.77 56.14 12.00
C SER H 104 -0.33 57.60 12.03
N ASN H 105 -0.38 58.20 13.22
CA ASN H 105 -0.09 59.62 13.37
C ASN H 105 1.16 59.90 14.19
N ARG H 106 1.70 58.92 14.90
CA ARG H 106 2.77 59.15 15.86
C ARG H 106 4.08 59.51 15.14
N ASN H 107 4.97 60.14 15.90
CA ASN H 107 6.17 60.73 15.33
C ASN H 107 7.26 59.68 15.12
N LEU H 108 8.29 60.07 14.36
CA LEU H 108 9.40 59.15 14.10
C LEU H 108 10.29 58.99 15.32
N SER H 109 10.37 60.01 16.17
CA SER H 109 11.02 59.85 17.47
C SER H 109 10.23 58.96 18.40
N GLU H 110 8.99 58.65 17.97
CA GLU H 110 8.11 57.77 18.73
C GLU H 110 7.89 56.42 18.04
N ILE H 111 8.62 56.12 16.97
CA ILE H 111 8.46 54.85 16.26
C ILE H 111 9.78 54.10 16.18
N TRP H 112 10.76 54.68 15.48
CA TRP H 112 11.94 53.92 15.09
C TRP H 112 12.85 53.61 16.27
N ASP H 113 12.63 54.22 17.43
CA ASP H 113 13.51 54.07 18.58
C ASP H 113 12.79 53.63 19.84
N ASN H 114 11.46 53.54 19.81
CA ASN H 114 10.73 53.10 20.99
C ASN H 114 9.64 52.08 20.68
N MET H 115 9.42 51.72 19.42
CA MET H 115 8.51 50.64 19.06
C MET H 115 9.31 49.39 18.73
N THR H 116 8.58 48.28 18.59
CA THR H 116 9.15 47.02 18.14
C THR H 116 8.30 46.47 17.00
N TRP H 117 8.94 45.71 16.11
CA TRP H 117 8.24 45.23 14.93
C TRP H 117 7.03 44.38 15.32
N LEU H 118 7.20 43.51 16.31
CA LEU H 118 6.05 42.76 16.83
C LEU H 118 4.96 43.70 17.32
N GLN H 119 5.36 44.84 17.89
CA GLN H 119 4.38 45.86 18.29
C GLN H 119 3.87 46.64 17.10
N TRP H 120 4.71 46.84 16.07
CA TRP H 120 4.26 47.61 14.91
C TRP H 120 3.16 46.89 14.15
N ASP H 121 3.30 45.57 13.97
CA ASP H 121 2.27 44.82 13.27
C ASP H 121 0.93 44.88 14.00
N LYS H 122 0.93 45.11 15.30
CA LYS H 122 -0.31 45.30 16.05
C LYS H 122 -0.97 46.62 15.74
N GLU H 123 -0.20 47.67 15.48
CA GLU H 123 -0.77 48.98 15.19
C GLU H 123 -1.46 48.98 13.82
N ILE H 124 -0.77 48.48 12.79
CA ILE H 124 -1.26 48.52 11.42
C ILE H 124 -1.46 47.08 10.95
N SER H 125 -2.68 46.59 11.06
CA SER H 125 -3.01 45.24 10.61
C SER H 125 -4.08 45.29 9.53
N ASN H 126 -5.15 46.04 9.79
CA ASN H 126 -6.26 46.09 8.84
C ASN H 126 -5.84 46.75 7.53
N TYR H 127 -4.91 47.69 7.57
CA TYR H 127 -4.53 48.46 6.39
C TYR H 127 -3.60 47.70 5.46
N THR H 128 -2.99 46.61 5.93
CA THR H 128 -1.92 45.97 5.17
C THR H 128 -2.37 45.62 3.75
N GLN H 129 -3.50 44.93 3.62
CA GLN H 129 -3.97 44.54 2.31
C GLN H 129 -4.42 45.71 1.46
N ILE H 130 -4.68 46.87 2.06
CA ILE H 130 -5.03 48.06 1.28
C ILE H 130 -3.76 48.73 0.77
N ILE H 131 -2.74 48.84 1.61
CA ILE H 131 -1.46 49.40 1.18
C ILE H 131 -0.86 48.54 0.08
N TYR H 132 -0.89 47.21 0.25
CA TYR H 132 -0.29 46.33 -0.75
C TYR H 132 -0.90 46.52 -2.12
N GLY H 133 -2.15 47.00 -2.20
CA GLY H 133 -2.76 47.24 -3.49
C GLY H 133 -2.36 48.53 -4.15
N LEU H 134 -1.69 49.42 -3.40
CA LEU H 134 -1.25 50.68 -3.98
C LEU H 134 0.06 50.53 -4.73
N LEU H 135 1.06 49.90 -4.08
CA LEU H 135 2.38 49.80 -4.71
C LEU H 135 2.31 49.12 -6.07
N GLU H 136 1.31 48.28 -6.31
CA GLU H 136 1.19 47.64 -7.61
C GLU H 136 0.95 48.67 -8.71
N GLU H 137 0.04 49.62 -8.48
CA GLU H 137 -0.24 50.63 -9.48
C GLU H 137 0.91 51.63 -9.59
N SER H 138 1.47 52.05 -8.45
CA SER H 138 2.56 53.02 -8.47
C SER H 138 3.70 52.56 -9.36
N GLN H 139 3.98 51.25 -9.36
CA GLN H 139 5.08 50.73 -10.16
C GLN H 139 4.75 50.75 -11.64
N ASN H 140 3.52 50.37 -11.99
CA ASN H 140 3.16 50.31 -13.40
C ASN H 140 3.22 51.69 -14.04
N GLN H 141 2.78 52.72 -13.32
CA GLN H 141 2.93 54.08 -13.81
C GLN H 141 4.40 54.39 -14.09
N GLN H 142 5.30 53.95 -13.21
CA GLN H 142 6.72 54.13 -13.45
C GLN H 142 7.17 53.33 -14.67
N GLU H 143 6.68 52.10 -14.81
CA GLU H 143 7.13 51.25 -15.91
C GLU H 143 6.79 51.84 -17.27
N LYS H 144 5.58 52.37 -17.41
CA LYS H 144 5.18 53.04 -18.65
C LYS H 144 5.81 54.42 -18.80
N ASN H 145 6.10 55.09 -17.68
CA ASN H 145 6.67 56.42 -17.74
C ASN H 145 8.15 56.36 -18.12
N GLU H 146 8.87 55.37 -17.61
CA GLU H 146 10.27 55.19 -17.95
C GLU H 146 10.39 54.39 -19.24
N GLN H 147 9.26 54.22 -19.93
CA GLN H 147 9.24 53.59 -21.24
C GLN H 147 8.77 54.62 -22.25
N ASP H 148 7.85 55.50 -21.83
CA ASP H 148 7.53 56.67 -22.64
C ASP H 148 8.70 57.64 -22.69
N LEU H 149 9.40 57.80 -21.56
CA LEU H 149 10.58 58.66 -21.49
C LEU H 149 11.80 58.04 -22.16
N LEU H 150 11.63 56.89 -22.84
CA LEU H 150 12.65 56.32 -23.71
C LEU H 150 12.25 56.33 -25.17
N ALA H 151 10.96 56.47 -25.49
CA ALA H 151 10.50 56.43 -26.86
C ALA H 151 10.67 57.76 -27.59
N LEU H 152 10.86 58.86 -26.85
CA LEU H 152 11.02 60.16 -27.50
C LEU H 152 12.38 60.33 -28.15
N ASP H 153 13.31 59.42 -27.90
CA ASP H 153 14.64 59.51 -28.50
C ASP H 153 14.63 58.94 -29.91
#